data_2OLM
# 
_entry.id   2OLM 
# 
_audit_conform.dict_name       mmcif_pdbx.dic 
_audit_conform.dict_version    5.377 
_audit_conform.dict_location   http://mmcif.pdb.org/dictionaries/ascii/mmcif_pdbx.dic 
# 
loop_
_database_2.database_id 
_database_2.database_code 
_database_2.pdbx_database_accession 
_database_2.pdbx_DOI 
PDB   2OLM         pdb_00002olm 10.2210/pdb2olm/pdb 
RCSB  RCSB041288   ?            ?                   
WWPDB D_1000041288 ?            ?                   
# 
_pdbx_database_status.entry_id                        2OLM 
_pdbx_database_status.deposit_site                    RCSB 
_pdbx_database_status.process_site                    RCSB 
_pdbx_database_status.recvd_initial_deposition_date   2007-01-19 
_pdbx_database_status.status_code                     REL 
_pdbx_database_status.status_code_sf                  REL 
_pdbx_database_status.status_code_mr                  ? 
_pdbx_database_status.SG_entry                        Y 
_pdbx_database_status.pdb_format_compatible           Y 
_pdbx_database_status.status_code_cs                  ? 
_pdbx_database_status.methods_development_category    ? 
_pdbx_database_status.status_code_nmr_data            ? 
# 
loop_
_audit_author.name 
_audit_author.pdbx_ordinal 
'Tong, Y.'                             1  
'Tempel, W.'                           2  
'Shen, L.'                             3  
'Dimov, S.'                            4  
'Landry, R.'                           5  
'Arrowsmith, C.H.'                     6  
'Edwards, A.M.'                        7  
'Sundstrom, M.'                        8  
'Weigelt, J.'                          9  
'Bochkarev, A.'                        10 
'Park, H.'                             11 
'Structural Genomics Consortium (SGC)' 12 
# 
_citation.id                        primary 
_citation.title                     'ArfGap domain of HIV-1 Rev binding protein' 
_citation.journal_abbrev            'To be Published' 
_citation.journal_volume            ? 
_citation.page_first                ? 
_citation.page_last                 ? 
_citation.year                      ? 
_citation.journal_id_ASTM           ? 
_citation.country                   ? 
_citation.journal_id_ISSN           ? 
_citation.journal_id_CSD            0353 
_citation.book_publisher            ? 
_citation.pdbx_database_id_PubMed   ? 
_citation.pdbx_database_id_DOI      ? 
# 
loop_
_citation_author.citation_id 
_citation_author.name 
_citation_author.ordinal 
_citation_author.identifier_ORCID 
primary 'Tong, Y.'                             1  ? 
primary 'Tempel, W.'                           2  ? 
primary 'Shen, L.'                             3  ? 
primary 'Dimov, S.'                            4  ? 
primary 'Landry, R.'                           5  ? 
primary 'Arrowsmith, C.H.'                     6  ? 
primary 'Edwards, A.M.'                        7  ? 
primary 'Sundstrom, M.'                        8  ? 
primary 'Weigelt, J.'                          9  ? 
primary 'Bochkarev, A.'                        10 ? 
primary 'Park, H.'                             11 ? 
primary 'Structural Genomics Consortium (SGC)' 12 ? 
# 
_cell.length_a           57.883 
_cell.length_b           57.883 
_cell.length_c           83.696 
_cell.angle_alpha        90.00 
_cell.angle_beta         90.00 
_cell.angle_gamma        90.00 
_cell.entry_id           2OLM 
_cell.pdbx_unique_axis   ? 
_cell.Z_PDB              8 
_cell.length_a_esd       ? 
_cell.length_b_esd       ? 
_cell.length_c_esd       ? 
_cell.angle_alpha_esd    ? 
_cell.angle_beta_esd     ? 
_cell.angle_gamma_esd    ? 
# 
_symmetry.space_group_name_H-M             'P 43 21 2' 
_symmetry.Int_Tables_number                96 
_symmetry.entry_id                         2OLM 
_symmetry.pdbx_full_space_group_name_H-M   ? 
_symmetry.cell_setting                     ? 
_symmetry.space_group_name_Hall            ? 
# 
loop_
_entity.id 
_entity.type 
_entity.src_method 
_entity.pdbx_description 
_entity.formula_weight 
_entity.pdbx_number_of_molecules 
_entity.pdbx_ec 
_entity.pdbx_mutation 
_entity.pdbx_fragment 
_entity.details 
1 polymer     man 'Nucleoporin-like protein RIP' 16158.546 1  ? ? 'ArfGap domain: Residues 4-141' ? 
2 non-polymer syn 'ZINC ION'                     65.409    1  ? ? ?                               ? 
3 non-polymer syn 'SULFATE ION'                  96.063    2  ? ? ?                               ? 
4 non-polymer syn 'UNKNOWN LIGAND'               ?         1  ? ? ?                               ? 
5 non-polymer syn 'UNKNOWN ATOM OR ION'          ?         9  ? ? ?                               ? 
6 non-polymer syn GLYCEROL                       92.094    1  ? ? ?                               ? 
7 water       nat water                          18.015    75 ? ? ?                               ? 
# 
_entity_name_com.entity_id   1 
_entity_name_com.name        'HIV-1 Rev-binding protein, Rev-interacting protein, Rev/Rex activation domain-binding protein' 
# 
_entity_poly.entity_id                      1 
_entity_poly.type                           'polypeptide(L)' 
_entity_poly.nstd_linkage                   no 
_entity_poly.nstd_monomer                   no 
_entity_poly.pdbx_seq_one_letter_code       
;GSSAKRKQEEKHLKMLRDMTGLPHNRKCFDCDQRGPTYVNMTVGSFVCTSCSGSLRGLNPPHRVKSISMTTFTQQEIEFL
QKHGNEVCKQIWLGLFDDRSSAIPDFRDPQKVKEFLQEKYEKKRWYVPPEQAKVVASVHA
;
_entity_poly.pdbx_seq_one_letter_code_can   
;GSSAKRKQEEKHLKMLRDMTGLPHNRKCFDCDQRGPTYVNMTVGSFVCTSCSGSLRGLNPPHRVKSISMTTFTQQEIEFL
QKHGNEVCKQIWLGLFDDRSSAIPDFRDPQKVKEFLQEKYEKKRWYVPPEQAKVVASVHA
;
_entity_poly.pdbx_strand_id                 A 
_entity_poly.pdbx_target_identifier         ? 
# 
loop_
_entity_poly_seq.entity_id 
_entity_poly_seq.num 
_entity_poly_seq.mon_id 
_entity_poly_seq.hetero 
1 1   GLY n 
1 2   SER n 
1 3   SER n 
1 4   ALA n 
1 5   LYS n 
1 6   ARG n 
1 7   LYS n 
1 8   GLN n 
1 9   GLU n 
1 10  GLU n 
1 11  LYS n 
1 12  HIS n 
1 13  LEU n 
1 14  LYS n 
1 15  MET n 
1 16  LEU n 
1 17  ARG n 
1 18  ASP n 
1 19  MET n 
1 20  THR n 
1 21  GLY n 
1 22  LEU n 
1 23  PRO n 
1 24  HIS n 
1 25  ASN n 
1 26  ARG n 
1 27  LYS n 
1 28  CYS n 
1 29  PHE n 
1 30  ASP n 
1 31  CYS n 
1 32  ASP n 
1 33  GLN n 
1 34  ARG n 
1 35  GLY n 
1 36  PRO n 
1 37  THR n 
1 38  TYR n 
1 39  VAL n 
1 40  ASN n 
1 41  MET n 
1 42  THR n 
1 43  VAL n 
1 44  GLY n 
1 45  SER n 
1 46  PHE n 
1 47  VAL n 
1 48  CYS n 
1 49  THR n 
1 50  SER n 
1 51  CYS n 
1 52  SER n 
1 53  GLY n 
1 54  SER n 
1 55  LEU n 
1 56  ARG n 
1 57  GLY n 
1 58  LEU n 
1 59  ASN n 
1 60  PRO n 
1 61  PRO n 
1 62  HIS n 
1 63  ARG n 
1 64  VAL n 
1 65  LYS n 
1 66  SER n 
1 67  ILE n 
1 68  SER n 
1 69  MET n 
1 70  THR n 
1 71  THR n 
1 72  PHE n 
1 73  THR n 
1 74  GLN n 
1 75  GLN n 
1 76  GLU n 
1 77  ILE n 
1 78  GLU n 
1 79  PHE n 
1 80  LEU n 
1 81  GLN n 
1 82  LYS n 
1 83  HIS n 
1 84  GLY n 
1 85  ASN n 
1 86  GLU n 
1 87  VAL n 
1 88  CYS n 
1 89  LYS n 
1 90  GLN n 
1 91  ILE n 
1 92  TRP n 
1 93  LEU n 
1 94  GLY n 
1 95  LEU n 
1 96  PHE n 
1 97  ASP n 
1 98  ASP n 
1 99  ARG n 
1 100 SER n 
1 101 SER n 
1 102 ALA n 
1 103 ILE n 
1 104 PRO n 
1 105 ASP n 
1 106 PHE n 
1 107 ARG n 
1 108 ASP n 
1 109 PRO n 
1 110 GLN n 
1 111 LYS n 
1 112 VAL n 
1 113 LYS n 
1 114 GLU n 
1 115 PHE n 
1 116 LEU n 
1 117 GLN n 
1 118 GLU n 
1 119 LYS n 
1 120 TYR n 
1 121 GLU n 
1 122 LYS n 
1 123 LYS n 
1 124 ARG n 
1 125 TRP n 
1 126 TYR n 
1 127 VAL n 
1 128 PRO n 
1 129 PRO n 
1 130 GLU n 
1 131 GLN n 
1 132 ALA n 
1 133 LYS n 
1 134 VAL n 
1 135 VAL n 
1 136 ALA n 
1 137 SER n 
1 138 VAL n 
1 139 HIS n 
1 140 ALA n 
# 
_entity_src_gen.entity_id                          1 
_entity_src_gen.pdbx_src_id                        1 
_entity_src_gen.pdbx_alt_source_flag               sample 
_entity_src_gen.pdbx_seq_type                      ? 
_entity_src_gen.pdbx_beg_seq_num                   ? 
_entity_src_gen.pdbx_end_seq_num                   ? 
_entity_src_gen.gene_src_common_name               human 
_entity_src_gen.gene_src_genus                     Homo 
_entity_src_gen.pdbx_gene_src_gene                 'HRB, RAB, RIP' 
_entity_src_gen.gene_src_species                   ? 
_entity_src_gen.gene_src_strain                    ? 
_entity_src_gen.gene_src_tissue                    ? 
_entity_src_gen.gene_src_tissue_fraction           ? 
_entity_src_gen.gene_src_details                   ? 
_entity_src_gen.pdbx_gene_src_fragment             ? 
_entity_src_gen.pdbx_gene_src_scientific_name      'Homo sapiens' 
_entity_src_gen.pdbx_gene_src_ncbi_taxonomy_id     9606 
_entity_src_gen.pdbx_gene_src_variant              ? 
_entity_src_gen.pdbx_gene_src_cell_line            ? 
_entity_src_gen.pdbx_gene_src_atcc                 ? 
_entity_src_gen.pdbx_gene_src_organ                ? 
_entity_src_gen.pdbx_gene_src_organelle            ? 
_entity_src_gen.pdbx_gene_src_cell                 ? 
_entity_src_gen.pdbx_gene_src_cellular_location    ? 
_entity_src_gen.host_org_common_name               ? 
_entity_src_gen.pdbx_host_org_scientific_name      'Escherichia coli' 
_entity_src_gen.pdbx_host_org_ncbi_taxonomy_id     562 
_entity_src_gen.host_org_genus                     Escherichia 
_entity_src_gen.pdbx_host_org_gene                 ? 
_entity_src_gen.pdbx_host_org_organ                ? 
_entity_src_gen.host_org_species                   ? 
_entity_src_gen.pdbx_host_org_tissue               ? 
_entity_src_gen.pdbx_host_org_tissue_fraction      ? 
_entity_src_gen.pdbx_host_org_strain               'BL21-CodonPlus(DE3)-RIL' 
_entity_src_gen.pdbx_host_org_variant              ? 
_entity_src_gen.pdbx_host_org_cell_line            ? 
_entity_src_gen.pdbx_host_org_atcc                 ? 
_entity_src_gen.pdbx_host_org_culture_collection   ? 
_entity_src_gen.pdbx_host_org_cell                 ? 
_entity_src_gen.pdbx_host_org_organelle            ? 
_entity_src_gen.pdbx_host_org_cellular_location    ? 
_entity_src_gen.pdbx_host_org_vector_type          Plasmid 
_entity_src_gen.pdbx_host_org_vector               ? 
_entity_src_gen.host_org_details                   ? 
_entity_src_gen.expression_system_id               ? 
_entity_src_gen.plasmid_name                       pET28a-LIC 
_entity_src_gen.plasmid_details                    ? 
_entity_src_gen.pdbx_description                   ? 
# 
_struct_ref.id                         1 
_struct_ref.db_name                    UNP 
_struct_ref.db_code                    NUPL_HUMAN 
_struct_ref.pdbx_db_accession          P52594 
_struct_ref.entity_id                  1 
_struct_ref.pdbx_seq_one_letter_code   
;SAKRKQEEKHLKMLRDMTGLPHNRKCFDCDQRGPTYVNMTVGSFVCTSCSGSLRGLNPPHRVKSISMTTFTQQEIEFLQK
HGNEVCKQIWLGLFDDRSSAIPDFRDPQKVKEFLQEKYEKKRWYVPPEQAKVVASVHA
;
_struct_ref.pdbx_align_begin           4 
_struct_ref.pdbx_db_isoform            ? 
# 
_struct_ref_seq.align_id                      1 
_struct_ref_seq.ref_id                        1 
_struct_ref_seq.pdbx_PDB_id_code              2OLM 
_struct_ref_seq.pdbx_strand_id                A 
_struct_ref_seq.seq_align_beg                 3 
_struct_ref_seq.pdbx_seq_align_beg_ins_code   ? 
_struct_ref_seq.seq_align_end                 140 
_struct_ref_seq.pdbx_seq_align_end_ins_code   ? 
_struct_ref_seq.pdbx_db_accession             P52594 
_struct_ref_seq.db_align_beg                  4 
_struct_ref_seq.pdbx_db_align_beg_ins_code    ? 
_struct_ref_seq.db_align_end                  141 
_struct_ref_seq.pdbx_db_align_end_ins_code    ? 
_struct_ref_seq.pdbx_auth_seq_align_beg       4 
_struct_ref_seq.pdbx_auth_seq_align_end       141 
# 
loop_
_struct_ref_seq_dif.align_id 
_struct_ref_seq_dif.pdbx_pdb_id_code 
_struct_ref_seq_dif.mon_id 
_struct_ref_seq_dif.pdbx_pdb_strand_id 
_struct_ref_seq_dif.seq_num 
_struct_ref_seq_dif.pdbx_pdb_ins_code 
_struct_ref_seq_dif.pdbx_seq_db_name 
_struct_ref_seq_dif.pdbx_seq_db_accession_code 
_struct_ref_seq_dif.db_mon_id 
_struct_ref_seq_dif.pdbx_seq_db_seq_num 
_struct_ref_seq_dif.details 
_struct_ref_seq_dif.pdbx_auth_seq_num 
_struct_ref_seq_dif.pdbx_ordinal 
1 2OLM GLY A 1 ? UNP P52594 ? ? 'cloning artifact' 2 1 
1 2OLM SER A 2 ? UNP P52594 ? ? 'cloning artifact' 3 2 
# 
loop_
_chem_comp.id 
_chem_comp.type 
_chem_comp.mon_nstd_flag 
_chem_comp.name 
_chem_comp.pdbx_synonyms 
_chem_comp.formula 
_chem_comp.formula_weight 
ALA 'L-peptide linking' y ALANINE               ?                               'C3 H7 N O2'     89.093  
ARG 'L-peptide linking' y ARGININE              ?                               'C6 H15 N4 O2 1' 175.209 
ASN 'L-peptide linking' y ASPARAGINE            ?                               'C4 H8 N2 O3'    132.118 
ASP 'L-peptide linking' y 'ASPARTIC ACID'       ?                               'C4 H7 N O4'     133.103 
CYS 'L-peptide linking' y CYSTEINE              ?                               'C3 H7 N O2 S'   121.158 
GLN 'L-peptide linking' y GLUTAMINE             ?                               'C5 H10 N2 O3'   146.144 
GLU 'L-peptide linking' y 'GLUTAMIC ACID'       ?                               'C5 H9 N O4'     147.129 
GLY 'peptide linking'   y GLYCINE               ?                               'C2 H5 N O2'     75.067  
GOL non-polymer         . GLYCEROL              'GLYCERIN; PROPANE-1,2,3-TRIOL' 'C3 H8 O3'       92.094  
HIS 'L-peptide linking' y HISTIDINE             ?                               'C6 H10 N3 O2 1' 156.162 
HOH non-polymer         . WATER                 ?                               'H2 O'           18.015  
ILE 'L-peptide linking' y ISOLEUCINE            ?                               'C6 H13 N O2'    131.173 
LEU 'L-peptide linking' y LEUCINE               ?                               'C6 H13 N O2'    131.173 
LYS 'L-peptide linking' y LYSINE                ?                               'C6 H15 N2 O2 1' 147.195 
MET 'L-peptide linking' y METHIONINE            ?                               'C5 H11 N O2 S'  149.211 
PHE 'L-peptide linking' y PHENYLALANINE         ?                               'C9 H11 N O2'    165.189 
PRO 'L-peptide linking' y PROLINE               ?                               'C5 H9 N O2'     115.130 
SER 'L-peptide linking' y SERINE                ?                               'C3 H7 N O3'     105.093 
SO4 non-polymer         . 'SULFATE ION'         ?                               'O4 S -2'        96.063  
THR 'L-peptide linking' y THREONINE             ?                               'C4 H9 N O3'     119.119 
TRP 'L-peptide linking' y TRYPTOPHAN            ?                               'C11 H12 N2 O2'  204.225 
TYR 'L-peptide linking' y TYROSINE              ?                               'C9 H11 N O3'    181.189 
UNL non-polymer         . 'UNKNOWN LIGAND'      ?                               ?                ?       
UNX non-polymer         . 'UNKNOWN ATOM OR ION' ?                               ?                ?       
VAL 'L-peptide linking' y VALINE                ?                               'C5 H11 N O2'    117.146 
ZN  non-polymer         . 'ZINC ION'            ?                               'Zn 2'           65.409  
# 
_exptl.crystals_number   1 
_exptl.method            'X-RAY DIFFRACTION' 
_exptl.entry_id          2OLM 
# 
_exptl_crystal.id                    1 
_exptl_crystal.density_percent_sol   45.6 
_exptl_crystal.density_Matthews      2.3 
_exptl_crystal.density_meas          ? 
_exptl_crystal.description           ? 
_exptl_crystal.F_000                 ? 
_exptl_crystal.preparation           ? 
# 
_exptl_crystal_grow.crystal_id      1 
_exptl_crystal_grow.method          'VAPOR DIFFUSION, SITTING DROP' 
_exptl_crystal_grow.pH              7.0 
_exptl_crystal_grow.temp            291 
_exptl_crystal_grow.pdbx_details    '2.27M Ammonium phosphate, 0.09M BTP, pH 7.0, VAPOR DIFFUSION, SITTING DROP, temperature 291K' 
_exptl_crystal_grow.temp_details    ? 
_exptl_crystal_grow.pdbx_pH_range   . 
# 
_diffrn.id                     1 
_diffrn.ambient_temp           100 
_diffrn.ambient_temp_details   ? 
_diffrn.crystal_id             1 
# 
_diffrn_detector.diffrn_id              1 
_diffrn_detector.detector               CCD 
_diffrn_detector.type                   'ADSC QUANTUM 4' 
_diffrn_detector.pdbx_collection_date   2006-11-19 
_diffrn_detector.details                ? 
# 
_diffrn_radiation.diffrn_id                        1 
_diffrn_radiation.pdbx_diffrn_protocol             'SINGLE WAVELENGTH' 
_diffrn_radiation.monochromator                    ? 
_diffrn_radiation.wavelength_id                    1 
_diffrn_radiation.pdbx_monochromatic_or_laue_m_l   M 
_diffrn_radiation.pdbx_scattering_type             x-ray 
# 
_diffrn_radiation_wavelength.id           1 
_diffrn_radiation_wavelength.wavelength   1.00000 
_diffrn_radiation_wavelength.wt           1.0 
# 
_diffrn_source.diffrn_id                   1 
_diffrn_source.source                      SYNCHROTRON 
_diffrn_source.type                        'APS BEAMLINE 17-ID' 
_diffrn_source.pdbx_wavelength_list        1.00000 
_diffrn_source.pdbx_wavelength             ? 
_diffrn_source.pdbx_synchrotron_site       APS 
_diffrn_source.pdbx_synchrotron_beamline   17-ID 
# 
_reflns.entry_id                     2OLM 
_reflns.d_resolution_high            1.480 
_reflns.d_resolution_low             50.000 
_reflns.number_obs                   45446 
_reflns.pdbx_Rmerge_I_obs            0.055 
_reflns.pdbx_netI_over_sigmaI        18.900 
_reflns.pdbx_chi_squared             1.437 
_reflns.pdbx_redundancy              7.200 
_reflns.percent_possible_obs         99.700 
_reflns.observed_criterion_sigma_F   ? 
_reflns.observed_criterion_sigma_I   ? 
_reflns.number_all                   ? 
_reflns.pdbx_Rsym_value              ? 
_reflns.B_iso_Wilson_estimate        ? 
_reflns.R_free_details               ? 
_reflns.limit_h_max                  ? 
_reflns.limit_h_min                  ? 
_reflns.limit_k_max                  ? 
_reflns.limit_k_min                  ? 
_reflns.limit_l_max                  ? 
_reflns.limit_l_min                  ? 
_reflns.observed_criterion_F_max     ? 
_reflns.observed_criterion_F_min     ? 
_reflns.pdbx_scaling_rejects         ? 
_reflns.pdbx_ordinal                 1 
_reflns.pdbx_diffrn_id               1 
# 
loop_
_reflns_shell.d_res_high 
_reflns_shell.d_res_low 
_reflns_shell.number_measured_obs 
_reflns_shell.number_measured_all 
_reflns_shell.number_unique_obs 
_reflns_shell.Rmerge_I_obs 
_reflns_shell.meanI_over_sigI_obs 
_reflns_shell.pdbx_Rsym_value 
_reflns_shell.pdbx_chi_squared 
_reflns_shell.pdbx_redundancy 
_reflns_shell.percent_possible_all 
_reflns_shell.number_unique_all 
_reflns_shell.percent_possible_obs 
_reflns_shell.pdbx_ordinal 
_reflns_shell.pdbx_diffrn_id 
1.48 1.53  ? ? 4449 0.237 ? ? 0.625 4.40 97.30  ? ? 1  1 
1.53 1.59  ? ? 4552 0.191 ? ? 0.640 6.60 100.00 ? ? 2  1 
1.59 1.67  ? ? 4569 0.148 ? ? 0.708 7.40 100.00 ? ? 3  1 
1.67 1.75  ? ? 4546 0.115 ? ? 0.793 7.50 100.00 ? ? 4  1 
1.75 1.86  ? ? 4541 0.093 ? ? 0.997 7.60 100.00 ? ? 5  1 
1.86 2.01  ? ? 4544 0.074 ? ? 1.337 7.60 100.00 ? ? 6  1 
2.01 2.21  ? ? 4570 0.06  ? ? 1.690 7.60 100.00 ? ? 7  1 
2.21 2.53  ? ? 4566 0.054 ? ? 2.029 7.70 100.00 ? ? 8  1 
2.53 3.19  ? ? 4539 0.047 ? ? 2.255 7.70 100.00 ? ? 9  1 
3.19 50.00 ? ? 4570 0.042 ? ? 2.750 7.50 99.50  ? ? 10 1 
# 
_refine.details                                  
;1. HYDROGENS HAVE BEEN ADDED IN THE RIDING POSITIONS. 2. arp/warp, molprobity, coot programs were also used in the refinement. 3. Residue UNL is a molecule of unknown nature that has been modeled in density resembling an aromatic 6-membered ring.
;
_refine.B_iso_mean                               12.863 
_refine.aniso_B[1][1]                            0.172 
_refine.aniso_B[2][2]                            0.172 
_refine.aniso_B[3][3]                            -0.344 
_refine.aniso_B[1][2]                            0.000 
_refine.aniso_B[1][3]                            0.000 
_refine.aniso_B[2][3]                            0.000 
_refine.solvent_model_details                    'MASK BULK SOLVENT' 
_refine.pdbx_solvent_vdw_probe_radii             1.400 
_refine.pdbx_solvent_ion_probe_radii             0.800 
_refine.pdbx_solvent_shrinkage_radii             0.800 
_refine.ls_d_res_high                            1.480 
_refine.ls_d_res_low                             30.000 
_refine.ls_number_reflns_R_free                  1239 
_refine.ls_number_reflns_obs                     24481 
_refine.ls_R_factor_R_work                       0.1797 
_refine.ls_R_factor_R_free                       0.1948 
_refine.ls_R_factor_all                          0.18 
_refine.ls_wR_factor_R_work                      0.180 
_refine.ls_wR_factor_R_free                      0.193 
_refine.ls_percent_reflns_obs                    99.825 
_refine.ls_percent_reflns_R_free                 5.061 
_refine.correlation_coeff_Fo_to_Fc               0.955 
_refine.correlation_coeff_Fo_to_Fc_free          0.949 
_refine.pdbx_overall_ESU_R                       0.068 
_refine.pdbx_overall_ESU_R_Free                  0.066 
_refine.overall_SU_ML                            0.039 
_refine.overall_SU_B                             0.992 
_refine.entry_id                                 2OLM 
_refine.pdbx_ls_sigma_F                          ? 
_refine.pdbx_ls_sigma_I                          ? 
_refine.ls_number_reflns_all                     ? 
_refine.ls_R_factor_obs                          ? 
_refine.ls_redundancy_reflns_obs                 ? 
_refine.pdbx_data_cutoff_high_absF               ? 
_refine.pdbx_data_cutoff_low_absF                ? 
_refine.ls_number_parameters                     ? 
_refine.ls_number_restraints                     ? 
_refine.ls_R_factor_R_free_error                 ? 
_refine.ls_R_factor_R_free_error_details         ? 
_refine.pdbx_method_to_determine_struct          'MOLECULAR REPLACEMENT' 
_refine.pdbx_starting_model                      'PDB entry 2IQJ' 
_refine.pdbx_ls_cross_valid_method               FREE-R 
_refine.pdbx_R_Free_selection_details            random 
_refine.pdbx_stereochem_target_val_spec_case     ? 
_refine.pdbx_stereochemistry_target_values       'Engh & Huber' 
_refine.solvent_model_param_bsol                 ? 
_refine.solvent_model_param_ksol                 ? 
_refine.occupancy_max                            ? 
_refine.occupancy_min                            ? 
_refine.pdbx_isotropic_thermal_model             ? 
_refine.B_iso_min                                ? 
_refine.B_iso_max                                ? 
_refine.overall_SU_R_Cruickshank_DPI             ? 
_refine.overall_SU_R_free                        ? 
_refine.pdbx_data_cutoff_high_rms_absF           ? 
_refine.overall_FOM_free_R_set                   ? 
_refine.overall_FOM_work_R_set                   ? 
_refine.pdbx_refine_id                           'X-RAY DIFFRACTION' 
_refine.pdbx_diffrn_id                           1 
_refine.pdbx_TLS_residual_ADP_flag               ? 
_refine.pdbx_overall_phase_error                 ? 
_refine.pdbx_overall_SU_R_free_Cruickshank_DPI   ? 
_refine.pdbx_overall_SU_R_Blow_DPI               ? 
_refine.pdbx_overall_SU_R_free_Blow_DPI          ? 
# 
_refine_hist.pdbx_refine_id                   'X-RAY DIFFRACTION' 
_refine_hist.cycle_id                         LAST 
_refine_hist.pdbx_number_atoms_protein        1056 
_refine_hist.pdbx_number_atoms_nucleic_acid   0 
_refine_hist.pdbx_number_atoms_ligand         33 
_refine_hist.number_atoms_solvent             75 
_refine_hist.number_atoms_total               1164 
_refine_hist.d_res_high                       1.480 
_refine_hist.d_res_low                        30.000 
# 
loop_
_refine_ls_restr.type 
_refine_ls_restr.number 
_refine_ls_restr.dev_ideal 
_refine_ls_restr.dev_ideal_target 
_refine_ls_restr.weight 
_refine_ls_restr.pdbx_refine_id 
_refine_ls_restr.pdbx_restraint_function 
r_bond_refined_d         1120 0.016  0.022  ? 'X-RAY DIFFRACTION' ? 
r_bond_other_d           796  0.002  0.020  ? 'X-RAY DIFFRACTION' ? 
r_angle_refined_deg      1512 1.459  1.968  ? 'X-RAY DIFFRACTION' ? 
r_angle_other_deg        1937 0.922  3.000  ? 'X-RAY DIFFRACTION' ? 
r_dihedral_angle_1_deg   138  5.842  5.000  ? 'X-RAY DIFFRACTION' ? 
r_dihedral_angle_2_deg   51   31.201 23.725 ? 'X-RAY DIFFRACTION' ? 
r_dihedral_angle_3_deg   200  10.657 15.000 ? 'X-RAY DIFFRACTION' ? 
r_dihedral_angle_4_deg   8    17.554 15.000 ? 'X-RAY DIFFRACTION' ? 
r_chiral_restr           158  0.095  0.200  ? 'X-RAY DIFFRACTION' ? 
r_gen_planes_refined     1225 0.007  0.020  ? 'X-RAY DIFFRACTION' ? 
r_gen_planes_other       229  0.001  0.020  ? 'X-RAY DIFFRACTION' ? 
r_nbd_refined            201  0.212  0.200  ? 'X-RAY DIFFRACTION' ? 
r_nbd_other              821  0.201  0.200  ? 'X-RAY DIFFRACTION' ? 
r_nbtor_refined          557  0.179  0.200  ? 'X-RAY DIFFRACTION' ? 
r_nbtor_other            548  0.085  0.200  ? 'X-RAY DIFFRACTION' ? 
r_xyhbond_nbd_refined    49   0.113  0.200  ? 'X-RAY DIFFRACTION' ? 
r_symmetry_vdw_refined   10   0.133  0.200  ? 'X-RAY DIFFRACTION' ? 
r_symmetry_vdw_other     60   0.251  0.200  ? 'X-RAY DIFFRACTION' ? 
r_symmetry_hbond_refined 6    0.093  0.200  ? 'X-RAY DIFFRACTION' ? 
r_mcbond_it              727  2.268  2.000  ? 'X-RAY DIFFRACTION' ? 
r_mcbond_other           267  0.495  2.000  ? 'X-RAY DIFFRACTION' ? 
r_mcangle_it             1094 2.683  3.000  ? 'X-RAY DIFFRACTION' ? 
r_scbond_it              488  2.835  2.000  ? 'X-RAY DIFFRACTION' ? 
r_scangle_it             415  4.116  3.000  ? 'X-RAY DIFFRACTION' ? 
# 
loop_
_refine_ls_shell.pdbx_total_number_of_bins_used 
_refine_ls_shell.d_res_low 
_refine_ls_shell.d_res_high 
_refine_ls_shell.number_reflns_all 
_refine_ls_shell.percent_reflns_obs 
_refine_ls_shell.number_reflns_R_work 
_refine_ls_shell.R_factor_R_work 
_refine_ls_shell.R_factor_all 
_refine_ls_shell.number_reflns_R_free 
_refine_ls_shell.R_factor_R_free 
_refine_ls_shell.number_reflns_obs 
_refine_ls_shell.R_factor_R_free_error 
_refine_ls_shell.percent_reflns_R_free 
_refine_ls_shell.redundancy_reflns_obs 
_refine_ls_shell.pdbx_refine_id 
20 1.519  1.480 1790 98.380  1670 0.2   0.203 91 0.253 . . . . 'X-RAY DIFFRACTION' 
20 1.560  1.519 1716 100.000 1631 0.176 0.177 85 0.206 . . . . 'X-RAY DIFFRACTION' 
20 1.605  1.560 1693 100.000 1595 0.171 0.173 98 0.221 . . . . 'X-RAY DIFFRACTION' 
20 1.654  1.605 1624 100.000 1553 0.17  0.170 71 0.178 . . . . 'X-RAY DIFFRACTION' 
20 1.709  1.654 1596 100.000 1512 0.164 0.167 84 0.217 . . . . 'X-RAY DIFFRACTION' 
20 1.768  1.709 1526 100.000 1444 0.157 0.158 82 0.173 . . . . 'X-RAY DIFFRACTION' 
20 1.835  1.768 1492 100.000 1416 0.166 0.168 76 0.194 . . . . 'X-RAY DIFFRACTION' 
20 1.909  1.835 1438 100.000 1364 0.174 0.175 74 0.205 . . . . 'X-RAY DIFFRACTION' 
20 1.994  1.909 1390 100.000 1318 0.165 0.166 72 0.177 . . . . 'X-RAY DIFFRACTION' 
20 2.091  1.994 1311 100.000 1245 0.159 0.161 66 0.203 . . . . 'X-RAY DIFFRACTION' 
20 2.203  2.091 1269 100.000 1186 0.165 0.165 83 0.164 . . . . 'X-RAY DIFFRACTION' 
20 2.336  2.203 1190 100.000 1144 0.168 0.167 46 0.151 . . . . 'X-RAY DIFFRACTION' 
20 2.496  2.336 1136 100.000 1082 0.172 0.172 54 0.161 . . . . 'X-RAY DIFFRACTION' 
20 2.695  2.496 1054 100.000 992  0.175 0.175 62 0.168 . . . . 'X-RAY DIFFRACTION' 
20 2.950  2.695 987  100.000 942  0.184 0.186 45 0.232 . . . . 'X-RAY DIFFRACTION' 
20 3.294  2.950 899  100.000 863  0.191 0.190 36 0.173 . . . . 'X-RAY DIFFRACTION' 
20 3.796  3.294 803  100.000 765  0.177 0.179 38 0.214 . . . . 'X-RAY DIFFRACTION' 
20 4.630  3.796 697  99.713  664  0.174 0.173 31 0.143 . . . . 'X-RAY DIFFRACTION' 
20 6.472  4.630 559  100.000 530  0.225 0.227 29 0.275 . . . . 'X-RAY DIFFRACTION' 
20 30.000 6.472 354  96.610  326  0.287 0.289 16 0.336 . . . . 'X-RAY DIFFRACTION' 
# 
_struct.entry_id                  2OLM 
_struct.title                     'ArfGap domain of HIV-1 Rev binding protein' 
_struct.pdbx_model_details        ? 
_struct.pdbx_CASP_flag            ? 
_struct.pdbx_model_type_details   ? 
# 
_struct_keywords.text            
;ARFGAP, gtpase-activating protein, rev-interacting protein, HIV, human immunodeficiency virus, AIDS, nucleoporin, STRUCTURAL GENOMICS, STRUCTURAL GENOMICS CONSORTIUM, SGC, HYDROLASE REGULATOR
;
_struct_keywords.entry_id        2OLM 
_struct_keywords.pdbx_keywords   'HYDROLASE REGULATOR' 
# 
loop_
_struct_asym.id 
_struct_asym.pdbx_blank_PDB_chainid_flag 
_struct_asym.pdbx_modified 
_struct_asym.entity_id 
_struct_asym.details 
A N N 1 ? 
B N N 2 ? 
C N N 3 ? 
D N N 3 ? 
E N N 4 ? 
F N N 5 ? 
G N N 5 ? 
H N N 5 ? 
I N N 5 ? 
J N N 5 ? 
K N N 5 ? 
L N N 5 ? 
M N N 5 ? 
N N N 5 ? 
O N N 6 ? 
P N N 7 ? 
# 
_struct_biol.id   1 
# 
loop_
_struct_conf.conf_type_id 
_struct_conf.id 
_struct_conf.pdbx_PDB_helix_id 
_struct_conf.beg_label_comp_id 
_struct_conf.beg_label_asym_id 
_struct_conf.beg_label_seq_id 
_struct_conf.pdbx_beg_PDB_ins_code 
_struct_conf.end_label_comp_id 
_struct_conf.end_label_asym_id 
_struct_conf.end_label_seq_id 
_struct_conf.pdbx_end_PDB_ins_code 
_struct_conf.beg_auth_comp_id 
_struct_conf.beg_auth_asym_id 
_struct_conf.beg_auth_seq_id 
_struct_conf.end_auth_comp_id 
_struct_conf.end_auth_asym_id 
_struct_conf.end_auth_seq_id 
_struct_conf.pdbx_PDB_helix_class 
_struct_conf.details 
_struct_conf.pdbx_PDB_helix_length 
HELX_P HELX_P1 1 SER A 2   ? GLY A 21  ? SER A 3   GLY A 22  1 ? 20 
HELX_P HELX_P2 2 LEU A 22  ? LYS A 27  ? LEU A 23  LYS A 28  5 ? 6  
HELX_P HELX_P3 3 CYS A 48  ? ARG A 56  ? CYS A 49  ARG A 57  1 ? 9  
HELX_P HELX_P4 4 THR A 73  ? HIS A 83  ? THR A 74  HIS A 84  1 ? 11 
HELX_P HELX_P5 5 HIS A 83  ? LEU A 93  ? HIS A 84  LEU A 94  1 ? 11 
HELX_P HELX_P6 6 ASP A 108 ? GLU A 121 ? ASP A 109 GLU A 122 1 ? 14 
HELX_P HELX_P7 7 PRO A 128 ? VAL A 134 ? PRO A 129 VAL A 135 1 ? 7  
# 
_struct_conf_type.id          HELX_P 
_struct_conf_type.criteria    ? 
_struct_conf_type.reference   ? 
# 
loop_
_struct_conn.id 
_struct_conn.conn_type_id 
_struct_conn.pdbx_leaving_atom_flag 
_struct_conn.pdbx_PDB_id 
_struct_conn.ptnr1_label_asym_id 
_struct_conn.ptnr1_label_comp_id 
_struct_conn.ptnr1_label_seq_id 
_struct_conn.ptnr1_label_atom_id 
_struct_conn.pdbx_ptnr1_label_alt_id 
_struct_conn.pdbx_ptnr1_PDB_ins_code 
_struct_conn.pdbx_ptnr1_standard_comp_id 
_struct_conn.ptnr1_symmetry 
_struct_conn.ptnr2_label_asym_id 
_struct_conn.ptnr2_label_comp_id 
_struct_conn.ptnr2_label_seq_id 
_struct_conn.ptnr2_label_atom_id 
_struct_conn.pdbx_ptnr2_label_alt_id 
_struct_conn.pdbx_ptnr2_PDB_ins_code 
_struct_conn.ptnr1_auth_asym_id 
_struct_conn.ptnr1_auth_comp_id 
_struct_conn.ptnr1_auth_seq_id 
_struct_conn.ptnr2_auth_asym_id 
_struct_conn.ptnr2_auth_comp_id 
_struct_conn.ptnr2_auth_seq_id 
_struct_conn.ptnr2_symmetry 
_struct_conn.pdbx_ptnr3_label_atom_id 
_struct_conn.pdbx_ptnr3_label_seq_id 
_struct_conn.pdbx_ptnr3_label_comp_id 
_struct_conn.pdbx_ptnr3_label_asym_id 
_struct_conn.pdbx_ptnr3_label_alt_id 
_struct_conn.pdbx_ptnr3_PDB_ins_code 
_struct_conn.details 
_struct_conn.pdbx_dist_value 
_struct_conn.pdbx_value_order 
_struct_conn.pdbx_role 
metalc1 metalc ? ? A CYS 28 SG ? ? ? 1_555 B ZN . ZN ? ? A CYS 29 A ZN 201 1_555 ? ? ? ? ? ? ? 2.400 ? ? 
metalc2 metalc ? ? A CYS 31 SG ? ? ? 1_555 B ZN . ZN ? ? A CYS 32 A ZN 201 1_555 ? ? ? ? ? ? ? 2.295 ? ? 
metalc3 metalc ? ? A CYS 48 SG ? ? ? 1_555 B ZN . ZN ? ? A CYS 49 A ZN 201 1_555 ? ? ? ? ? ? ? 2.309 ? ? 
metalc4 metalc ? ? A CYS 51 SG ? ? ? 1_555 B ZN . ZN ? ? A CYS 52 A ZN 201 1_555 ? ? ? ? ? ? ? 2.350 ? ? 
# 
_struct_conn_type.id          metalc 
_struct_conn_type.criteria    ? 
_struct_conn_type.reference   ? 
# 
_struct_mon_prot_cis.pdbx_id                1 
_struct_mon_prot_cis.label_comp_id          ASN 
_struct_mon_prot_cis.label_seq_id           59 
_struct_mon_prot_cis.label_asym_id          A 
_struct_mon_prot_cis.label_alt_id           . 
_struct_mon_prot_cis.pdbx_PDB_ins_code      ? 
_struct_mon_prot_cis.auth_comp_id           ASN 
_struct_mon_prot_cis.auth_seq_id            60 
_struct_mon_prot_cis.auth_asym_id           A 
_struct_mon_prot_cis.pdbx_label_comp_id_2   PRO 
_struct_mon_prot_cis.pdbx_label_seq_id_2    60 
_struct_mon_prot_cis.pdbx_label_asym_id_2   A 
_struct_mon_prot_cis.pdbx_PDB_ins_code_2    ? 
_struct_mon_prot_cis.pdbx_auth_comp_id_2    PRO 
_struct_mon_prot_cis.pdbx_auth_seq_id_2     61 
_struct_mon_prot_cis.pdbx_auth_asym_id_2    A 
_struct_mon_prot_cis.pdbx_PDB_model_num     1 
_struct_mon_prot_cis.pdbx_omega_angle       -0.90 
# 
_struct_sheet.id               A 
_struct_sheet.type             ? 
_struct_sheet.number_strands   3 
_struct_sheet.details          ? 
# 
loop_
_struct_sheet_order.sheet_id 
_struct_sheet_order.range_id_1 
_struct_sheet_order.range_id_2 
_struct_sheet_order.offset 
_struct_sheet_order.sense 
A 1 2 ? anti-parallel 
A 2 3 ? anti-parallel 
# 
loop_
_struct_sheet_range.sheet_id 
_struct_sheet_range.id 
_struct_sheet_range.beg_label_comp_id 
_struct_sheet_range.beg_label_asym_id 
_struct_sheet_range.beg_label_seq_id 
_struct_sheet_range.pdbx_beg_PDB_ins_code 
_struct_sheet_range.end_label_comp_id 
_struct_sheet_range.end_label_asym_id 
_struct_sheet_range.end_label_seq_id 
_struct_sheet_range.pdbx_end_PDB_ins_code 
_struct_sheet_range.beg_auth_comp_id 
_struct_sheet_range.beg_auth_asym_id 
_struct_sheet_range.beg_auth_seq_id 
_struct_sheet_range.end_auth_comp_id 
_struct_sheet_range.end_auth_asym_id 
_struct_sheet_range.end_auth_seq_id 
A 1 SER A 45 ? VAL A 47 ? SER A 46 VAL A 48 
A 2 TYR A 38 ? ASN A 40 ? TYR A 39 ASN A 41 
A 3 VAL A 64 ? SER A 66 ? VAL A 65 SER A 67 
# 
loop_
_pdbx_struct_sheet_hbond.sheet_id 
_pdbx_struct_sheet_hbond.range_id_1 
_pdbx_struct_sheet_hbond.range_id_2 
_pdbx_struct_sheet_hbond.range_1_label_atom_id 
_pdbx_struct_sheet_hbond.range_1_label_comp_id 
_pdbx_struct_sheet_hbond.range_1_label_asym_id 
_pdbx_struct_sheet_hbond.range_1_label_seq_id 
_pdbx_struct_sheet_hbond.range_1_PDB_ins_code 
_pdbx_struct_sheet_hbond.range_1_auth_atom_id 
_pdbx_struct_sheet_hbond.range_1_auth_comp_id 
_pdbx_struct_sheet_hbond.range_1_auth_asym_id 
_pdbx_struct_sheet_hbond.range_1_auth_seq_id 
_pdbx_struct_sheet_hbond.range_2_label_atom_id 
_pdbx_struct_sheet_hbond.range_2_label_comp_id 
_pdbx_struct_sheet_hbond.range_2_label_asym_id 
_pdbx_struct_sheet_hbond.range_2_label_seq_id 
_pdbx_struct_sheet_hbond.range_2_PDB_ins_code 
_pdbx_struct_sheet_hbond.range_2_auth_atom_id 
_pdbx_struct_sheet_hbond.range_2_auth_comp_id 
_pdbx_struct_sheet_hbond.range_2_auth_asym_id 
_pdbx_struct_sheet_hbond.range_2_auth_seq_id 
A 1 2 O VAL A 47 ? O VAL A 48 N TYR A 38 ? N TYR A 39 
A 2 3 N VAL A 39 ? N VAL A 40 O LYS A 65 ? O LYS A 66 
# 
loop_
_struct_site.id 
_struct_site.pdbx_evidence_code 
_struct_site.pdbx_auth_asym_id 
_struct_site.pdbx_auth_comp_id 
_struct_site.pdbx_auth_seq_id 
_struct_site.pdbx_auth_ins_code 
_struct_site.pdbx_num_residues 
_struct_site.details 
AC1 Software A ZN  201  ? 4 'BINDING SITE FOR RESIDUE ZN A 201'   
AC2 Software A SO4 2001 ? 9 'BINDING SITE FOR RESIDUE SO4 A 2001' 
AC3 Software A SO4 2002 ? 3 'BINDING SITE FOR RESIDUE SO4 A 2002' 
AC4 Software A UNL 202  ? 6 'BINDING SITE FOR RESIDUE UNL A 202'  
AC5 Software A UNX 1001 ? 1 'BINDING SITE FOR RESIDUE UNX A 1001' 
AC6 Software A UNX 1002 ? 3 'BINDING SITE FOR RESIDUE UNX A 1002' 
AC7 Software A UNX 1003 ? 1 'BINDING SITE FOR RESIDUE UNX A 1003' 
AC8 Software A UNX 1004 ? 1 'BINDING SITE FOR RESIDUE UNX A 1004' 
AC9 Software A UNX 1005 ? 2 'BINDING SITE FOR RESIDUE UNX A 1005' 
BC1 Software A UNX 1006 ? 6 'BINDING SITE FOR RESIDUE UNX A 1006' 
BC2 Software A UNX 1007 ? 2 'BINDING SITE FOR RESIDUE UNX A 1007' 
BC3 Software A UNX 1008 ? 4 'BINDING SITE FOR RESIDUE UNX A 1008' 
BC4 Software A UNX 1009 ? 4 'BINDING SITE FOR RESIDUE UNX A 1009' 
BC5 Software A GOL 203  ? 8 'BINDING SITE FOR RESIDUE GOL A 203'  
# 
loop_
_struct_site_gen.id 
_struct_site_gen.site_id 
_struct_site_gen.pdbx_num_res 
_struct_site_gen.label_comp_id 
_struct_site_gen.label_asym_id 
_struct_site_gen.label_seq_id 
_struct_site_gen.pdbx_auth_ins_code 
_struct_site_gen.auth_comp_id 
_struct_site_gen.auth_asym_id 
_struct_site_gen.auth_seq_id 
_struct_site_gen.label_atom_id 
_struct_site_gen.label_alt_id 
_struct_site_gen.symmetry 
_struct_site_gen.details 
1  AC1 4 CYS A 28  ? CYS A 29   . ? 1_555 ? 
2  AC1 4 CYS A 31  ? CYS A 32   . ? 1_555 ? 
3  AC1 4 CYS A 48  ? CYS A 49   . ? 1_555 ? 
4  AC1 4 CYS A 51  ? CYS A 52   . ? 1_555 ? 
5  AC2 9 ARG A 63  ? ARG A 64   . ? 1_555 ? 
6  AC2 9 THR A 70  ? THR A 71   . ? 1_555 ? 
7  AC2 9 SER A 101 ? SER A 102  . ? 6_455 ? 
8  AC2 9 ALA A 102 ? ALA A 103  . ? 6_455 ? 
9  AC2 9 ARG A 124 ? ARG A 125  . ? 6_455 ? 
10 AC2 9 TRP A 125 ? TRP A 126  . ? 6_455 ? 
11 AC2 9 UNX L .   ? UNX A 1007 . ? 1_555 ? 
12 AC2 9 HOH P .   ? HOH A 2025 . ? 1_555 ? 
13 AC2 9 HOH P .   ? HOH A 2060 . ? 6_455 ? 
14 AC3 3 LYS A 7   ? LYS A 8    . ? 8_555 ? 
15 AC3 3 PRO A 23  ? PRO A 24   . ? 1_555 ? 
16 AC3 3 ARG A 26  ? ARG A 27   . ? 1_555 ? 
17 AC4 6 THR A 42  ? THR A 43   . ? 1_555 ? 
18 AC4 6 THR A 42  ? THR A 43   . ? 7_555 ? 
19 AC4 6 PRO A 60  ? PRO A 61   . ? 1_555 ? 
20 AC4 6 PRO A 60  ? PRO A 61   . ? 7_555 ? 
21 AC4 6 PRO A 61  ? PRO A 62   . ? 7_555 ? 
22 AC4 6 PRO A 61  ? PRO A 62   . ? 1_555 ? 
23 AC5 1 THR A 71  ? THR A 72   . ? 6_555 ? 
24 AC6 3 HIS A 12  ? HIS A 13   . ? 1_555 ? 
25 AC6 3 THR A 73  ? THR A 74   . ? 1_555 ? 
26 AC6 3 GLN A 74  ? GLN A 75   . ? 1_555 ? 
27 AC7 1 TYR A 126 ? TYR A 127  . ? 1_555 ? 
28 AC8 1 SER A 100 ? SER A 101  . ? 1_555 ? 
29 AC9 2 VAL A 43  ? VAL A 44   . ? 1_555 ? 
30 AC9 2 TRP A 92  ? TRP A 93   . ? 1_555 ? 
31 BC1 6 TRP A 92  ? TRP A 93   . ? 1_555 ? 
32 BC1 6 LYS A 119 ? LYS A 120  . ? 1_555 ? 
33 BC1 6 LYS A 123 ? LYS A 124  . ? 1_555 ? 
34 BC1 6 ARG A 124 ? ARG A 125  . ? 1_555 ? 
35 BC1 6 TRP A 125 ? TRP A 126  . ? 1_555 ? 
36 BC1 6 TYR A 126 ? TYR A 127  . ? 1_555 ? 
37 BC2 2 LYS A 65  ? LYS A 66   . ? 1_555 ? 
38 BC2 2 SO4 C .   ? SO4 A 2001 . ? 1_555 ? 
39 BC3 4 GLU A 10  ? GLU A 11   . ? 8_555 ? 
40 BC3 4 LYS A 11  ? LYS A 12   . ? 8_555 ? 
41 BC3 4 ARG A 17  ? ARG A 18   . ? 1_555 ? 
42 BC3 4 HOH P .   ? HOH A 2034 . ? 8_555 ? 
43 BC4 4 ARG A 17  ? ARG A 18   . ? 8_555 ? 
44 BC4 4 ARG A 17  ? ARG A 18   . ? 1_555 ? 
45 BC4 4 HOH P .   ? HOH A 2067 . ? 8_555 ? 
46 BC4 4 HOH P .   ? HOH A 2067 . ? 1_555 ? 
47 BC5 8 ARG A 56  ? ARG A 57   . ? 6_555 ? 
48 BC5 8 PRO A 61  ? PRO A 62   . ? 6_555 ? 
49 BC5 8 PHE A 79  ? PHE A 80   . ? 4_555 ? 
50 BC5 8 PHE A 96  ? PHE A 97   . ? 1_555 ? 
51 BC5 8 ASP A 97  ? ASP A 98   . ? 1_555 ? 
52 BC5 8 ASP A 98  ? ASP A 99   . ? 1_555 ? 
53 BC5 8 HOH P .   ? HOH A 2069 . ? 6_555 ? 
54 BC5 8 HOH P .   ? HOH A 2077 . ? 1_555 ? 
# 
_atom_sites.entry_id                    2OLM 
_atom_sites.fract_transf_matrix[1][1]   0.00732154 
_atom_sites.fract_transf_matrix[1][2]   0.00198807 
_atom_sites.fract_transf_matrix[1][3]   -0.01552104 
_atom_sites.fract_transf_matrix[2][1]   -0.00588982 
_atom_sites.fract_transf_matrix[2][2]   -0.01552566 
_atom_sites.fract_transf_matrix[2][3]   -0.00476699 
_atom_sites.fract_transf_matrix[3][1]   -0.01002611 
_atom_sites.fract_transf_matrix[3][2]   0.00505677 
_atom_sites.fract_transf_matrix[3][3]   -0.00408177 
_atom_sites.fract_transf_vector[1]      0.239432 
_atom_sites.fract_transf_vector[2]      0.147943 
_atom_sites.fract_transf_vector[3]      0.149197 
# 
loop_
_atom_type.symbol 
C  
N  
O  
S  
X  
ZN 
# 
loop_
_atom_site.group_PDB 
_atom_site.id 
_atom_site.type_symbol 
_atom_site.label_atom_id 
_atom_site.label_alt_id 
_atom_site.label_comp_id 
_atom_site.label_asym_id 
_atom_site.label_entity_id 
_atom_site.label_seq_id 
_atom_site.pdbx_PDB_ins_code 
_atom_site.Cartn_x 
_atom_site.Cartn_y 
_atom_site.Cartn_z 
_atom_site.occupancy 
_atom_site.B_iso_or_equiv 
_atom_site.pdbx_formal_charge 
_atom_site.auth_seq_id 
_atom_site.auth_comp_id 
_atom_site.auth_asym_id 
_atom_site.auth_atom_id 
_atom_site.pdbx_PDB_model_num 
ATOM   1    N  N   . SER A 1 2   ? -0.738  15.027  26.836  1.00 47.78 ? 3    SER A N   1 
ATOM   2    C  CA  . SER A 1 2   ? 0.132   16.237  26.701  1.00 49.43 ? 3    SER A CA  1 
ATOM   3    C  C   . SER A 1 2   ? -0.249  17.048  25.462  1.00 50.35 ? 3    SER A C   1 
ATOM   4    O  O   . SER A 1 2   ? -0.716  16.491  24.465  1.00 51.07 ? 3    SER A O   1 
ATOM   5    C  CB  . SER A 1 2   ? 1.617   15.824  26.634  1.00 49.18 ? 3    SER A CB  1 
ATOM   6    O  OG  . SER A 1 2   ? 2.478   16.937  26.407  1.00 48.86 ? 3    SER A OG  1 
ATOM   7    N  N   . SER A 1 3   ? -0.037  18.360  25.536  1.00 51.39 ? 4    SER A N   1 
ATOM   8    C  CA  . SER A 1 3   ? -0.302  19.270  24.417  1.00 51.62 ? 4    SER A CA  1 
ATOM   9    C  C   . SER A 1 3   ? 0.791   19.171  23.336  1.00 51.41 ? 4    SER A C   1 
ATOM   10   O  O   . SER A 1 3   ? 0.498   19.221  22.144  1.00 50.59 ? 4    SER A O   1 
ATOM   11   C  CB  . SER A 1 3   ? -0.405  20.709  24.925  1.00 53.35 ? 4    SER A CB  1 
ATOM   12   O  OG  . SER A 1 3   ? -1.114  21.521  24.012  1.00 52.95 ? 4    SER A OG  1 
ATOM   13   N  N   . ALA A 1 4   ? 2.048   19.054  23.767  1.00 50.03 ? 5    ALA A N   1 
ATOM   14   C  CA  . ALA A 1 4   ? 3.176   18.793  22.861  1.00 48.65 ? 5    ALA A CA  1 
ATOM   15   C  C   . ALA A 1 4   ? 3.004   17.451  22.145  1.00 45.69 ? 5    ALA A C   1 
ATOM   16   O  O   . ALA A 1 4   ? 3.325   17.313  20.959  1.00 45.14 ? 5    ALA A O   1 
ATOM   17   C  CB  . ALA A 1 4   ? 4.490   18.798  23.644  1.00 49.49 ? 5    ALA A CB  1 
ATOM   18   N  N   . LYS A 1 5   ? 2.510   16.463  22.887  1.00 43.35 ? 6    LYS A N   1 
ATOM   19   C  CA  . LYS A 1 5   ? 2.153   15.158  22.325  1.00 42.48 ? 6    LYS A CA  1 
ATOM   20   C  C   . LYS A 1 5   ? 1.033   15.332  21.293  1.00 37.79 ? 6    LYS A C   1 
ATOM   21   O  O   . LYS A 1 5   ? 1.157   14.890  20.153  1.00 35.65 ? 6    LYS A O   1 
ATOM   22   C  CB  . LYS A 1 5   ? 1.707   14.224  23.451  1.00 43.87 ? 6    LYS A CB  1 
ATOM   23   C  CG  . LYS A 1 5   ? 1.312   12.814  23.040  1.00 45.18 ? 6    LYS A CG  1 
ATOM   24   C  CD  . LYS A 1 5   ? 0.460   12.166  24.141  1.00 46.00 ? 6    LYS A CD  1 
ATOM   25   C  CE  . LYS A 1 5   ? 0.239   10.672  23.905  1.00 46.49 ? 6    LYS A CE  1 
ATOM   26   N  NZ  . LYS A 1 5   ? -1.140  10.269  24.324  1.00 48.06 ? 6    LYS A NZ  1 
ATOM   27   N  N   . ARG A 1 6   ? -0.047  15.994  21.705  1.00 34.52 ? 7    ARG A N   1 
ATOM   28   C  CA  . ARG A 1 6   ? -1.151  16.341  20.807  1.00 30.82 ? 7    ARG A CA  1 
ATOM   29   C  C   . ARG A 1 6   ? -0.670  17.049  19.535  1.00 26.42 ? 7    ARG A C   1 
ATOM   30   O  O   . ARG A 1 6   ? -1.097  16.693  18.455  1.00 24.75 ? 7    ARG A O   1 
ATOM   31   C  CB  . ARG A 1 6   ? -2.224  17.190  21.529  1.00 32.96 ? 7    ARG A CB  1 
ATOM   32   C  CG  . ARG A 1 6   ? -3.346  16.359  22.124  1.00 36.71 ? 7    ARG A CG  1 
ATOM   33   C  CD  . ARG A 1 6   ? -4.184  17.142  23.155  1.00 38.23 ? 7    ARG A CD  1 
ATOM   34   N  NE  . ARG A 1 6   ? -4.591  16.298  24.284  1.00 40.35 ? 7    ARG A NE  1 
ATOM   35   C  CZ  . ARG A 1 6   ? -4.749  16.722  25.544  1.00 42.37 ? 7    ARG A CZ  1 
ATOM   36   N  NH1 . ARG A 1 6   ? -4.524  17.990  25.875  1.00 44.10 ? 7    ARG A NH1 1 
ATOM   37   N  NH2 . ARG A 1 6   ? -5.131  15.864  26.492  1.00 41.24 ? 7    ARG A NH2 1 
ATOM   38   N  N   . LYS A 1 7   ? 0.213   18.035  19.660  1.00 20.45 ? 8    LYS A N   1 
ATOM   39   C  CA  . LYS A 1 7   ? 0.679   18.820  18.518  1.00 20.74 ? 8    LYS A CA  1 
ATOM   40   C  C   . LYS A 1 7   ? 1.302   17.908  17.435  1.00 19.01 ? 8    LYS A C   1 
ATOM   41   O  O   . LYS A 1 7   ? 0.978   18.013  16.261  1.00 17.50 ? 8    LYS A O   1 
ATOM   42   C  CB  . LYS A 1 7   ? 1.685   19.867  18.980  1.00 21.64 ? 8    LYS A CB  1 
ATOM   43   C  CG  . LYS A 1 7   ? 2.229   20.739  17.889  1.00 24.88 ? 8    LYS A CG  1 
ATOM   44   C  CD  . LYS A 1 7   ? 3.303   21.688  18.465  1.00 26.19 ? 8    LYS A CD  1 
ATOM   45   C  CE  . LYS A 1 7   ? 4.211   22.220  17.405  1.00 29.28 ? 8    LYS A CE  1 
ATOM   46   N  NZ  . LYS A 1 7   ? 3.467   22.899  16.341  1.00 30.38 ? 8    LYS A NZ  1 
ATOM   47   N  N   . GLN A 1 8   ? 2.215   17.048  17.846  1.00 22.87 ? 9    GLN A N   1 
ATOM   48   C  CA  . GLN A 1 8   ? 2.858   16.117  16.904  1.00 23.23 ? 9    GLN A CA  1 
ATOM   49   C  C   . GLN A 1 8   ? 1.884   15.109  16.329  1.00 20.55 ? 9    GLN A C   1 
ATOM   50   O  O   . GLN A 1 8   ? 1.933   14.814  15.113  1.00 19.55 ? 9    GLN A O   1 
ATOM   51   C  CB  . GLN A 1 8   ? 4.017   15.373  17.593  1.00 25.64 ? 9    GLN A CB  1 
ATOM   52   C  CG  . GLN A 1 8   ? 5.166   16.275  17.945  1.00 29.36 ? 9    GLN A CG  1 
ATOM   53   C  CD  . GLN A 1 8   ? 5.572   17.141  16.781  1.00 32.88 ? 9    GLN A CD  1 
ATOM   54   O  OE1 . GLN A 1 8   ? 5.956   16.635  15.725  1.00 33.76 ? 9    GLN A OE1 1 
ATOM   55   N  NE2 . GLN A 1 8   ? 5.466   18.464  16.951  1.00 35.77 ? 9    GLN A NE2 1 
ATOM   56   N  N   . GLU A 1 9   ? 0.993   14.593  17.165  1.00 18.92 ? 10   GLU A N   1 
ATOM   57   C  CA  . GLU A 1 9   ? -0.052  13.659  16.719  1.00 18.46 ? 10   GLU A CA  1 
ATOM   58   C  C   . GLU A 1 9   ? -0.935  14.276  15.643  1.00 16.99 ? 10   GLU A C   1 
ATOM   59   O  O   . GLU A 1 9   ? -1.218  13.650  14.630  1.00 15.69 ? 10   GLU A O   1 
ATOM   60   C  CB  . GLU A 1 9   ? -0.922  13.165  17.883  1.00 22.28 ? 10   GLU A CB  1 
ATOM   61   C  CG  . GLU A 1 9   ? -0.181  12.187  18.773  1.00 23.88 ? 10   GLU A CG  1 
ATOM   62   C  CD  . GLU A 1 9   ? -0.996  11.724  19.957  1.00 27.69 ? 10   GLU A CD  1 
ATOM   63   O  OE1 . GLU A 1 9   ? -2.073  12.297  20.224  1.00 33.99 ? 10   GLU A OE1 1 
ATOM   64   O  OE2 . GLU A 1 9   ? -0.541  10.777  20.641  1.00 35.69 ? 10   GLU A OE2 1 
ATOM   65   N  N   . GLU A 1 10  ? -1.390  15.518  15.843  1.00 16.34 ? 11   GLU A N   1 
ATOM   66   C  CA  . GLU A 1 10  ? -2.269  16.117  14.870  1.00 14.42 ? 11   GLU A CA  1 
ATOM   67   C  C   . GLU A 1 10  ? -1.523  16.509  13.601  1.00 15.75 ? 11   GLU A C   1 
ATOM   68   O  O   . GLU A 1 10  ? -2.062  16.420  12.504  1.00 15.22 ? 11   GLU A O   1 
ATOM   69   C  CB  . GLU A 1 10  ? -2.983  17.333  15.467  1.00 14.97 ? 11   GLU A CB  1 
ATOM   70   C  CG  . GLU A 1 10  ? -3.838  16.983  16.681  1.00 16.86 ? 11   GLU A CG  1 
ATOM   71   C  CD  . GLU A 1 10  ? -4.860  15.902  16.431  1.00 17.63 ? 11   GLU A CD  1 
ATOM   72   O  OE1 . GLU A 1 10  ? -5.623  16.015  15.470  1.00 17.41 ? 11   GLU A OE1 1 
ATOM   73   O  OE2 . GLU A 1 10  ? -4.875  14.896  17.176  1.00 21.66 ? 11   GLU A OE2 1 
ATOM   74   N  N   . LYS A 1 11  ? -0.258  16.888  13.736  1.00 15.03 ? 12   LYS A N   1 
ATOM   75   C  CA  . LYS A 1 11  ? 0.593   17.164  12.576  1.00 14.46 ? 12   LYS A CA  1 
ATOM   76   C  C   . LYS A 1 11  ? 0.726   15.933  11.700  1.00 14.09 ? 12   LYS A C   1 
ATOM   77   O  O   . LYS A 1 11  ? 0.613   16.010  10.470  1.00 14.01 ? 12   LYS A O   1 
ATOM   78   C  CB  . LYS A 1 11  ? 1.978   17.638  13.028  1.00 16.36 ? 12   LYS A CB  1 
ATOM   79   C  CG  . LYS A 1 11  ? 2.911   18.039  11.886  1.00 20.22 ? 12   LYS A CG  1 
ATOM   80   C  CD  . LYS A 1 11  ? 4.317   18.388  12.400  1.00 23.62 ? 12   LYS A CD  1 
ATOM   81   N  N   . HIS A 1 12  ? 0.921   14.798  12.347  1.00 13.63 ? 13   HIS A N   1 
ATOM   82   C  CA  . HIS A 1 12  ? 1.054   13.553  11.585  1.00 14.56 ? 13   HIS A CA  1 
ATOM   83   C  C   . HIS A 1 12  ? -0.230  13.186  10.833  1.00 14.73 ? 13   HIS A C   1 
ATOM   84   O  O   . HIS A 1 12  ? -0.209  12.698  9.683   1.00 14.23 ? 13   HIS A O   1 
ATOM   85   C  CB  . HIS A 1 12  ? 1.494   12.423  12.500  1.00 14.05 ? 13   HIS A CB  1 
ATOM   86   C  CG  . HIS A 1 12  ? 2.875   12.589  13.045  1.00 15.69 ? 13   HIS A CG  1 
ATOM   87   N  ND1 . HIS A 1 12  ? 3.252   12.068  14.262  1.00 18.35 ? 13   HIS A ND1 1 
ATOM   88   C  CD2 . HIS A 1 12  ? 3.951   13.261  12.576  1.00 17.34 ? 13   HIS A CD2 1 
ATOM   89   C  CE1 . HIS A 1 12  ? 4.505   12.395  14.513  1.00 20.08 ? 13   HIS A CE1 1 
ATOM   90   N  NE2 . HIS A 1 12  ? 4.963   13.102  13.500  1.00 16.88 ? 13   HIS A NE2 1 
ATOM   91   N  N   . LEU A 1 13  ? -1.377  13.451  11.469  1.00 14.24 ? 14   LEU A N   1 
ATOM   92   C  CA  . LEU A 1 13  ? -2.660  13.191  10.832  1.00 13.03 ? 14   LEU A CA  1 
ATOM   93   C  C   . LEU A 1 13  ? -2.886  14.173  9.678   1.00 12.97 ? 14   LEU A C   1 
ATOM   94   O  O   . LEU A 1 13  ? -3.436  13.816  8.638   1.00 13.59 ? 14   LEU A O   1 
ATOM   95   C  CB  . LEU A 1 13  ? -3.796  13.304  11.842  1.00 13.55 ? 14   LEU A CB  1 
ATOM   96   C  CG  . LEU A 1 13  ? -3.846  12.198  12.894  1.00 16.88 ? 14   LEU A CG  1 
ATOM   97   C  CD1 . LEU A 1 13  ? -5.006  12.465  13.858  1.00 19.81 ? 14   LEU A CD1 1 
ATOM   98   C  CD2 . LEU A 1 13  ? -4.011  10.833  12.206  1.00 18.79 ? 14   LEU A CD2 1 
ATOM   99   N  N   . LYS A 1 14  ? -2.452  15.421  9.835   1.00 14.12 ? 15   LYS A N   1 
ATOM   100  C  CA  . LYS A 1 14  ? -2.548  16.362  8.711   1.00 15.78 ? 15   LYS A CA  1 
ATOM   101  C  C   . LYS A 1 14  ? -1.707  15.856  7.507   1.00 13.66 ? 15   LYS A C   1 
ATOM   102  O  O   . LYS A 1 14  ? -2.172  15.833  6.342   1.00 13.47 ? 15   LYS A O   1 
ATOM   103  C  CB  . LYS A 1 14  ? -2.105  17.757  9.168   1.00 14.98 ? 15   LYS A CB  1 
ATOM   104  C  CG  . LYS A 1 14  ? -2.151  18.796  8.045   1.00 18.11 ? 15   LYS A CG  1 
ATOM   105  C  CD  . LYS A 1 14  ? -1.567  20.174  8.440   1.00 21.00 ? 15   LYS A CD  1 
ATOM   106  C  CE  . LYS A 1 14  ? -1.482  21.086  7.202   1.00 23.19 ? 15   LYS A CE  1 
ATOM   107  N  NZ  . LYS A 1 14  ? -0.689  22.374  7.406   1.00 26.92 ? 15   LYS A NZ  1 
ATOM   108  N  N   . MET A 1 15  ? -0.489  15.414  7.822   1.00 13.20 ? 16   MET A N   1 
ATOM   109  C  CA  . MET A 1 15  ? 0.411   14.855  6.794   1.00 13.45 ? 16   MET A CA  1 
ATOM   110  C  C   . MET A 1 15  ? -0.191  13.605  6.143   1.00 13.76 ? 16   MET A C   1 
ATOM   111  O  O   . MET A 1 15  ? -0.134  13.443  4.939   1.00 13.67 ? 16   MET A O   1 
ATOM   112  C  CB  . MET A 1 15  ? 1.771   14.530  7.421   1.00 15.43 ? 16   MET A CB  1 
ATOM   113  C  CG  . MET A 1 15  ? 2.556   15.733  7.833   1.00 13.74 ? 16   MET A CG  1 
ATOM   114  S  SD  . MET A 1 15  ? 3.899   15.379  9.011   1.00 18.60 ? 16   MET A SD  1 
ATOM   115  C  CE  . MET A 1 15  ? 5.262   14.931  7.915   1.00 23.92 ? 16   MET A CE  1 
ATOM   116  N  N   . LEU A 1 16  ? -0.800  12.764  6.943   1.00 13.55 ? 17   LEU A N   1 
ATOM   117  C  CA  . LEU A 1 16  ? -1.477  11.561  6.470   1.00 13.29 ? 17   LEU A CA  1 
ATOM   118  C  C   . LEU A 1 16  ? -2.616  11.880  5.508   1.00 11.81 ? 17   LEU A C   1 
ATOM   119  O  O   . LEU A 1 16  ? -2.765  11.280  4.428   1.00 13.34 ? 17   LEU A O   1 
ATOM   120  C  CB  . LEU A 1 16  ? -1.978  10.766  7.688   1.00 12.65 ? 17   LEU A CB  1 
ATOM   121  C  CG  . LEU A 1 16  ? -2.671  9.458   7.407   1.00 13.88 ? 17   LEU A CG  1 
ATOM   122  C  CD1 . LEU A 1 16  ? -1.697  8.490   6.702   1.00 14.77 ? 17   LEU A CD1 1 
ATOM   123  C  CD2 . LEU A 1 16  ? -3.174  8.873   8.733   1.00 15.98 ? 17   LEU A CD2 1 
ATOM   124  N  N   . ARG A 1 17  ? -3.430  12.865  5.876   1.00 12.70 ? 18   ARG A N   1 
ATOM   125  C  CA  . ARG A 1 17  ? -4.568  13.243  5.031   1.00 12.53 ? 18   ARG A CA  1 
ATOM   126  C  C   . ARG A 1 17  ? -4.174  14.010  3.755   1.00 13.38 ? 18   ARG A C   1 
ATOM   127  O  O   . ARG A 1 17  ? -4.903  13.967  2.754   1.00 14.45 ? 18   ARG A O   1 
ATOM   128  C  CB  . ARG A 1 17  ? -5.563  14.024  5.872   1.00 12.65 ? 18   ARG A CB  1 
ATOM   129  C  CG  . ARG A 1 17  ? -6.186  13.201  6.990   1.00 13.27 ? 18   ARG A CG  1 
ATOM   130  C  CD  . ARG A 1 17  ? -7.066  12.063  6.481   1.00 14.86 ? 18   ARG A CD  1 
ATOM   131  N  NE  . ARG A 1 17  ? -7.501  11.206  7.576   1.00 14.84 ? 18   ARG A NE  1 
ATOM   132  C  CZ  . ARG A 1 17  ? -8.080  10.024  7.395   1.00 15.44 ? 18   ARG A CZ  1 
ATOM   133  N  NH1 . ARG A 1 17  ? -8.293  9.596   6.180   1.00 15.05 ? 18   ARG A NH1 1 
ATOM   134  N  NH2 . ARG A 1 17  ? -8.443  9.293   8.411   1.00 15.76 ? 18   ARG A NH2 1 
ATOM   135  N  N   . ASP A 1 18  ? -3.021  14.672  3.780   1.00 14.54 ? 19   ASP A N   1 
ATOM   136  C  CA  . ASP A 1 18  ? -2.407  15.166  2.561   1.00 15.43 ? 19   ASP A CA  1 
ATOM   137  C  C   . ASP A 1 18  ? -2.172  13.981  1.610   1.00 15.75 ? 19   ASP A C   1 
ATOM   138  O  O   . ASP A 1 18  ? -2.487  14.057  0.426   1.00 18.15 ? 19   ASP A O   1 
ATOM   139  C  CB  . ASP A 1 18  ? -1.120  15.920  2.856   1.00 17.11 ? 19   ASP A CB  1 
ATOM   140  C  CG  . ASP A 1 18  ? -0.483  16.519  1.607   1.00 26.86 ? 19   ASP A CG  1 
ATOM   141  O  OD1 . ASP A 1 18  ? -0.906  17.621  1.178   1.00 30.78 ? 19   ASP A OD1 1 
ATOM   142  O  OD2 . ASP A 1 18  ? 0.447   15.867  1.056   1.00 35.49 ? 19   ASP A OD2 1 
ATOM   143  N  N   . MET A 1 19  ? -1.659  12.873  2.141   1.00 13.63 ? 20   MET A N   1 
ATOM   144  C  CA  . MET A 1 19  ? -1.363  11.720  1.307   1.00 13.70 ? 20   MET A CA  1 
ATOM   145  C  C   . MET A 1 19  ? -2.601  10.977  0.900   1.00 12.35 ? 20   MET A C   1 
ATOM   146  O  O   . MET A 1 19  ? -2.707  10.539  -0.252  1.00 13.43 ? 20   MET A O   1 
ATOM   147  C  CB  . MET A 1 19  ? -0.437  10.750  2.039   1.00 14.05 ? 20   MET A CB  1 
ATOM   148  C  CG  . MET A 1 19  ? 1.008   11.219  2.069   1.00 12.53 ? 20   MET A CG  1 
ATOM   149  S  SD  . MET A 1 19  ? 2.119   10.044  2.876   1.00 14.58 ? 20   MET A SD  1 
ATOM   150  C  CE  . MET A 1 19  ? 1.807   10.447  4.602   1.00 15.11 ? 20   MET A CE  1 
ATOM   151  N  N   . THR A 1 20  ? -3.580  10.826  1.785   1.00 11.84 ? 21   THR A N   1 
ATOM   152  C  CA  . THR A 1 20  ? -4.748  10.023  1.423   1.00 12.06 ? 21   THR A CA  1 
ATOM   153  C  C   . THR A 1 20  ? -5.594  10.660  0.328   1.00 14.97 ? 21   THR A C   1 
ATOM   154  O  O   . THR A 1 20  ? -6.403  9.966   -0.304  1.00 15.59 ? 21   THR A O   1 
ATOM   155  C  CB  . THR A 1 20  ? -5.636  9.705   2.596   1.00 13.73 ? 21   THR A CB  1 
ATOM   156  O  OG1 . THR A 1 20  ? -5.984  10.945  3.226   1.00 13.89 ? 21   THR A OG1 1 
ATOM   157  C  CG2 . THR A 1 20  ? -4.946  8.791   3.603   1.00 14.48 ? 21   THR A CG2 1 
ATOM   158  N  N   . GLY A 1 21  ? -5.400  11.958  0.109   1.00 15.55 ? 22   GLY A N   1 
ATOM   159  C  CA  . GLY A 1 21  ? -6.115  12.666  -0.959  1.00 15.01 ? 22   GLY A CA  1 
ATOM   160  C  C   . GLY A 1 21  ? -5.425  12.643  -2.323  1.00 19.52 ? 22   GLY A C   1 
ATOM   161  O  O   . GLY A 1 21  ? -6.040  13.041  -3.320  1.00 19.97 ? 22   GLY A O   1 
ATOM   162  N  N   . LEU A 1 22  ? -4.174  12.178  -2.392  1.00 17.18 ? 23   LEU A N   1 
ATOM   163  C  CA  . LEU A 1 22  ? -3.468  12.076  -3.685  1.00 18.04 ? 23   LEU A CA  1 
ATOM   164  C  C   . LEU A 1 22  ? -4.162  11.026  -4.565  1.00 18.83 ? 23   LEU A C   1 
ATOM   165  O  O   . LEU A 1 22  ? -4.593  9.995   -4.070  1.00 16.54 ? 23   LEU A O   1 
ATOM   166  C  CB  . LEU A 1 22  ? -2.006  11.715  -3.477  1.00 17.32 ? 23   LEU A CB  1 
ATOM   167  C  CG  . LEU A 1 22  ? -1.210  12.740  -2.689  1.00 18.82 ? 23   LEU A CG  1 
ATOM   168  C  CD1 . LEU A 1 22  ? 0.205   12.262  -2.310  1.00 19.49 ? 23   LEU A CD1 1 
ATOM   169  C  CD2 . LEU A 1 22  ? -1.155  14.079  -3.501  1.00 21.68 ? 23   LEU A CD2 1 
ATOM   170  N  N   . PRO A 1 23  ? -4.295  11.284  -5.883  1.00 17.56 ? 24   PRO A N   1 
ATOM   171  C  CA  . PRO A 1 23  ? -5.144  10.415  -6.697  1.00 18.73 ? 24   PRO A CA  1 
ATOM   172  C  C   . PRO A 1 23  ? -4.846  8.913   -6.586  1.00 15.53 ? 24   PRO A C   1 
ATOM   173  O  O   . PRO A 1 23  ? -5.776  8.110   -6.502  1.00 16.11 ? 24   PRO A O   1 
ATOM   174  C  CB  . PRO A 1 23  ? -4.900  10.914  -8.138  1.00 21.61 ? 24   PRO A CB  1 
ATOM   175  C  CG  . PRO A 1 23  ? -3.770  11.869  -8.060  1.00 22.57 ? 24   PRO A CG  1 
ATOM   176  C  CD  . PRO A 1 23  ? -3.698  12.383  -6.656  1.00 22.03 ? 24   PRO A CD  1 
ATOM   177  N  N   . HIS A 1 24  ? -3.571  8.525   -6.655  1.00 16.94 ? 25   HIS A N   1 
ATOM   178  C  CA  . HIS A 1 24  ? -3.273  7.081   -6.615  1.00 15.29 ? 25   HIS A CA  1 
ATOM   179  C  C   . HIS A 1 24  ? -3.583  6.469   -5.249  1.00 13.90 ? 25   HIS A C   1 
ATOM   180  O  O   . HIS A 1 24  ? -3.867  5.280   -5.155  1.00 14.54 ? 25   HIS A O   1 
ATOM   181  C  CB  . HIS A 1 24  ? -1.804  6.792   -6.981  1.00 18.64 ? 25   HIS A CB  1 
ATOM   182  C  CG  . HIS A 1 24  ? -1.481  7.025   -8.428  1.00 23.09 ? 25   HIS A CG  1 
ATOM   183  N  ND1 . HIS A 1 24  ? -1.234  8.280   -8.941  1.00 27.73 ? 25   HIS A ND1 1 
ATOM   184  C  CD2 . HIS A 1 24  ? -1.370  6.161   -9.468  1.00 26.07 ? 25   HIS A CD2 1 
ATOM   185  C  CE1 . HIS A 1 24  ? -0.992  8.180   -10.236 1.00 24.92 ? 25   HIS A CE1 1 
ATOM   186  N  NE2 . HIS A 1 24  ? -1.070  6.909   -10.581 1.00 30.06 ? 25   HIS A NE2 1 
ATOM   187  N  N   . ASN A 1 25  ? -3.587  7.309   -4.212  1.00 13.67 ? 26   ASN A N   1 
ATOM   188  C  CA  . ASN A 1 25  ? -3.871  6.845   -2.855  1.00 13.23 ? 26   ASN A CA  1 
ATOM   189  C  C   . ASN A 1 25  ? -5.347  6.756   -2.549  1.00 14.32 ? 26   ASN A C   1 
ATOM   190  O  O   . ASN A 1 25  ? -5.722  6.256   -1.510  1.00 14.28 ? 26   ASN A O   1 
ATOM   191  C  CB  . ASN A 1 25  ? -3.174  7.704   -1.790  1.00 12.84 ? 26   ASN A CB  1 
ATOM   192  C  CG  . ASN A 1 25  ? -1.647  7.586   -1.835  1.00 12.92 ? 26   ASN A CG  1 
ATOM   193  O  OD1 . ASN A 1 25  ? -1.105  6.581   -2.381  1.00 13.53 ? 26   ASN A OD1 1 
ATOM   194  N  ND2 . ASN A 1 25  ? -0.958  8.522   -1.262  1.00 13.54 ? 26   ASN A ND2 1 
ATOM   195  N  N   . ARG A 1 26  ? -6.183  7.200   -3.479  1.00 13.16 ? 27   ARG A N   1 
ATOM   196  C  CA  . ARG A 1 26  ? -7.637  7.142   -3.259  1.00 15.35 ? 27   ARG A CA  1 
ATOM   197  C  C   . ARG A 1 26  ? -8.275  5.777   -3.488  1.00 15.26 ? 27   ARG A C   1 
ATOM   198  O  O   . ARG A 1 26  ? -9.453  5.556   -3.184  1.00 14.87 ? 27   ARG A O   1 
ATOM   199  C  CB  . ARG A 1 26  ? -8.353  8.151   -4.155  1.00 16.00 ? 27   ARG A CB  1 
ATOM   200  C  CG  . ARG A 1 26  ? -7.981  9.538   -3.869  1.00 18.93 ? 27   ARG A CG  1 
ATOM   201  C  CD  . ARG A 1 26  ? -8.714  10.484  -4.862  1.00 24.79 ? 27   ARG A CD  1 
ATOM   202  N  NE  . ARG A 1 26  ? -7.962  11.709  -4.945  1.00 30.32 ? 27   ARG A NE  1 
ATOM   203  C  CZ  . ARG A 1 26  ? -7.886  12.472  -6.012  1.00 27.28 ? 27   ARG A CZ  1 
ATOM   204  N  NH1 . ARG A 1 26  ? -8.558  12.172  -7.135  1.00 29.69 ? 27   ARG A NH1 1 
ATOM   205  N  NH2 . ARG A 1 26  ? -7.142  13.546  -5.951  1.00 31.75 ? 27   ARG A NH2 1 
ATOM   206  N  N   . LYS A 1 27  ? -7.503  4.839   -4.057  1.00 12.70 ? 28   LYS A N   1 
ATOM   207  C  CA  . LYS A 1 27  ? -7.936  3.494   -4.339  1.00 14.41 ? 28   LYS A CA  1 
ATOM   208  C  C   . LYS A 1 27  ? -6.899  2.539   -3.773  1.00 12.22 ? 28   LYS A C   1 
ATOM   209  O  O   . LYS A 1 27  ? -5.700  2.829   -3.798  1.00 12.23 ? 28   LYS A O   1 
ATOM   210  C  CB  . LYS A 1 27  ? -8.054  3.268   -5.856  1.00 17.58 ? 28   LYS A CB  1 
ATOM   211  C  CG  . LYS A 1 27  ? -9.153  4.097   -6.496  1.00 20.31 ? 28   LYS A CG  1 
ATOM   212  C  CD  . LYS A 1 27  ? -10.503 3.626   -6.073  1.00 24.81 ? 28   LYS A CD  1 
ATOM   213  N  N   . CYS A 1 28  ? -7.397  1.414   -3.259  1.00 10.89 ? 29   CYS A N   1 
ATOM   214  C  CA  . CYS A 1 28  ? -6.540  0.306   -2.736  1.00 8.78  ? 29   CYS A CA  1 
ATOM   215  C  C   . CYS A 1 28  ? -5.463  -0.014  -3.764  1.00 11.25 ? 29   CYS A C   1 
ATOM   216  O  O   . CYS A 1 28  ? -5.767  -0.265  -4.919  1.00 11.66 ? 29   CYS A O   1 
ATOM   217  C  CB  . CYS A 1 28  ? -7.371  -0.924  -2.477  1.00 11.47 ? 29   CYS A CB  1 
ATOM   218  S  SG  . CYS A 1 28  ? -6.389  -2.284  -1.947  1.00 9.86  ? 29   CYS A SG  1 
ATOM   219  N  N   . PHE A 1 29  ? -4.195  -0.081  -3.333  1.00 8.48  ? 30   PHE A N   1 
ATOM   220  C  CA  . PHE A 1 29  ? -3.081  -0.408  -4.231  1.00 8.82  ? 30   PHE A CA  1 
ATOM   221  C  C   . PHE A 1 29  ? -3.188  -1.811  -4.813  1.00 8.92  ? 30   PHE A C   1 
ATOM   222  O  O   . PHE A 1 29  ? -2.653  -2.063  -5.885  1.00 9.42  ? 30   PHE A O   1 
ATOM   223  C  CB  . PHE A 1 29  ? -1.773  -0.284  -3.496  1.00 9.40  ? 30   PHE A CB  1 
ATOM   224  C  CG  . PHE A 1 29  ? -0.599  -0.530  -4.364  1.00 8.25  ? 30   PHE A CG  1 
ATOM   225  C  CD1 . PHE A 1 29  ? -0.397  0.217   -5.490  1.00 9.64  ? 30   PHE A CD1 1 
ATOM   226  C  CD2 . PHE A 1 29  ? 0.312   -1.533  -4.044  1.00 8.78  ? 30   PHE A CD2 1 
ATOM   227  C  CE1 . PHE A 1 29  ? 0.650   -0.065  -6.355  1.00 9.19  ? 30   PHE A CE1 1 
ATOM   228  C  CE2 . PHE A 1 29  ? 1.389   -1.788  -4.886  1.00 10.30 ? 30   PHE A CE2 1 
ATOM   229  C  CZ  . PHE A 1 29  ? 1.558   -1.047  -6.022  1.00 9.81  ? 30   PHE A CZ  1 
ATOM   230  N  N   . ASP A 1 30  ? -3.803  -2.747  -4.117  1.00 8.88  ? 31   ASP A N   1 
ATOM   231  C  CA  . ASP A 1 30  ? -3.831  -4.118  -4.547  1.00 8.87  ? 31   ASP A CA  1 
ATOM   232  C  C   . ASP A 1 30  ? -5.030  -4.525  -5.375  1.00 9.86  ? 31   ASP A C   1 
ATOM   233  O  O   . ASP A 1 30  ? -4.883  -5.272  -6.352  1.00 12.08 ? 31   ASP A O   1 
ATOM   234  C  CB  . ASP A 1 30  ? -3.597  -5.087  -3.353  1.00 9.15  ? 31   ASP A CB  1 
ATOM   235  C  CG  . ASP A 1 30  ? -2.204  -4.937  -2.787  1.00 9.66  ? 31   ASP A CG  1 
ATOM   236  O  OD1 . ASP A 1 30  ? -1.227  -4.990  -3.610  1.00 10.36 ? 31   ASP A OD1 1 
ATOM   237  O  OD2 . ASP A 1 30  ? -2.073  -4.739  -1.562  1.00 10.42 ? 31   ASP A OD2 1 
ATOM   238  N  N   . CYS A 1 31  ? -6.215  -4.064  -5.004  1.00 10.15 ? 32   CYS A N   1 
ATOM   239  C  CA  . CYS A 1 31  ? -7.413  -4.379  -5.805  1.00 11.43 ? 32   CYS A CA  1 
ATOM   240  C  C   . CYS A 1 31  ? -7.965  -3.249  -6.655  1.00 13.36 ? 32   CYS A C   1 
ATOM   241  O  O   . CYS A 1 31  ? -8.763  -3.538  -7.578  1.00 15.53 ? 32   CYS A O   1 
ATOM   242  C  CB  . CYS A 1 31  ? -8.528  -4.956  -4.927  1.00 13.80 ? 32   CYS A CB  1 
ATOM   243  S  SG  . CYS A 1 31  ? -9.350  -3.766  -3.834  1.00 12.75 ? 32   CYS A SG  1 
ATOM   244  N  N   . ASP A 1 32  ? -7.618  -2.002  -6.351  1.00 10.66 ? 33   ASP A N   1 
ATOM   245  C  CA  . ASP A 1 32  ? -8.118  -0.834  -7.091  1.00 14.33 ? 33   ASP A CA  1 
ATOM   246  C  C   . ASP A 1 32  ? -9.638  -0.738  -7.072  1.00 17.52 ? 33   ASP A C   1 
ATOM   247  O  O   . ASP A 1 32  ? -10.210 -0.049  -7.928  1.00 23.77 ? 33   ASP A O   1 
ATOM   248  C  CB  . ASP A 1 32  ? -7.609  -0.871  -8.551  1.00 15.11 ? 33   ASP A CB  1 
ATOM   249  C  CG  . ASP A 1 32  ? -7.709  0.471   -9.239  1.00 20.23 ? 33   ASP A CG  1 
ATOM   250  O  OD1 . ASP A 1 32  ? -7.279  1.455   -8.658  1.00 17.95 ? 33   ASP A OD1 1 
ATOM   251  O  OD2 . ASP A 1 32  ? -8.235  0.525   -10.389 1.00 23.60 ? 33   ASP A OD2 1 
ATOM   252  N  N   . GLN A 1 33  ? -10.292 -1.384  -6.107  1.00 17.41 ? 34   GLN A N   1 
ATOM   253  C  CA  . GLN A 1 33  ? -11.772 -1.513  -6.149  1.00 22.44 ? 34   GLN A CA  1 
ATOM   254  C  C   . GLN A 1 33  ? -12.449 -0.629  -5.155  1.00 24.81 ? 34   GLN A C   1 
ATOM   255  O  O   . GLN A 1 33  ? -13.656 -0.404  -5.262  1.00 25.10 ? 34   GLN A O   1 
ATOM   256  C  CB  . GLN A 1 33  ? -12.230 -2.941  -5.859  1.00 23.66 ? 34   GLN A CB  1 
ATOM   257  C  CG  . GLN A 1 33  ? -11.943 -3.963  -6.934  1.00 29.59 ? 34   GLN A CG  1 
ATOM   258  C  CD  . GLN A 1 33  ? -12.717 -5.257  -6.745  1.00 32.06 ? 34   GLN A CD  1 
ATOM   259  O  OE1 . GLN A 1 33  ? -12.805 -5.797  -5.636  1.00 39.29 ? 34   GLN A OE1 1 
ATOM   260  N  NE2 . GLN A 1 33  ? -13.262 -5.779  -7.834  1.00 39.13 ? 34   GLN A NE2 1 
ATOM   261  N  N   . ARG A 1 34  ? -11.725 -0.171  -4.148  1.00 20.72 ? 35   ARG A N   1 
ATOM   262  C  CA  . ARG A 1 34  ? -12.338 0.696   -3.157  1.00 23.03 ? 35   ARG A CA  1 
ATOM   263  C  C   . ARG A 1 34  ? -11.318 1.522   -2.423  1.00 22.51 ? 35   ARG A C   1 
ATOM   264  O  O   . ARG A 1 34  ? -10.116 1.387   -2.657  1.00 19.41 ? 35   ARG A O   1 
ATOM   265  C  CB  . ARG A 1 34  ? -13.099 -0.141  -2.167  1.00 24.62 ? 35   ARG A CB  1 
ATOM   266  C  CG  . ARG A 1 34  ? -12.216 -1.079  -1.431  1.00 23.02 ? 35   ARG A CG  1 
ATOM   267  C  CD  . ARG A 1 34  ? -13.055 -1.968  -0.571  1.00 28.14 ? 35   ARG A CD  1 
ATOM   268  N  NE  . ARG A 1 34  ? -13.920 -2.829  -1.370  1.00 30.45 ? 35   ARG A NE  1 
ATOM   269  C  CZ  . ARG A 1 34  ? -13.581 -4.027  -1.858  1.00 32.11 ? 35   ARG A CZ  1 
ATOM   270  N  NH1 . ARG A 1 34  ? -12.361 -4.542  -1.665  1.00 29.56 ? 35   ARG A NH1 1 
ATOM   271  N  NH2 . ARG A 1 34  ? -14.470 -4.721  -2.568  1.00 33.62 ? 35   ARG A NH2 1 
ATOM   272  N  N   . GLY A 1 35  ? -11.811 2.414   -1.573  1.00 19.43 ? 36   GLY A N   1 
ATOM   273  C  CA  . GLY A 1 35  ? -10.975 3.276   -0.791  1.00 18.52 ? 36   GLY A CA  1 
ATOM   274  C  C   . GLY A 1 35  ? -10.155 2.544   0.254   1.00 17.73 ? 36   GLY A C   1 
ATOM   275  O  O   . GLY A 1 35  ? -10.612 1.534   0.823   1.00 20.48 ? 36   GLY A O   1 
ATOM   276  N  N   . PRO A 1 36  ? -8.935  3.012   0.463   1.00 14.75 ? 37   PRO A N   1 
ATOM   277  C  CA  . PRO A 1 36  ? -8.110  2.399   1.497   1.00 13.79 ? 37   PRO A CA  1 
ATOM   278  C  C   . PRO A 1 36  ? -8.537  2.748   2.912   1.00 13.46 ? 37   PRO A C   1 
ATOM   279  O  O   . PRO A 1 36  ? -8.998  3.853   3.189   1.00 16.29 ? 37   PRO A O   1 
ATOM   280  C  CB  . PRO A 1 36  ? -6.710  2.918   1.207   1.00 16.37 ? 37   PRO A CB  1 
ATOM   281  C  CG  . PRO A 1 36  ? -6.875  4.098   0.411   1.00 21.31 ? 37   PRO A CG  1 
ATOM   282  C  CD  . PRO A 1 36  ? -8.215  4.055   -0.260  1.00 16.80 ? 37   PRO A CD  1 
ATOM   283  N  N   . THR A 1 37  ? -8.310  1.771   3.785   1.00 13.29 ? 38   THR A N   1 
ATOM   284  C  CA  . THR A 1 37  ? -8.571  1.855   5.214   1.00 12.24 ? 38   THR A CA  1 
ATOM   285  C  C   . THR A 1 37  ? -7.304  1.575   6.059   1.00 10.98 ? 38   THR A C   1 
ATOM   286  O  O   . THR A 1 37  ? -7.281  1.816   7.259   1.00 12.06 ? 38   THR A O   1 
ATOM   287  C  CB  . THR A 1 37  ? -9.615  0.808   5.594   1.00 11.52 ? 38   THR A CB  1 
ATOM   288  O  OG1 . THR A 1 37  ? -9.301  -0.445  4.990   1.00 13.39 ? 38   THR A OG1 1 
ATOM   289  C  CG2 . THR A 1 37  ? -11.006 1.241   5.072   1.00 14.90 ? 38   THR A CG2 1 
ATOM   290  N  N   . TYR A 1 38  ? -6.281  0.946   5.436   1.00 9.31  ? 39   TYR A N   1 
ATOM   291  C  CA  . TYR A 1 38  ? -5.014  0.595   6.096   1.00 10.00 ? 39   TYR A CA  1 
ATOM   292  C  C   . TYR A 1 38  ? -3.841  1.087   5.267   1.00 9.69  ? 39   TYR A C   1 
ATOM   293  O  O   . TYR A 1 38  ? -3.961  1.305   4.079   1.00 10.06 ? 39   TYR A O   1 
ATOM   294  C  CB  . TYR A 1 38  ? -4.888  -0.929  6.287   1.00 9.59  ? 39   TYR A CB  1 
ATOM   295  C  CG  . TYR A 1 38  ? -5.841  -1.400  7.378   1.00 9.94  ? 39   TYR A CG  1 
ATOM   296  C  CD1 . TYR A 1 38  ? -5.387  -1.663  8.657   1.00 8.95  ? 39   TYR A CD1 1 
ATOM   297  C  CD2 . TYR A 1 38  ? -7.191  -1.495  7.131   1.00 10.19 ? 39   TYR A CD2 1 
ATOM   298  C  CE1 . TYR A 1 38  ? -6.245  -2.016  9.664   1.00 8.93  ? 39   TYR A CE1 1 
ATOM   299  C  CE2 . TYR A 1 38  ? -8.069  -1.857  8.144   1.00 9.08  ? 39   TYR A CE2 1 
ATOM   300  C  CZ  . TYR A 1 38  ? -7.587  -2.098  9.391   1.00 10.48 ? 39   TYR A CZ  1 
ATOM   301  O  OH  . TYR A 1 38  ? -8.490  -2.399  10.418  1.00 11.05 ? 39   TYR A OH  1 
ATOM   302  N  N   . VAL A 1 39  ? -2.725  1.287   5.943   1.00 8.20  ? 40   VAL A N   1 
ATOM   303  C  CA  A VAL A 1 39  ? -1.440  1.398   5.237   0.50 8.30  ? 40   VAL A CA  1 
ATOM   304  C  CA  B VAL A 1 39  ? -1.405  1.457   5.345   0.50 8.62  ? 40   VAL A CA  1 
ATOM   305  C  C   . VAL A 1 39  ? -0.670  0.107   5.407   1.00 7.78  ? 40   VAL A C   1 
ATOM   306  O  O   . VAL A 1 39  ? -0.647  -0.523  6.471   1.00 9.62  ? 40   VAL A O   1 
ATOM   307  C  CB  A VAL A 1 39  ? -0.553  2.564   5.680   0.50 9.77  ? 40   VAL A CB  1 
ATOM   308  C  CB  B VAL A 1 39  ? -0.620  2.504   6.166   0.50 10.23 ? 40   VAL A CB  1 
ATOM   309  C  CG1 A VAL A 1 39  ? -1.154  3.939   5.222   0.50 8.19  ? 40   VAL A CG1 1 
ATOM   310  C  CG1 B VAL A 1 39  ? 0.775   2.681   5.620   0.50 11.60 ? 40   VAL A CG1 1 
ATOM   311  C  CG2 A VAL A 1 39  ? -0.295  2.507   7.170   0.50 8.27  ? 40   VAL A CG2 1 
ATOM   312  C  CG2 B VAL A 1 39  ? -1.392  3.856   6.191   0.50 9.89  ? 40   VAL A CG2 1 
ATOM   313  N  N   . ASN A 1 40  ? -0.066  -0.321  4.296   1.00 8.20  ? 41   ASN A N   1 
ATOM   314  C  CA  . ASN A 1 40  ? 0.821   -1.456  4.270   1.00 6.90  ? 41   ASN A CA  1 
ATOM   315  C  C   . ASN A 1 40  ? 2.210   -0.893  4.430   1.00 6.55  ? 41   ASN A C   1 
ATOM   316  O  O   . ASN A 1 40  ? 2.799   -0.359  3.490   1.00 8.03  ? 41   ASN A O   1 
ATOM   317  C  CB  . ASN A 1 40  ? 0.686   -2.250  2.997   1.00 7.30  ? 41   ASN A CB  1 
ATOM   318  C  CG  . ASN A 1 40  ? 1.662   -3.364  2.898   1.00 7.19  ? 41   ASN A CG  1 
ATOM   319  O  OD1 . ASN A 1 40  ? 2.503   -3.486  3.765   1.00 8.56  ? 41   ASN A OD1 1 
ATOM   320  N  ND2 . ASN A 1 40  ? 1.562   -4.195  1.838   1.00 7.96  ? 41   ASN A ND2 1 
ATOM   321  N  N   . MET A 1 41  ? 2.716   -0.939  5.663   1.00 6.72  ? 42   MET A N   1 
ATOM   322  C  CA  . MET A 1 41  ? 4.028   -0.396  6.005   1.00 8.10  ? 42   MET A CA  1 
ATOM   323  C  C   . MET A 1 41  ? 5.198   -1.169  5.440   1.00 9.17  ? 42   MET A C   1 
ATOM   324  O  O   . MET A 1 41  ? 6.290   -0.644  5.347   1.00 8.99  ? 42   MET A O   1 
ATOM   325  C  CB  . MET A 1 41  ? 4.178   -0.314  7.551   1.00 10.73 ? 42   MET A CB  1 
ATOM   326  C  CG  . MET A 1 41  ? 3.367   0.854   8.185   1.00 11.51 ? 42   MET A CG  1 
ATOM   327  S  SD  . MET A 1 41  ? 3.757   2.495   7.526   1.00 13.97 ? 42   MET A SD  1 
ATOM   328  C  CE  . MET A 1 41  ? 5.474   2.517   7.637   1.00 12.04 ? 42   MET A CE  1 
ATOM   329  N  N   . THR A 1 42  ? 4.974   -2.405  5.046   1.00 7.55  ? 43   THR A N   1 
ATOM   330  C  CA  . THR A 1 42  ? 6.011   -3.207  4.410   1.00 7.02  ? 43   THR A CA  1 
ATOM   331  C  C   . THR A 1 42  ? 6.468   -2.610  3.103   1.00 9.05  ? 43   THR A C   1 
ATOM   332  O  O   . THR A 1 42  ? 7.673   -2.582  2.822   1.00 9.05  ? 43   THR A O   1 
ATOM   333  C  CB  . THR A 1 42  ? 5.530   -4.663  4.244   1.00 7.65  ? 43   THR A CB  1 
ATOM   334  O  OG1 . THR A 1 42  ? 5.309   -5.249  5.535   1.00 9.48  ? 43   THR A OG1 1 
ATOM   335  C  CG2 . THR A 1 42  ? 6.520   -5.512  3.429   1.00 8.78  ? 43   THR A CG2 1 
ATOM   336  N  N   . VAL A 1 43  ? 5.522   -2.113  2.281   1.00 8.39  ? 44   VAL A N   1 
ATOM   337  C  CA  . VAL A 1 43  ? 5.868   -1.510  1.015   1.00 7.85  ? 44   VAL A CA  1 
ATOM   338  C  C   . VAL A 1 43  ? 5.545   -0.027  0.889   1.00 7.44  ? 44   VAL A C   1 
ATOM   339  O  O   . VAL A 1 43  ? 6.020   0.618   -0.059  1.00 9.05  ? 44   VAL A O   1 
ATOM   340  C  CB  . VAL A 1 43  ? 5.258   -2.230  -0.187  1.00 9.11  ? 44   VAL A CB  1 
ATOM   341  C  CG1 . VAL A 1 43  ? 5.693   -3.710  -0.207  1.00 10.63 ? 44   VAL A CG1 1 
ATOM   342  C  CG2 . VAL A 1 43  ? 3.736   -2.100  -0.238  1.00 10.15 ? 44   VAL A CG2 1 
ATOM   343  N  N   . GLY A 1 44  ? 4.776   0.540   1.835   1.00 7.91  ? 45   GLY A N   1 
ATOM   344  C  CA  . GLY A 1 44  ? 4.422   1.960   1.773   1.00 7.89  ? 45   GLY A CA  1 
ATOM   345  C  C   . GLY A 1 44  ? 3.204   2.283   0.939   1.00 8.00  ? 45   GLY A C   1 
ATOM   346  O  O   . GLY A 1 44  ? 3.178   3.316   0.258   1.00 9.98  ? 45   GLY A O   1 
ATOM   347  N  N   . SER A 1 45  ? 2.205   1.417   0.962   1.00 7.73  ? 46   SER A N   1 
ATOM   348  C  CA  . SER A 1 45  ? 0.991   1.552   0.145   1.00 8.55  ? 46   SER A CA  1 
ATOM   349  C  C   . SER A 1 45  ? -0.212  1.779   1.030   1.00 8.49  ? 46   SER A C   1 
ATOM   350  O  O   . SER A 1 45  ? -0.178  1.603   2.249   1.00 9.49  ? 46   SER A O   1 
ATOM   351  C  CB  . SER A 1 45  ? 0.755   0.310   -0.714  1.00 9.10  ? 46   SER A CB  1 
ATOM   352  O  OG  . SER A 1 45  ? 0.578   -0.798  0.130   1.00 7.52  ? 46   SER A OG  1 
ATOM   353  N  N   . PHE A 1 46  ? -1.308  2.148   0.373   1.00 9.24  ? 47   PHE A N   1 
ATOM   354  C  CA  . PHE A 1 46  ? -2.623  2.356   1.005   1.00 9.13  ? 47   PHE A CA  1 
ATOM   355  C  C   . PHE A 1 46  ? -3.563  1.331   0.464   1.00 8.40  ? 47   PHE A C   1 
ATOM   356  O  O   . PHE A 1 46  ? -3.748  1.241   -0.758  1.00 9.31  ? 47   PHE A O   1 
ATOM   357  C  CB  . PHE A 1 46  ? -3.132  3.799   0.709   1.00 9.79  ? 47   PHE A CB  1 
ATOM   358  C  CG  . PHE A 1 46  ? -2.300  4.863   1.315   1.00 10.28 ? 47   PHE A CG  1 
ATOM   359  C  CD1 . PHE A 1 46  ? -2.678  5.466   2.498   1.00 14.01 ? 47   PHE A CD1 1 
ATOM   360  C  CD2 . PHE A 1 46  ? -1.115  5.255   0.751   1.00 12.82 ? 47   PHE A CD2 1 
ATOM   361  C  CE1 . PHE A 1 46  ? -1.889  6.433   3.096   1.00 12.93 ? 47   PHE A CE1 1 
ATOM   362  C  CE2 . PHE A 1 46  ? -0.332  6.216   1.342   1.00 13.94 ? 47   PHE A CE2 1 
ATOM   363  C  CZ  . PHE A 1 46  ? -0.728  6.820   2.506   1.00 11.86 ? 47   PHE A CZ  1 
ATOM   364  N  N   . VAL A 1 47  ? -4.157  0.501   1.348   1.00 8.11  ? 48   VAL A N   1 
ATOM   365  C  CA  . VAL A 1 47  ? -4.914  -0.696  0.952   1.00 9.41  ? 48   VAL A CA  1 
ATOM   366  C  C   . VAL A 1 47  ? -6.254  -0.777  1.713   1.00 10.02 ? 48   VAL A C   1 
ATOM   367  O  O   . VAL A 1 47  ? -6.409  -0.175  2.761   1.00 10.34 ? 48   VAL A O   1 
ATOM   368  C  CB  . VAL A 1 47  ? -4.112  -2.011  1.193   1.00 8.35  ? 48   VAL A CB  1 
ATOM   369  C  CG1 . VAL A 1 47  ? -2.933  -2.040  0.237   1.00 10.64 ? 48   VAL A CG1 1 
ATOM   370  C  CG2 . VAL A 1 47  ? -3.569  -2.073  2.644   1.00 9.06  ? 48   VAL A CG2 1 
ATOM   371  N  N   . CYS A 1 48  ? -7.163  -1.576  1.198   1.00 10.32 ? 49   CYS A N   1 
ATOM   372  C  CA  . CYS A 1 48  ? -8.499  -1.759  1.790   1.00 10.00 ? 49   CYS A CA  1 
ATOM   373  C  C   . CYS A 1 48  ? -8.438  -2.888  2.837   1.00 12.74 ? 49   CYS A C   1 
ATOM   374  O  O   . CYS A 1 48  ? -7.401  -3.567  3.000   1.00 10.62 ? 49   CYS A O   1 
ATOM   375  C  CB  . CYS A 1 48  ? -9.513  -2.097  0.677   1.00 11.31 ? 49   CYS A CB  1 
ATOM   376  S  SG  . CYS A 1 48  ? -9.464  -3.753  -0.002  1.00 11.69 ? 49   CYS A SG  1 
ATOM   377  N  N   . THR A 1 49  ? -9.533  -3.113  3.582   1.00 11.01 ? 50   THR A N   1 
ATOM   378  C  CA  . THR A 1 49  ? -9.543  -4.115  4.601   1.00 10.76 ? 50   THR A CA  1 
ATOM   379  C  C   . THR A 1 49  ? -9.428  -5.526  4.110   1.00 11.21 ? 50   THR A C   1 
ATOM   380  O  O   . THR A 1 49  ? -8.720  -6.352  4.687   1.00 11.25 ? 50   THR A O   1 
ATOM   381  C  CB  . THR A 1 49  ? -10.813 -3.921  5.471   1.00 12.63 ? 50   THR A CB  1 
ATOM   382  O  OG1 . THR A 1 49  ? -10.799 -2.572  5.982   1.00 14.60 ? 50   THR A OG1 1 
ATOM   383  C  CG2 . THR A 1 49  ? -10.866 -4.971  6.552   1.00 14.40 ? 50   THR A CG2 1 
ATOM   384  N  N   . SER A 1 50  ? -10.099 -5.838  2.994   1.00 10.61 ? 51   SER A N   1 
ATOM   385  C  CA  . SER A 1 50  ? -10.076 -7.155  2.459   1.00 10.48 ? 51   SER A CA  1 
ATOM   386  C  C   . SER A 1 50  ? -8.659  -7.531  1.981   1.00 10.09 ? 51   SER A C   1 
ATOM   387  O  O   . SER A 1 50  ? -8.160  -8.604  2.276   1.00 11.68 ? 51   SER A O   1 
ATOM   388  C  CB  . SER A 1 50  ? -11.092 -7.305  1.329   1.00 13.62 ? 51   SER A CB  1 
ATOM   389  O  OG  . SER A 1 50  ? -11.101 -8.613  0.868   1.00 21.05 ? 51   SER A OG  1 
ATOM   390  N  N   . CYS A 1 51  ? -8.033  -6.609  1.266   1.00 10.17 ? 52   CYS A N   1 
ATOM   391  C  CA  . CYS A 1 51  ? -6.674  -6.886  0.833   1.00 10.13 ? 52   CYS A CA  1 
ATOM   392  C  C   . CYS A 1 51  ? -5.739  -6.957  2.008   1.00 8.86  ? 52   CYS A C   1 
ATOM   393  O  O   . CYS A 1 51  ? -4.825  -7.806  1.978   1.00 9.49  ? 52   CYS A O   1 
ATOM   394  C  CB  . CYS A 1 51  ? -6.202  -5.829  -0.138  1.00 9.26  ? 52   CYS A CB  1 
ATOM   395  S  SG  . CYS A 1 51  ? -6.987  -5.965  -1.797  1.00 10.89 ? 52   CYS A SG  1 
ATOM   396  N  N   . SER A 1 52  ? -5.961  -6.140  3.046   1.00 8.59  ? 53   SER A N   1 
ATOM   397  C  CA  . SER A 1 52  ? -5.149  -6.243  4.260   1.00 7.77  ? 53   SER A CA  1 
ATOM   398  C  C   . SER A 1 52  ? -5.241  -7.647  4.865   1.00 10.01 ? 53   SER A C   1 
ATOM   399  O  O   . SER A 1 52  ? -4.239  -8.234  5.292   1.00 9.14  ? 53   SER A O   1 
ATOM   400  C  CB  . SER A 1 52  ? -5.571  -5.217  5.272   1.00 9.25  ? 53   SER A CB  1 
ATOM   401  O  OG  . SER A 1 52  ? -5.333  -3.899  4.838   1.00 11.70 ? 53   SER A OG  1 
ATOM   402  N  N   . GLY A 1 53  ? -6.446  -8.215  4.907   1.00 10.45 ? 54   GLY A N   1 
ATOM   403  C  CA  . GLY A 1 53  ? -6.581  -9.574  5.390   1.00 9.89  ? 54   GLY A CA  1 
ATOM   404  C  C   . GLY A 1 53  ? -5.760  -10.572 4.580   1.00 9.79  ? 54   GLY A C   1 
ATOM   405  O  O   . GLY A 1 53  ? -5.123  -11.475 5.134   1.00 11.66 ? 54   GLY A O   1 
ATOM   406  N  N   . SER A 1 54  ? -5.769  -10.428 3.252   1.00 8.84  ? 55   SER A N   1 
ATOM   407  C  CA  . SER A 1 54  ? -4.979  -11.306 2.385   1.00 9.34  ? 55   SER A CA  1 
ATOM   408  C  C   . SER A 1 54  ? -3.452  -11.095 2.512   1.00 9.28  ? 55   SER A C   1 
ATOM   409  O  O   . SER A 1 54  ? -2.693  -12.065 2.471   1.00 11.25 ? 55   SER A O   1 
ATOM   410  C  CB  . SER A 1 54  ? -5.399  -11.168 0.924   1.00 12.55 ? 55   SER A CB  1 
ATOM   411  O  OG  . SER A 1 54  ? -6.748  -11.634 0.790   1.00 15.33 ? 55   SER A OG  1 
ATOM   412  N  N   . LEU A 1 55  ? -3.038  -9.850  2.680   1.00 9.15  ? 56   LEU A N   1 
ATOM   413  C  CA  . LEU A 1 55  ? -1.623  -9.506  2.903   1.00 7.87  ? 56   LEU A CA  1 
ATOM   414  C  C   . LEU A 1 55  ? -1.099  -10.155 4.165   1.00 10.28 ? 56   LEU A C   1 
ATOM   415  O  O   . LEU A 1 55  ? 0.112   -10.498 4.250   1.00 9.10  ? 56   LEU A O   1 
ATOM   416  C  CB  . LEU A 1 55  ? -1.487  -8.007  3.003   1.00 6.98  ? 56   LEU A CB  1 
ATOM   417  C  CG  . LEU A 1 55  ? -1.564  -7.231  1.650   1.00 8.09  ? 56   LEU A CG  1 
ATOM   418  C  CD1 . LEU A 1 55  ? -1.840  -5.741  1.875   1.00 8.98  ? 56   LEU A CD1 1 
ATOM   419  C  CD2 . LEU A 1 55  ? -0.281  -7.441  0.781   1.00 10.82 ? 56   LEU A CD2 1 
ATOM   420  N  N   . ARG A 1 56  ? -1.956  -10.302 5.169   1.00 8.94  ? 57   ARG A N   1 
ATOM   421  C  CA  . ARG A 1 56  ? -1.562  -11.032 6.404   1.00 8.89  ? 57   ARG A CA  1 
ATOM   422  C  C   . ARG A 1 56  ? -1.426  -12.543 6.209   1.00 10.74 ? 57   ARG A C   1 
ATOM   423  O  O   . ARG A 1 56  ? -0.869  -13.236 7.081   1.00 12.88 ? 57   ARG A O   1 
ATOM   424  C  CB  . ARG A 1 56  ? -2.536  -10.749 7.560   1.00 9.87  ? 57   ARG A CB  1 
ATOM   425  C  CG  . ARG A 1 56  ? -2.561  -9.322  7.960   1.00 11.15 ? 57   ARG A CG  1 
ATOM   426  C  CD  . ARG A 1 56  ? -1.264  -8.831  8.467   1.00 10.08 ? 57   ARG A CD  1 
ATOM   427  N  NE  . ARG A 1 56  ? -0.752  -9.628  9.568   1.00 10.78 ? 57   ARG A NE  1 
ATOM   428  C  CZ  . ARG A 1 56  ? 0.467   -9.498  10.089  1.00 10.52 ? 57   ARG A CZ  1 
ATOM   429  N  NH1 . ARG A 1 56  ? 1.364   -8.626  9.619   1.00 9.83  ? 57   ARG A NH1 1 
ATOM   430  N  NH2 . ARG A 1 56  ? 0.803   -10.292 11.107  1.00 13.72 ? 57   ARG A NH2 1 
ATOM   431  N  N   . GLY A 1 57  ? -1.908  -13.043 5.101   1.00 10.21 ? 58   GLY A N   1 
ATOM   432  C  CA  . GLY A 1 57  ? -1.749  -14.464 4.775   1.00 12.65 ? 58   GLY A CA  1 
ATOM   433  C  C   . GLY A 1 57  ? -0.478  -14.781 4.019   1.00 12.92 ? 58   GLY A C   1 
ATOM   434  O  O   . GLY A 1 57  ? -0.150  -15.953 3.804   1.00 15.82 ? 58   GLY A O   1 
ATOM   435  N  N   . LEU A 1 58  ? 0.291   -13.762 3.606   1.00 9.76  ? 59   LEU A N   1 
ATOM   436  C  CA  . LEU A 1 58  ? 1.592   -14.030 3.022   1.00 9.48  ? 59   LEU A CA  1 
ATOM   437  C  C   . LEU A 1 58  ? 2.556   -14.466 4.119   1.00 10.35 ? 59   LEU A C   1 
ATOM   438  O  O   . LEU A 1 58  ? 2.347   -14.223 5.278   1.00 10.00 ? 59   LEU A O   1 
ATOM   439  C  CB  . LEU A 1 58  ? 2.119   -12.777 2.337   1.00 10.48 ? 59   LEU A CB  1 
ATOM   440  C  CG  . LEU A 1 58  ? 1.285   -12.201 1.175   1.00 10.36 ? 59   LEU A CG  1 
ATOM   441  C  CD1 . LEU A 1 58  ? 1.828   -10.943 0.641   1.00 12.67 ? 59   LEU A CD1 1 
ATOM   442  C  CD2 . LEU A 1 58  ? 1.241   -13.274 0.045   1.00 14.55 ? 59   LEU A CD2 1 
ATOM   443  N  N   . ASN A 1 59  ? 3.596   -15.161 3.699   1.00 10.90 ? 60   ASN A N   1 
ATOM   444  C  CA  . ASN A 1 59  ? 4.672   -15.512 4.597   1.00 10.02 ? 60   ASN A CA  1 
ATOM   445  C  C   . ASN A 1 59  ? 6.027   -15.119 4.012   1.00 10.27 ? 60   ASN A C   1 
ATOM   446  O  O   . ASN A 1 59  ? 6.426   -15.660 2.980   1.00 10.10 ? 60   ASN A O   1 
ATOM   447  C  CB  . ASN A 1 59  ? 4.669   -16.990 4.890   1.00 11.17 ? 60   ASN A CB  1 
ATOM   448  C  CG  . ASN A 1 59  ? 5.473   -17.322 6.109   1.00 16.60 ? 60   ASN A CG  1 
ATOM   449  O  OD1 . ASN A 1 59  ? 5.828   -16.438 6.913   1.00 18.65 ? 60   ASN A OD1 1 
ATOM   450  N  ND2 . ASN A 1 59  ? 5.752   -18.621 6.290   1.00 18.87 ? 60   ASN A ND2 1 
ATOM   451  N  N   . PRO A 1 60  ? 6.729   -14.141 4.595   1.00 8.96  ? 61   PRO A N   1 
ATOM   452  C  CA  . PRO A 1 60  ? 6.289   -13.385 5.764   1.00 8.74  ? 61   PRO A CA  1 
ATOM   453  C  C   . PRO A 1 60  ? 5.129   -12.438 5.438   1.00 7.99  ? 61   PRO A C   1 
ATOM   454  O  O   . PRO A 1 60  ? 5.005   -11.961 4.298   1.00 8.19  ? 61   PRO A O   1 
ATOM   455  C  CB  . PRO A 1 60  ? 7.544   -12.602 6.194   1.00 8.65  ? 61   PRO A CB  1 
ATOM   456  C  CG  . PRO A 1 60  ? 8.679   -13.218 5.409   1.00 9.86  ? 61   PRO A CG  1 
ATOM   457  C  CD  . PRO A 1 60  ? 8.050   -13.702 4.160   1.00 8.76  ? 61   PRO A CD  1 
ATOM   458  N  N   . PRO A 1 61  ? 4.292   -12.156 6.445   1.00 7.40  ? 62   PRO A N   1 
ATOM   459  C  CA  . PRO A 1 61  ? 3.133   -11.302 6.176   1.00 7.38  ? 62   PRO A CA  1 
ATOM   460  C  C   . PRO A 1 61  ? 3.485   -9.856  6.105   1.00 7.12  ? 62   PRO A C   1 
ATOM   461  O  O   . PRO A 1 61  ? 4.420   -9.421  6.774   1.00 7.98  ? 62   PRO A O   1 
ATOM   462  C  CB  . PRO A 1 61  ? 2.237   -11.529 7.398   1.00 7.97  ? 62   PRO A CB  1 
ATOM   463  C  CG  . PRO A 1 61  ? 3.200   -11.901 8.488   1.00 8.88  ? 62   PRO A CG  1 
ATOM   464  C  CD  . PRO A 1 61  ? 4.302   -12.636 7.856   1.00 8.44  ? 62   PRO A CD  1 
ATOM   465  N  N   . HIS A 1 62  ? 2.713   -9.072  5.371   1.00 7.60  ? 63   HIS A N   1 
ATOM   466  C  CA  . HIS A 1 62  ? 2.911   -7.627  5.310   1.00 7.06  ? 63   HIS A CA  1 
ATOM   467  C  C   . HIS A 1 62  ? 2.270   -6.943  6.529   1.00 7.77  ? 63   HIS A C   1 
ATOM   468  O  O   . HIS A 1 62  ? 1.257   -7.440  7.044   1.00 10.57 ? 63   HIS A O   1 
ATOM   469  C  CB  . HIS A 1 62  ? 2.392   -7.046  4.005   1.00 6.65  ? 63   HIS A CB  1 
ATOM   470  C  CG  . HIS A 1 62  ? 3.229   -7.399  2.808   1.00 7.08  ? 63   HIS A CG  1 
ATOM   471  N  ND1 . HIS A 1 62  ? 3.334   -6.585  1.703   1.00 8.53  ? 63   HIS A ND1 1 
ATOM   472  C  CD2 . HIS A 1 62  ? 4.058   -8.448  2.574   1.00 8.09  ? 63   HIS A CD2 1 
ATOM   473  C  CE1 . HIS A 1 62  ? 4.143   -7.146  0.821   1.00 7.55  ? 63   HIS A CE1 1 
ATOM   474  N  NE2 . HIS A 1 62  ? 4.608   -8.268  1.325   1.00 8.47  ? 63   HIS A NE2 1 
ATOM   475  N  N   . ARG A 1 63  ? 2.861   -5.842  6.942   1.00 7.17  ? 64   ARG A N   1 
ATOM   476  C  CA  . ARG A 1 63  ? 2.490   -5.145  8.151   1.00 7.43  ? 64   ARG A CA  1 
ATOM   477  C  C   . ARG A 1 63  ? 1.506   -4.059  7.831   1.00 7.91  ? 64   ARG A C   1 
ATOM   478  O  O   . ARG A 1 63  ? 1.873   -3.038  7.292   1.00 12.04 ? 64   ARG A O   1 
ATOM   479  C  CB  . ARG A 1 63  ? 3.742   -4.532  8.770   1.00 9.34  ? 64   ARG A CB  1 
ATOM   480  C  CG  . ARG A 1 63  ? 3.576   -4.001  10.168  1.00 9.02  ? 64   ARG A CG  1 
ATOM   481  C  CD  . ARG A 1 63  ? 3.338   -5.074  11.202  1.00 11.11 ? 64   ARG A CD  1 
ATOM   482  N  NE  . ARG A 1 63  ? 3.395   -4.462  12.529  1.00 12.12 ? 64   ARG A NE  1 
ATOM   483  C  CZ  . ARG A 1 63  ? 2.380   -3.890  13.148  1.00 10.85 ? 64   ARG A CZ  1 
ATOM   484  N  NH1 . ARG A 1 63  ? 1.146   -3.952  12.676  1.00 10.74 ? 64   ARG A NH1 1 
ATOM   485  N  NH2 . ARG A 1 63  ? 2.580   -3.291  14.295  1.00 12.69 ? 64   ARG A NH2 1 
ATOM   486  N  N   . VAL A 1 64  ? 0.248   -4.258  8.198   1.00 8.49  ? 65   VAL A N   1 
ATOM   487  C  CA  . VAL A 1 64  ? -0.811  -3.280  7.920   1.00 8.40  ? 65   VAL A CA  1 
ATOM   488  C  C   . VAL A 1 64  ? -1.253  -2.594  9.204   1.00 10.83 ? 65   VAL A C   1 
ATOM   489  O  O   . VAL A 1 64  ? -1.387  -3.243  10.241  1.00 12.00 ? 65   VAL A O   1 
ATOM   490  C  CB  . VAL A 1 64  ? -1.994  -3.917  7.203   1.00 9.86  ? 65   VAL A CB  1 
ATOM   491  C  CG1 . VAL A 1 64  ? -1.577  -4.474  5.806   1.00 9.90  ? 65   VAL A CG1 1 
ATOM   492  C  CG2 . VAL A 1 64  ? -2.641  -5.026  8.072   1.00 10.71 ? 65   VAL A CG2 1 
ATOM   493  N  N   . LYS A 1 65  ? -1.496  -1.290  9.107   1.00 9.38  ? 66   LYS A N   1 
ATOM   494  C  CA  . LYS A 1 65  ? -1.890  -0.467  10.217  1.00 8.40  ? 66   LYS A CA  1 
ATOM   495  C  C   . LYS A 1 65  ? -3.064  0.402   9.803   1.00 8.29  ? 66   LYS A C   1 
ATOM   496  O  O   . LYS A 1 65  ? -3.136  0.945   8.690   1.00 9.08  ? 66   LYS A O   1 
ATOM   497  C  CB  . LYS A 1 65  ? -0.748  0.416   10.651  1.00 10.58 ? 66   LYS A CB  1 
ATOM   498  C  CG  . LYS A 1 65  ? 0.462   -0.374  11.138  1.00 11.70 ? 66   LYS A CG  1 
ATOM   499  C  CD  . LYS A 1 65  ? 1.499   0.520   11.825  1.00 15.06 ? 66   LYS A CD  1 
ATOM   500  C  CE  . LYS A 1 65  ? 2.624   -0.276  12.372  1.00 14.86 ? 66   LYS A CE  1 
ATOM   501  N  NZ  . LYS A 1 65  ? 3.434   0.545   13.354  1.00 18.28 ? 66   LYS A NZ  1 
ATOM   502  N  N   . SER A 1 66  ? -4.026  0.542   10.711  1.00 10.09 ? 67   SER A N   1 
ATOM   503  C  CA  . SER A 1 66  ? -5.271  1.284   10.446  1.00 9.89  ? 67   SER A CA  1 
ATOM   504  C  C   . SER A 1 66  ? -4.991  2.759   10.215  1.00 10.81 ? 67   SER A C   1 
ATOM   505  O  O   . SER A 1 66  ? -4.305  3.377   10.994  1.00 11.75 ? 67   SER A O   1 
ATOM   506  C  CB  . SER A 1 66  ? -6.176  1.129   11.639  1.00 11.91 ? 67   SER A CB  1 
ATOM   507  O  OG  . SER A 1 66  ? -7.252  2.070   11.570  1.00 12.92 ? 67   SER A OG  1 
ATOM   508  N  N   . ILE A 1 67  ? -5.544  3.291   9.127   1.00 10.36 ? 68   ILE A N   1 
ATOM   509  C  CA  . ILE A 1 67  ? -5.395  4.723   8.853   1.00 12.07 ? 68   ILE A CA  1 
ATOM   510  C  C   . ILE A 1 67  ? -5.966  5.592   9.965   1.00 14.57 ? 68   ILE A C   1 
ATOM   511  O  O   . ILE A 1 67  ? -5.322  6.554   10.401  1.00 15.53 ? 68   ILE A O   1 
ATOM   512  C  CB  . ILE A 1 67  ? -6.003  5.089   7.485   1.00 10.57 ? 68   ILE A CB  1 
ATOM   513  C  CG1 . ILE A 1 67  ? -5.189  4.423   6.353   1.00 12.17 ? 68   ILE A CG1 1 
ATOM   514  C  CG2 . ILE A 1 67  ? -6.081  6.612   7.298   1.00 13.32 ? 68   ILE A CG2 1 
ATOM   515  C  CD1 . ILE A 1 67  ? -5.758  4.593   5.000   1.00 13.55 ? 68   ILE A CD1 1 
ATOM   516  N  N   . SER A 1 68  ? -7.134  5.212   10.443  1.00 14.12 ? 69   SER A N   1 
ATOM   517  C  CA  . SER A 1 68  ? -7.856  6.061   11.421  1.00 16.23 ? 69   SER A CA  1 
ATOM   518  C  C   . SER A 1 68  ? -7.481  5.796   12.870  1.00 15.44 ? 69   SER A C   1 
ATOM   519  O  O   . SER A 1 68  ? -7.676  6.677   13.718  1.00 17.73 ? 69   SER A O   1 
ATOM   520  C  CB  . SER A 1 68  ? -9.340  5.867   11.256  1.00 18.22 ? 69   SER A CB  1 
ATOM   521  O  OG  . SER A 1 68  ? -9.685  4.558   11.561  1.00 18.18 ? 69   SER A OG  1 
ATOM   522  N  N   . MET A 1 69  ? -6.922  4.624   13.191  1.00 13.36 ? 70   MET A N   1 
ATOM   523  C  CA  . MET A 1 69  ? -6.736  4.281   14.578  1.00 14.63 ? 70   MET A CA  1 
ATOM   524  C  C   . MET A 1 69  ? -5.287  4.200   15.042  1.00 16.42 ? 70   MET A C   1 
ATOM   525  O  O   . MET A 1 69  ? -5.010  4.159   16.240  1.00 21.39 ? 70   MET A O   1 
ATOM   526  C  CB  . MET A 1 69  ? -7.489  2.975   14.847  1.00 16.40 ? 70   MET A CB  1 
ATOM   527  C  CG  . MET A 1 69  ? -8.961  2.956   14.178  1.00 20.53 ? 70   MET A CG  1 
ATOM   528  S  SD  . MET A 1 69  ? -10.078 1.617   14.690  1.00 20.33 ? 70   MET A SD  1 
ATOM   529  C  CE  . MET A 1 69  ? -9.678  2.058   16.205  1.00 12.39 ? 70   MET A CE  1 
ATOM   530  N  N   . THR A 1 70  ? -4.337  4.186   14.119  1.00 13.78 ? 71   THR A N   1 
ATOM   531  C  CA  . THR A 1 70  ? -2.926  4.070   14.515  1.00 15.19 ? 71   THR A CA  1 
ATOM   532  C  C   . THR A 1 70  ? -2.367  5.438   14.864  1.00 16.72 ? 71   THR A C   1 
ATOM   533  O  O   . THR A 1 70  ? -2.679  6.439   14.226  1.00 15.94 ? 71   THR A O   1 
ATOM   534  C  CB  . THR A 1 70  ? -2.098  3.479   13.349  1.00 12.52 ? 71   THR A CB  1 
ATOM   535  O  OG1 . THR A 1 70  ? -2.684  2.249   12.938  1.00 14.11 ? 71   THR A OG1 1 
ATOM   536  C  CG2 . THR A 1 70  ? -0.646  3.255   13.715  1.00 15.94 ? 71   THR A CG2 1 
ATOM   537  N  N   . THR A 1 71  ? -1.494  5.464   15.864  1.00 14.27 ? 72   THR A N   1 
ATOM   538  C  CA  . THR A 1 71  ? -0.695  6.649   16.112  1.00 16.98 ? 72   THR A CA  1 
ATOM   539  C  C   . THR A 1 71  ? 0.605   6.441   15.349  1.00 15.69 ? 72   THR A C   1 
ATOM   540  O  O   . THR A 1 71  ? 1.512   5.742   15.825  1.00 18.74 ? 72   THR A O   1 
ATOM   541  C  CB  . THR A 1 71  ? -0.442  6.858   17.594  1.00 19.09 ? 72   THR A CB  1 
ATOM   542  O  OG1 . THR A 1 71  ? -1.701  6.929   18.273  1.00 21.39 ? 72   THR A OG1 1 
ATOM   543  C  CG2 . THR A 1 71  ? 0.321   8.151   17.825  1.00 21.15 ? 72   THR A CG2 1 
ATOM   544  N  N   . PHE A 1 72  ? 0.654   6.961   14.121  1.00 15.12 ? 73   PHE A N   1 
ATOM   545  C  CA  . PHE A 1 72  ? 1.854   6.806   13.283  1.00 14.59 ? 73   PHE A CA  1 
ATOM   546  C  C   . PHE A 1 72  ? 2.977   7.644   13.847  1.00 14.88 ? 73   PHE A C   1 
ATOM   547  O  O   . PHE A 1 72  ? 2.750   8.724   14.397  1.00 17.13 ? 73   PHE A O   1 
ATOM   548  C  CB  . PHE A 1 72  ? 1.569   7.220   11.847  1.00 14.65 ? 73   PHE A CB  1 
ATOM   549  C  CG  . PHE A 1 72  ? 0.684   6.263   11.121  1.00 13.55 ? 73   PHE A CG  1 
ATOM   550  C  CD1 . PHE A 1 72  ? 1.158   5.034   10.699  1.00 14.75 ? 73   PHE A CD1 1 
ATOM   551  C  CD2 . PHE A 1 72  ? -0.636  6.560   10.891  1.00 13.52 ? 73   PHE A CD2 1 
ATOM   552  C  CE1 . PHE A 1 72  ? 0.327   4.155   10.041  1.00 14.76 ? 73   PHE A CE1 1 
ATOM   553  C  CE2 . PHE A 1 72  ? -1.458  5.676   10.277  1.00 15.22 ? 73   PHE A CE2 1 
ATOM   554  C  CZ  . PHE A 1 72  ? -0.970  4.460   9.824   1.00 13.65 ? 73   PHE A CZ  1 
ATOM   555  N  N   . THR A 1 73  ? 4.197   7.162   13.735  1.00 13.94 ? 74   THR A N   1 
ATOM   556  C  CA  . THR A 1 73  ? 5.373   7.946   14.104  1.00 13.52 ? 74   THR A CA  1 
ATOM   557  C  C   . THR A 1 73  ? 5.857   8.857   12.960  1.00 11.72 ? 74   THR A C   1 
ATOM   558  O  O   . THR A 1 73  ? 5.483   8.681   11.792  1.00 11.21 ? 74   THR A O   1 
ATOM   559  C  CB  . THR A 1 73  ? 6.529   7.042   14.471  1.00 14.68 ? 74   THR A CB  1 
ATOM   560  O  OG1 . THR A 1 73  ? 6.945   6.328   13.299  1.00 13.85 ? 74   THR A OG1 1 
ATOM   561  C  CG2 . THR A 1 73  ? 6.109   6.053   15.560  1.00 13.86 ? 74   THR A CG2 1 
ATOM   562  N  N   . GLN A 1 74  ? 6.703   9.842   13.273  1.00 12.43 ? 75   GLN A N   1 
ATOM   563  C  CA  . GLN A 1 74  ? 7.296   10.672  12.257  1.00 11.91 ? 75   GLN A CA  1 
ATOM   564  C  C   . GLN A 1 74  ? 8.011   9.852   11.200  1.00 10.30 ? 75   GLN A C   1 
ATOM   565  O  O   . GLN A 1 74  ? 7.885   10.117  10.001  1.00 12.66 ? 75   GLN A O   1 
ATOM   566  C  CB  . GLN A 1 74  ? 8.261   11.662  12.930  1.00 14.00 ? 75   GLN A CB  1 
ATOM   567  C  CG  . GLN A 1 74  ? 8.864   12.679  11.992  1.00 18.80 ? 75   GLN A CG  1 
ATOM   568  C  CD  . GLN A 1 74  ? 7.911   13.810  11.580  1.00 23.82 ? 75   GLN A CD  1 
ATOM   569  O  OE1 . GLN A 1 74  ? 7.016   14.220  12.355  1.00 24.38 ? 75   GLN A OE1 1 
ATOM   570  N  NE2 . GLN A 1 74  ? 8.105   14.331  10.363  1.00 25.75 ? 75   GLN A NE2 1 
ATOM   571  N  N   . GLN A 1 75  ? 8.752   8.826   11.663  1.00 12.35 ? 76   GLN A N   1 
ATOM   572  C  CA  . GLN A 1 75  ? 9.473   7.916   10.740  1.00 12.81 ? 76   GLN A CA  1 
ATOM   573  C  C   . GLN A 1 75  ? 8.501   7.232   9.758   1.00 11.88 ? 76   GLN A C   1 
ATOM   574  O  O   . GLN A 1 75  ? 8.726   7.157   8.546   1.00 11.62 ? 76   GLN A O   1 
ATOM   575  C  CB  . GLN A 1 75  ? 10.241  6.864   11.555  1.00 14.05 ? 76   GLN A CB  1 
ATOM   576  C  CG  . GLN A 1 75  ? 11.536  7.346   12.172  1.00 17.27 ? 76   GLN A CG  1 
ATOM   577  C  CD  . GLN A 1 75  ? 12.085  6.306   13.131  1.00 19.56 ? 76   GLN A CD  1 
ATOM   578  O  OE1 . GLN A 1 75  ? 13.111  5.667   12.840  1.00 19.48 ? 76   GLN A OE1 1 
ATOM   579  N  NE2 . GLN A 1 75  ? 11.402  6.096   14.248  1.00 21.64 ? 76   GLN A NE2 1 
ATOM   580  N  N   . GLU A 1 76  ? 7.405   6.735   10.274  1.00 10.69 ? 77   GLU A N   1 
ATOM   581  C  CA  . GLU A 1 76  ? 6.446   6.092   9.403   1.00 10.43 ? 77   GLU A CA  1 
ATOM   582  C  C   . GLU A 1 76  ? 5.815   7.050   8.390   1.00 11.40 ? 77   GLU A C   1 
ATOM   583  O  O   . GLU A 1 76  ? 5.687   6.734   7.198   1.00 11.33 ? 77   GLU A O   1 
ATOM   584  C  CB  . GLU A 1 76  ? 5.378   5.411   10.232  1.00 11.18 ? 77   GLU A CB  1 
ATOM   585  C  CG  . GLU A 1 76  ? 5.882   4.207   10.985  1.00 13.12 ? 77   GLU A CG  1 
ATOM   586  C  CD  . GLU A 1 76  ? 4.912   3.643   11.948  1.00 15.28 ? 77   GLU A CD  1 
ATOM   587  O  OE1 . GLU A 1 76  ? 4.169   4.399   12.606  1.00 13.98 ? 77   GLU A OE1 1 
ATOM   588  O  OE2 . GLU A 1 76  ? 4.881   2.413   12.083  1.00 17.39 ? 77   GLU A OE2 1 
ATOM   589  N  N   . ILE A 1 77  ? 5.395   8.232   8.859   1.00 11.66 ? 78   ILE A N   1 
ATOM   590  C  CA  . ILE A 1 77  ? 4.810   9.237   7.983   1.00 10.30 ? 78   ILE A CA  1 
ATOM   591  C  C   . ILE A 1 77  ? 5.787   9.623   6.864   1.00 10.87 ? 78   ILE A C   1 
ATOM   592  O  O   . ILE A 1 77  ? 5.429   9.670   5.703   1.00 12.21 ? 78   ILE A O   1 
ATOM   593  C  CB  . ILE A 1 77  ? 4.377   10.467  8.791   1.00 11.46 ? 78   ILE A CB  1 
ATOM   594  C  CG1 . ILE A 1 77  ? 3.217   10.092  9.727   1.00 12.77 ? 78   ILE A CG1 1 
ATOM   595  C  CG2 . ILE A 1 77  ? 4.074   11.649  7.836   1.00 14.19 ? 78   ILE A CG2 1 
ATOM   596  C  CD1 . ILE A 1 77  ? 1.895   9.741   9.030   1.00 14.87 ? 78   ILE A CD1 1 
ATOM   597  N  N   . GLU A 1 78  ? 7.051   9.824   7.215   1.00 11.29 ? 79   GLU A N   1 
ATOM   598  C  CA  . GLU A 1 78  ? 8.041   10.179  6.193   1.00 13.83 ? 79   GLU A CA  1 
ATOM   599  C  C   . GLU A 1 78  ? 8.304   9.055   5.201   1.00 11.45 ? 79   GLU A C   1 
ATOM   600  O  O   . GLU A 1 78  ? 8.470   9.304   4.009   1.00 13.25 ? 79   GLU A O   1 
ATOM   601  C  CB  . GLU A 1 78  ? 9.334   10.637  6.823   1.00 14.26 ? 79   GLU A CB  1 
ATOM   602  C  CG  . GLU A 1 78  ? 9.156   11.969  7.578   1.00 18.41 ? 79   GLU A CG  1 
ATOM   603  C  CD  . GLU A 1 78  ? 10.390  12.523  8.184   1.00 22.29 ? 79   GLU A CD  1 
ATOM   604  O  OE1 . GLU A 1 78  ? 11.447  11.880  8.126   1.00 27.31 ? 79   GLU A OE1 1 
ATOM   605  O  OE2 . GLU A 1 78  ? 10.295  13.621  8.740   1.00 24.01 ? 79   GLU A OE2 1 
ATOM   606  N  N   . PHE A 1 79  ? 8.297   7.815   5.677   1.00 11.15 ? 80   PHE A N   1 
ATOM   607  C  CA  . PHE A 1 79  ? 8.399   6.693   4.758   1.00 10.95 ? 80   PHE A CA  1 
ATOM   608  C  C   . PHE A 1 79  ? 7.256   6.701   3.756   1.00 11.66 ? 80   PHE A C   1 
ATOM   609  O  O   . PHE A 1 79  ? 7.420   6.505   2.570   1.00 12.50 ? 80   PHE A O   1 
ATOM   610  C  CB  . PHE A 1 79  ? 8.423   5.375   5.559   1.00 12.00 ? 80   PHE A CB  1 
ATOM   611  C  CG  . PHE A 1 79  ? 8.512   4.157   4.693   1.00 12.42 ? 80   PHE A CG  1 
ATOM   612  C  CD1 . PHE A 1 79  ? 9.737   3.819   4.131   1.00 14.11 ? 80   PHE A CD1 1 
ATOM   613  C  CD2 . PHE A 1 79  ? 7.396   3.394   4.377   1.00 15.86 ? 80   PHE A CD2 1 
ATOM   614  C  CE1 . PHE A 1 79  ? 9.874   2.710   3.319   1.00 16.07 ? 80   PHE A CE1 1 
ATOM   615  C  CE2 . PHE A 1 79  ? 7.545   2.271   3.531   1.00 14.07 ? 80   PHE A CE2 1 
ATOM   616  C  CZ  . PHE A 1 79  ? 8.800   1.968   3.007   1.00 13.21 ? 80   PHE A CZ  1 
ATOM   617  N  N   . LEU A 1 80  ? 6.046   6.910   4.250   1.00 10.78 ? 81   LEU A N   1 
ATOM   618  C  CA  . LEU A 1 80  ? 4.882   6.950   3.390   1.00 9.43  ? 81   LEU A CA  1 
ATOM   619  C  C   . LEU A 1 80  ? 4.943   8.099   2.377   1.00 10.75 ? 81   LEU A C   1 
ATOM   620  O  O   . LEU A 1 80  ? 4.525   7.951   1.250   1.00 11.45 ? 81   LEU A O   1 
ATOM   621  C  CB  . LEU A 1 80  ? 3.612   7.063   4.236   1.00 10.55 ? 81   LEU A CB  1 
ATOM   622  C  CG  . LEU A 1 80  ? 3.230   5.820   5.019   1.00 12.23 ? 81   LEU A CG  1 
ATOM   623  C  CD1 . LEU A 1 80  ? 2.135   6.097   6.067   1.00 12.04 ? 81   LEU A CD1 1 
ATOM   624  C  CD2 . LEU A 1 80  ? 2.814   4.675   4.106   1.00 12.82 ? 81   LEU A CD2 1 
ATOM   625  N  N   . GLN A 1 81  ? 5.471   9.239   2.808   1.00 11.61 ? 82   GLN A N   1 
ATOM   626  C  CA  . GLN A 1 81  ? 5.622   10.391  1.909   1.00 12.97 ? 82   GLN A CA  1 
ATOM   627  C  C   . GLN A 1 81  ? 6.549   10.068  0.757   1.00 13.90 ? 82   GLN A C   1 
ATOM   628  O  O   . GLN A 1 81  ? 6.354   10.565  -0.344  1.00 15.92 ? 82   GLN A O   1 
ATOM   629  C  CB  . GLN A 1 81  ? 6.167   11.589  2.662   1.00 13.32 ? 82   GLN A CB  1 
ATOM   630  C  CG  . GLN A 1 81  ? 5.118   12.189  3.580   1.00 15.33 ? 82   GLN A CG  1 
ATOM   631  C  CD  . GLN A 1 81  ? 5.644   13.389  4.315   1.00 16.84 ? 82   GLN A CD  1 
ATOM   632  O  OE1 . GLN A 1 81  ? 6.835   13.449  4.669   1.00 19.30 ? 82   GLN A OE1 1 
ATOM   633  N  NE2 . GLN A 1 81  ? 4.771   14.362  4.561   1.00 17.52 ? 82   GLN A NE2 1 
ATOM   634  N  N   . LYS A 1 82  ? 7.564   9.246   1.019   1.00 11.73 ? 83   LYS A N   1 
ATOM   635  C  CA  . LYS A 1 82  ? 8.527   8.833   -0.022  1.00 13.57 ? 83   LYS A CA  1 
ATOM   636  C  C   . LYS A 1 82  ? 8.025   7.665   -0.860  1.00 15.40 ? 83   LYS A C   1 
ATOM   637  O  O   . LYS A 1 82  ? 8.649   7.304   -1.873  1.00 16.14 ? 83   LYS A O   1 
ATOM   638  C  CB  . LYS A 1 82  ? 9.851   8.455   0.624   1.00 17.71 ? 83   LYS A CB  1 
ATOM   639  C  CG  . LYS A 1 82  ? 10.545  9.625   1.244   1.00 20.92 ? 83   LYS A CG  1 
ATOM   640  C  CD  . LYS A 1 82  ? 11.904  9.212   1.814   1.00 25.05 ? 83   LYS A CD  1 
ATOM   641  C  CE  . LYS A 1 82  ? 12.527  10.327  2.645   1.00 28.30 ? 83   LYS A CE  1 
ATOM   642  N  NZ  . LYS A 1 82  ? 12.169  10.254  4.101   1.00 32.02 ? 83   LYS A NZ  1 
ATOM   643  N  N   . HIS A 1 83  ? 6.917   7.054   -0.439  1.00 12.12 ? 84   HIS A N   1 
ATOM   644  C  CA  . HIS A 1 83  ? 6.319   5.930   -1.134  1.00 11.00 ? 84   HIS A CA  1 
ATOM   645  C  C   . HIS A 1 83  ? 4.897   6.289   -1.556  1.00 11.83 ? 84   HIS A C   1 
ATOM   646  O  O   . HIS A 1 83  ? 4.736   7.255   -2.319  1.00 12.95 ? 84   HIS A O   1 
ATOM   647  C  CB  . HIS A 1 83  ? 6.462   4.642   -0.285  1.00 11.09 ? 84   HIS A CB  1 
ATOM   648  C  CG  . HIS A 1 83  ? 7.875   4.221   -0.136  1.00 11.36 ? 84   HIS A CG  1 
ATOM   649  N  ND1 . HIS A 1 83  ? 8.728   4.814   0.764   1.00 12.22 ? 84   HIS A ND1 1 
ATOM   650  C  CD2 . HIS A 1 83  ? 8.623   3.373   -0.883  1.00 13.73 ? 84   HIS A CD2 1 
ATOM   651  C  CE1 . HIS A 1 83  ? 9.934   4.280   0.616   1.00 15.60 ? 84   HIS A CE1 1 
ATOM   652  N  NE2 . HIS A 1 83  ? 9.896   3.424   -0.388  1.00 15.90 ? 84   HIS A NE2 1 
ATOM   653  N  N   . GLY A 1 84  ? 3.869   5.593   -1.071  1.00 9.80  ? 85   GLY A N   1 
ATOM   654  C  CA  . GLY A 1 84  ? 2.527   5.748   -1.634  1.00 10.18 ? 85   GLY A CA  1 
ATOM   655  C  C   . GLY A 1 84  ? 2.282   4.970   -2.881  1.00 10.41 ? 85   GLY A C   1 
ATOM   656  O  O   . GLY A 1 84  ? 3.219   4.351   -3.420  1.00 10.64 ? 85   GLY A O   1 
ATOM   657  N  N   . ASN A 1 85  ? 1.043   5.005   -3.362  1.00 9.67  ? 86   ASN A N   1 
ATOM   658  C  CA  . ASN A 1 85  ? 0.594   4.106   -4.399  1.00 10.59 ? 86   ASN A CA  1 
ATOM   659  C  C   . ASN A 1 85  ? 1.174   4.381   -5.765  1.00 11.22 ? 86   ASN A C   1 
ATOM   660  O  O   . ASN A 1 85  ? 1.317   3.448   -6.539  1.00 11.30 ? 86   ASN A O   1 
ATOM   661  C  CB  . ASN A 1 85  ? -0.938  4.015   -4.465  1.00 9.37  ? 86   ASN A CB  1 
ATOM   662  C  CG  . ASN A 1 85  ? -1.523  3.305   -3.256  1.00 11.47 ? 86   ASN A CG  1 
ATOM   663  O  OD1 . ASN A 1 85  ? -0.775  2.831   -2.393  1.00 10.30 ? 86   ASN A OD1 1 
ATOM   664  N  ND2 . ASN A 1 85  ? -2.866  3.206   -3.182  1.00 10.64 ? 86   ASN A ND2 1 
ATOM   665  N  N   . GLU A 1 86  ? 1.531   5.621   -6.049  1.00 12.25 ? 87   GLU A N   1 
ATOM   666  C  CA  . GLU A 1 86  ? 2.147   5.903   -7.357  1.00 13.93 ? 87   GLU A CA  1 
ATOM   667  C  C   . GLU A 1 86  ? 3.571   5.363   -7.404  1.00 12.68 ? 87   GLU A C   1 
ATOM   668  O  O   . GLU A 1 86  ? 3.946   4.641   -8.364  1.00 12.52 ? 87   GLU A O   1 
ATOM   669  C  CB  . GLU A 1 86  ? 2.128   7.382   -7.684  1.00 14.52 ? 87   GLU A CB  1 
ATOM   670  C  CG  . GLU A 1 86  ? 2.659   7.683   -9.107  1.00 17.50 ? 87   GLU A CG  1 
ATOM   671  C  CD  . GLU A 1 86  ? 2.568   9.170   -9.433  1.00 26.57 ? 87   GLU A CD  1 
ATOM   672  O  OE1 . GLU A 1 86  ? 2.655   9.983   -8.485  1.00 30.92 ? 87   GLU A OE1 1 
ATOM   673  O  OE2 . GLU A 1 86  ? 2.430   9.515   -10.643 1.00 29.49 ? 87   GLU A OE2 1 
ATOM   674  N  N   . VAL A 1 87  ? 4.384   5.679   -6.395  1.00 10.69 ? 88   VAL A N   1 
ATOM   675  C  CA  . VAL A 1 87  ? 5.732   5.111   -6.285  1.00 11.11 ? 88   VAL A CA  1 
ATOM   676  C  C   . VAL A 1 87  ? 5.654   3.587   -6.288  1.00 10.30 ? 88   VAL A C   1 
ATOM   677  O  O   . VAL A 1 87  ? 6.402   2.904   -6.999  1.00 12.26 ? 88   VAL A O   1 
ATOM   678  C  CB  . VAL A 1 87  ? 6.448   5.610   -5.040  1.00 10.28 ? 88   VAL A CB  1 
ATOM   679  C  CG1 . VAL A 1 87  ? 7.727   4.810   -4.743  1.00 12.43 ? 88   VAL A CG1 1 
ATOM   680  C  CG2 . VAL A 1 87  ? 6.771   7.086   -5.189  1.00 14.42 ? 88   VAL A CG2 1 
ATOM   681  N  N   . CYS A 1 88  ? 4.760   3.003   -5.505  1.00 9.27  ? 89   CYS A N   1 
ATOM   682  C  CA  . CYS A 1 88  ? 4.640   1.542   -5.447  1.00 9.18  ? 89   CYS A CA  1 
ATOM   683  C  C   . CYS A 1 88  ? 4.227   0.954   -6.799  1.00 8.41  ? 89   CYS A C   1 
ATOM   684  O  O   . CYS A 1 88  ? 4.654   -0.150  -7.158  1.00 9.33  ? 89   CYS A O   1 
ATOM   685  C  CB  . CYS A 1 88  ? 3.656   1.096   -4.363  1.00 8.69  ? 89   CYS A CB  1 
ATOM   686  S  SG  . CYS A 1 88  ? 4.299   1.315   -2.665  1.00 11.18 ? 89   CYS A SG  1 
ATOM   687  N  N   . LYS A 1 89  ? 3.362   1.643   -7.544  1.00 8.43  ? 90   LYS A N   1 
ATOM   688  C  CA  . LYS A 1 89  ? 2.909   1.157   -8.869  1.00 10.10 ? 90   LYS A CA  1 
ATOM   689  C  C   . LYS A 1 89  ? 4.106   0.986   -9.803  1.00 9.93  ? 90   LYS A C   1 
ATOM   690  O  O   . LYS A 1 89  ? 4.213   0.002   -10.548 1.00 9.65  ? 90   LYS A O   1 
ATOM   691  C  CB  . LYS A 1 89  ? 1.926   2.152   -9.492  1.00 12.05 ? 90   LYS A CB  1 
ATOM   692  C  CG  . LYS A 1 89  ? 1.462   1.817   -10.889 1.00 14.34 ? 90   LYS A CG  1 
ATOM   693  C  CD  . LYS A 1 89  ? 0.602   2.977   -11.457 1.00 16.82 ? 90   LYS A CD  1 
ATOM   694  N  N   . GLN A 1 90  ? 5.010   1.955   -9.753  1.00 8.97  ? 91   GLN A N   1 
ATOM   695  C  CA  A GLN A 1 90  ? 6.158   1.933   -10.646 0.50 10.59 ? 91   GLN A CA  1 
ATOM   696  C  CA  B GLN A 1 90  ? 6.196   1.968   -10.617 0.50 11.05 ? 91   GLN A CA  1 
ATOM   697  C  C   . GLN A 1 90  ? 7.118   0.773   -10.338 1.00 10.91 ? 91   GLN A C   1 
ATOM   698  O  O   . GLN A 1 90  ? 7.862   0.313   -11.225 1.00 10.91 ? 91   GLN A O   1 
ATOM   699  C  CB  A GLN A 1 90  ? 6.880   3.268   -10.585 0.50 11.71 ? 91   GLN A CB  1 
ATOM   700  C  CB  B GLN A 1 90  ? 6.985   3.267   -10.414 0.50 11.44 ? 91   GLN A CB  1 
ATOM   701  C  CG  A GLN A 1 90  ? 6.006   4.449   -11.062 0.50 14.48 ? 91   GLN A CG  1 
ATOM   702  C  CG  B GLN A 1 90  ? 6.207   4.557   -10.782 0.50 13.69 ? 91   GLN A CG  1 
ATOM   703  C  CD  A GLN A 1 90  ? 5.568   4.292   -12.501 0.50 16.49 ? 91   GLN A CD  1 
ATOM   704  C  CD  B GLN A 1 90  ? 6.820   5.857   -10.223 0.50 15.86 ? 91   GLN A CD  1 
ATOM   705  O  OE1 A GLN A 1 90  ? 6.325   3.784   -13.323 0.50 23.00 ? 91   GLN A OE1 1 
ATOM   706  O  OE1 B GLN A 1 90  ? 7.815   5.849   -9.510  0.50 20.84 ? 91   GLN A OE1 1 
ATOM   707  N  NE2 A GLN A 1 90  ? 4.333   4.687   -12.807 0.50 23.90 ? 91   GLN A NE2 1 
ATOM   708  N  NE2 B GLN A 1 90  ? 6.202   6.989   -10.563 0.50 23.13 ? 91   GLN A NE2 1 
ATOM   709  N  N   . ILE A 1 91  ? 7.105   0.292   -9.099  1.00 8.59  ? 92   ILE A N   1 
ATOM   710  C  CA  . ILE A 1 91  ? 7.961   -0.813  -8.641  1.00 8.61  ? 92   ILE A CA  1 
ATOM   711  C  C   . ILE A 1 91  ? 7.225   -2.142  -8.823  1.00 6.95  ? 92   ILE A C   1 
ATOM   712  O  O   . ILE A 1 91  ? 7.533   -2.933  -9.713  1.00 9.63  ? 92   ILE A O   1 
ATOM   713  C  CB  . ILE A 1 91  ? 8.385   -0.601  -7.153  1.00 10.19 ? 92   ILE A CB  1 
ATOM   714  C  CG1 . ILE A 1 91  ? 9.221   0.676   -7.053  1.00 12.67 ? 92   ILE A CG1 1 
ATOM   715  C  CG2 . ILE A 1 91  ? 9.128   -1.842  -6.615  1.00 12.06 ? 92   ILE A CG2 1 
ATOM   716  C  CD1 . ILE A 1 91  ? 9.349   1.222   -5.603  1.00 11.65 ? 92   ILE A CD1 1 
ATOM   717  N  N   . TRP A 1 92  ? 6.211   -2.350  -8.011  1.00 7.76  ? 93   TRP A N   1 
ATOM   718  C  CA  . TRP A 1 92  ? 5.545   -3.648  -7.927  1.00 7.86  ? 93   TRP A CA  1 
ATOM   719  C  C   . TRP A 1 92  ? 4.652   -3.976  -9.139  1.00 6.78  ? 93   TRP A C   1 
ATOM   720  O  O   . TRP A 1 92  ? 4.352   -5.146  -9.404  1.00 8.86  ? 93   TRP A O   1 
ATOM   721  C  CB  . TRP A 1 92  ? 4.727   -3.723  -6.608  1.00 7.56  ? 93   TRP A CB  1 
ATOM   722  C  CG  . TRP A 1 92  ? 5.584   -3.495  -5.433  1.00 7.31  ? 93   TRP A CG  1 
ATOM   723  C  CD1 . TRP A 1 92  ? 5.679   -2.342  -4.702  1.00 8.72  ? 93   TRP A CD1 1 
ATOM   724  C  CD2 . TRP A 1 92  ? 6.536   -4.408  -4.874  1.00 6.94  ? 93   TRP A CD2 1 
ATOM   725  N  NE1 . TRP A 1 92  ? 6.650   -2.475  -3.727  1.00 8.52  ? 93   TRP A NE1 1 
ATOM   726  C  CE2 . TRP A 1 92  ? 7.175   -3.739  -3.814  1.00 6.97  ? 93   TRP A CE2 1 
ATOM   727  C  CE3 . TRP A 1 92  ? 6.899   -5.730  -5.164  1.00 7.88  ? 93   TRP A CE3 1 
ATOM   728  C  CZ2 . TRP A 1 92  ? 8.198   -4.345  -3.054  1.00 10.11 ? 93   TRP A CZ2 1 
ATOM   729  C  CZ3 . TRP A 1 92  ? 7.868   -6.347  -4.393  1.00 7.59  ? 93   TRP A CZ3 1 
ATOM   730  C  CH2 . TRP A 1 92  ? 8.518   -5.639  -3.353  1.00 9.22  ? 93   TRP A CH2 1 
ATOM   731  N  N   . LEU A 1 93  ? 4.209   -2.925  -9.833  1.00 8.64  ? 94   LEU A N   1 
ATOM   732  C  CA  . LEU A 1 93  ? 3.389   -3.063  -11.012 1.00 7.20  ? 94   LEU A CA  1 
ATOM   733  C  C   . LEU A 1 93  ? 4.082   -2.359  -12.197 1.00 8.53  ? 94   LEU A C   1 
ATOM   734  O  O   . LEU A 1 93  ? 3.409   -1.985  -13.168 1.00 8.30  ? 94   LEU A O   1 
ATOM   735  C  CB  . LEU A 1 93  ? 1.983   -2.457  -10.807 1.00 9.76  ? 94   LEU A CB  1 
ATOM   736  C  CG  . LEU A 1 93  ? 1.158   -3.101  -9.715  1.00 9.90  ? 94   LEU A CG  1 
ATOM   737  C  CD1 . LEU A 1 93  ? -0.087  -2.269  -9.467  1.00 11.30 ? 94   LEU A CD1 1 
ATOM   738  C  CD2 . LEU A 1 93  ? 0.837   -4.558  -10.045 1.00 11.51 ? 94   LEU A CD2 1 
ATOM   739  N  N   . GLY A 1 94  ? 5.400   -2.214  -12.169 1.00 7.94  ? 95   GLY A N   1 
ATOM   740  C  CA  . GLY A 1 94  ? 6.088   -1.482  -13.245 1.00 7.99  ? 95   GLY A CA  1 
ATOM   741  C  C   . GLY A 1 94  ? 5.919   -2.116  -14.594 1.00 8.53  ? 95   GLY A C   1 
ATOM   742  O  O   . GLY A 1 94  ? 5.955   -1.403  -15.625 1.00 9.84  ? 95   GLY A O   1 
ATOM   743  N  N   . LEU A 1 95  ? 5.714   -3.422  -14.656 1.00 7.20  ? 96   LEU A N   1 
ATOM   744  C  CA  . LEU A 1 95  ? 5.520   -4.168  -15.943 1.00 8.53  ? 96   LEU A CA  1 
ATOM   745  C  C   . LEU A 1 95  ? 4.066   -4.550  -16.201 1.00 9.90  ? 96   LEU A C   1 
ATOM   746  O  O   . LEU A 1 95  ? 3.756   -5.161  -17.220 1.00 12.40 ? 96   LEU A O   1 
ATOM   747  C  CB  . LEU A 1 95  ? 6.442   -5.415  -15.997 1.00 8.55  ? 96   LEU A CB  1 
ATOM   748  C  CG  . LEU A 1 95  ? 7.897   -5.134  -15.704 1.00 8.40  ? 96   LEU A CG  1 
ATOM   749  C  CD1 . LEU A 1 95  ? 8.715   -6.447  -15.765 1.00 10.32 ? 96   LEU A CD1 1 
ATOM   750  C  CD2 . LEU A 1 95  ? 8.471   -4.049  -16.656 1.00 10.02 ? 96   LEU A CD2 1 
ATOM   751  N  N   . PHE A 1 96  ? 3.184   -4.248  -15.264 1.00 8.08  ? 97   PHE A N   1 
ATOM   752  C  CA  . PHE A 1 96  ? 1.749   -4.603  -15.328 1.00 9.06  ? 97   PHE A CA  1 
ATOM   753  C  C   . PHE A 1 96  ? 1.011   -3.696  -16.303 1.00 8.78  ? 97   PHE A C   1 
ATOM   754  O  O   . PHE A 1 96  ? 1.203   -2.496  -16.297 1.00 10.35 ? 97   PHE A O   1 
ATOM   755  C  CB  . PHE A 1 96  ? 1.177   -4.479  -13.907 1.00 9.90  ? 97   PHE A CB  1 
ATOM   756  C  CG  . PHE A 1 96  ? -0.212  -4.985  -13.704 1.00 9.76  ? 97   PHE A CG  1 
ATOM   757  C  CD1 . PHE A 1 96  ? -0.456  -6.242  -13.199 1.00 12.12 ? 97   PHE A CD1 1 
ATOM   758  C  CD2 . PHE A 1 96  ? -1.296  -4.171  -13.965 1.00 10.82 ? 97   PHE A CD2 1 
ATOM   759  C  CE1 . PHE A 1 96  ? -1.793  -6.696  -12.966 1.00 11.71 ? 97   PHE A CE1 1 
ATOM   760  C  CE2 . PHE A 1 96  ? -2.581  -4.609  -13.765 1.00 11.41 ? 97   PHE A CE2 1 
ATOM   761  C  CZ  . PHE A 1 96  ? -2.836  -5.856  -13.256 1.00 12.03 ? 97   PHE A CZ  1 
ATOM   762  N  N   . ASP A 1 97  ? 0.181   -4.314  -17.141 1.00 8.94  ? 98   ASP A N   1 
ATOM   763  C  CA  . ASP A 1 97  ? -0.683  -3.568  -18.049 1.00 8.04  ? 98   ASP A CA  1 
ATOM   764  C  C   . ASP A 1 97  ? -2.087  -3.510  -17.500 1.00 7.64  ? 98   ASP A C   1 
ATOM   765  O  O   . ASP A 1 97  ? -2.726  -4.534  -17.292 1.00 9.82  ? 98   ASP A O   1 
ATOM   766  C  CB  . ASP A 1 97  ? -0.663  -4.170  -19.419 1.00 9.39  ? 98   ASP A CB  1 
ATOM   767  C  CG  . ASP A 1 97  ? -1.276  -3.273  -20.426 1.00 11.05 ? 98   ASP A CG  1 
ATOM   768  O  OD1 . ASP A 1 97  ? -0.541  -2.522  -21.092 1.00 12.31 ? 98   ASP A OD1 1 
ATOM   769  O  OD2 . ASP A 1 97  ? -2.524  -3.222  -20.497 1.00 11.61 ? 98   ASP A OD2 1 
ATOM   770  N  N   . ASP A 1 98  ? -2.566  -2.292  -17.258 1.00 10.14 ? 99   ASP A N   1 
ATOM   771  C  CA  . ASP A 1 98  ? -3.882  -2.086  -16.635 1.00 11.98 ? 99   ASP A CA  1 
ATOM   772  C  C   . ASP A 1 98  ? -5.026  -2.554  -17.484 1.00 10.52 ? 99   ASP A C   1 
ATOM   773  O  O   . ASP A 1 98  ? -6.138  -2.729  -16.955 1.00 13.30 ? 99   ASP A O   1 
ATOM   774  C  CB  . ASP A 1 98  ? -4.077  -0.621  -16.330 1.00 11.75 ? 99   ASP A CB  1 
ATOM   775  C  CG  . ASP A 1 98  ? -3.139  -0.095  -15.239 1.00 18.09 ? 99   ASP A CG  1 
ATOM   776  O  OD1 . ASP A 1 98  ? -2.673  -0.880  -14.381 1.00 19.23 ? 99   ASP A OD1 1 
ATOM   777  O  OD2 . ASP A 1 98  ? -2.917  1.117   -15.252 1.00 24.28 ? 99   ASP A OD2 1 
ATOM   778  N  N   . ARG A 1 99  ? -4.804  -2.785  -18.780 1.00 10.26 ? 100  ARG A N   1 
ATOM   779  C  CA  . ARG A 1 99  ? -5.879  -3.292  -19.644 1.00 10.63 ? 100  ARG A CA  1 
ATOM   780  C  C   . ARG A 1 99  ? -6.033  -4.781  -19.579 1.00 11.27 ? 100  ARG A C   1 
ATOM   781  O  O   . ARG A 1 99  ? -7.118  -5.301  -19.759 1.00 12.44 ? 100  ARG A O   1 
ATOM   782  C  CB  . ARG A 1 99  ? -5.640  -2.890  -21.083 1.00 9.23  ? 100  ARG A CB  1 
ATOM   783  C  CG  . ARG A 1 99  ? -5.643  -1.411  -21.300 1.00 8.55  ? 100  ARG A CG  1 
ATOM   784  C  CD  . ARG A 1 99  ? -4.920  -0.960  -22.567 1.00 8.56  ? 100  ARG A CD  1 
ATOM   785  N  NE  . ARG A 1 99  ? -3.475  -1.184  -22.503 1.00 8.19  ? 100  ARG A NE  1 
ATOM   786  C  CZ  . ARG A 1 99  ? -2.605  -0.660  -23.342 1.00 10.63 ? 100  ARG A CZ  1 
ATOM   787  N  NH1 . ARG A 1 99  ? -2.989  0.145   -24.339 1.00 8.62  ? 100  ARG A NH1 1 
ATOM   788  N  NH2 . ARG A 1 99  ? -1.326  -0.905  -23.169 1.00 9.98  ? 100  ARG A NH2 1 
ATOM   789  N  N   . SER A 1 100 ? -4.942  -5.521  -19.373 1.00 13.02 ? 101  SER A N   1 
ATOM   790  C  CA  . SER A 1 100 ? -5.068  -6.979  -19.509 1.00 15.16 ? 101  SER A CA  1 
ATOM   791  C  C   . SER A 1 100 ? -4.172  -7.882  -18.701 1.00 15.71 ? 101  SER A C   1 
ATOM   792  O  O   . SER A 1 100 ? -4.278  -9.091  -18.811 1.00 16.20 ? 101  SER A O   1 
ATOM   793  C  CB  . SER A 1 100 ? -4.987  -7.368  -20.974 1.00 23.02 ? 101  SER A CB  1 
ATOM   794  O  OG  . SER A 1 100 ? -3.721  -7.070  -21.460 1.00 23.91 ? 101  SER A OG  1 
ATOM   795  N  N   . SER A 1 101 ? -3.338  -7.332  -17.836 1.00 11.89 ? 102  SER A N   1 
ATOM   796  C  CA  . SER A 1 101 ? -2.540  -8.196  -16.997 1.00 12.31 ? 102  SER A CA  1 
ATOM   797  C  C   . SER A 1 101 ? -3.400  -9.015  -16.046 1.00 14.88 ? 102  SER A C   1 
ATOM   798  O  O   . SER A 1 101 ? -4.528  -8.620  -15.751 1.00 14.90 ? 102  SER A O   1 
ATOM   799  C  CB  . SER A 1 101 ? -1.499  -7.422  -16.253 1.00 11.32 ? 102  SER A CB  1 
ATOM   800  O  OG  . SER A 1 101 ? -0.401  -7.089  -17.091 1.00 11.76 ? 102  SER A OG  1 
ATOM   801  N  N   . ALA A 1 102 ? -2.841  -10.127 -15.578 1.00 15.05 ? 103  ALA A N   1 
ATOM   802  C  CA  . ALA A 1 102 ? -3.597  -11.170 -14.888 1.00 15.69 ? 103  ALA A CA  1 
ATOM   803  C  C   . ALA A 1 102 ? -3.979  -10.678 -13.530 1.00 15.52 ? 103  ALA A C   1 
ATOM   804  O  O   . ALA A 1 102 ? -3.093  -10.378 -12.719 1.00 24.87 ? 103  ALA A O   1 
ATOM   805  C  CB  . ALA A 1 102 ? -2.746  -12.430 -14.771 1.00 19.44 ? 103  ALA A CB  1 
ATOM   806  N  N   . ILE A 1 103 ? -5.285  -10.588 -13.260 1.00 19.55 ? 104  ILE A N   1 
ATOM   807  C  CA  . ILE A 1 103 ? -5.808  -10.253 -11.915 1.00 17.58 ? 104  ILE A CA  1 
ATOM   808  C  C   . ILE A 1 103 ? -6.790  -11.313 -11.438 1.00 18.64 ? 104  ILE A C   1 
ATOM   809  O  O   . ILE A 1 103 ? -7.426  -12.004 -12.244 1.00 22.79 ? 104  ILE A O   1 
ATOM   810  C  CB  . ILE A 1 103 ? -6.445  -8.863  -11.855 1.00 21.11 ? 104  ILE A CB  1 
ATOM   811  C  CG1 . ILE A 1 103 ? -7.582  -8.719  -12.874 1.00 22.46 ? 104  ILE A CG1 1 
ATOM   812  C  CG2 . ILE A 1 103 ? -5.377  -7.844  -12.053 1.00 20.28 ? 104  ILE A CG2 1 
ATOM   813  C  CD1 . ILE A 1 103 ? -8.536  -7.677  -12.533 1.00 23.60 ? 104  ILE A CD1 1 
ATOM   814  N  N   . PRO A 1 104 ? -6.895  -11.470 -10.133 1.00 16.87 ? 105  PRO A N   1 
ATOM   815  C  CA  . PRO A 1 104 ? -7.825  -12.456 -9.596  1.00 17.22 ? 105  PRO A CA  1 
ATOM   816  C  C   . PRO A 1 104 ? -9.246  -11.907 -9.505  1.00 18.50 ? 105  PRO A C   1 
ATOM   817  O  O   . PRO A 1 104 ? -9.473  -10.705 -9.603  1.00 16.40 ? 105  PRO A O   1 
ATOM   818  C  CB  . PRO A 1 104 ? -7.285  -12.678 -8.179  1.00 17.31 ? 105  PRO A CB  1 
ATOM   819  C  CG  . PRO A 1 104 ? -6.742  -11.363 -7.818  1.00 14.41 ? 105  PRO A CG  1 
ATOM   820  C  CD  . PRO A 1 104 ? -6.154  -10.777 -9.069  1.00 16.09 ? 105  PRO A CD  1 
ATOM   821  N  N   . ASP A 1 105 ? -10.181 -12.827 -9.280  1.00 21.23 ? 106  ASP A N   1 
ATOM   822  C  CA  . ASP A 1 105 ? -11.471 -12.489 -8.749  1.00 21.77 ? 106  ASP A CA  1 
ATOM   823  C  C   . ASP A 1 105 ? -11.191 -12.147 -7.295  1.00 19.13 ? 106  ASP A C   1 
ATOM   824  O  O   . ASP A 1 105 ? -10.832 -13.048 -6.491  1.00 19.39 ? 106  ASP A O   1 
ATOM   825  C  CB  . ASP A 1 105 ? -12.428 -13.690 -8.857  1.00 25.47 ? 106  ASP A CB  1 
ATOM   826  C  CG  . ASP A 1 105 ? -13.778 -13.451 -8.180  1.00 27.93 ? 106  ASP A CG  1 
ATOM   827  O  OD1 . ASP A 1 105 ? -14.061 -12.348 -7.661  1.00 24.03 ? 106  ASP A OD1 1 
ATOM   828  O  OD2 . ASP A 1 105 ? -14.580 -14.411 -8.170  1.00 35.05 ? 106  ASP A OD2 1 
ATOM   829  N  N   . PHE A 1 106 ? -11.339 -10.878 -6.971  1.00 18.69 ? 107  PHE A N   1 
ATOM   830  C  CA  . PHE A 1 106 ? -11.054 -10.430 -5.617  1.00 19.78 ? 107  PHE A CA  1 
ATOM   831  C  C   . PHE A 1 106 ? -12.070 -10.914 -4.562  1.00 25.65 ? 107  PHE A C   1 
ATOM   832  O  O   . PHE A 1 106 ? -11.842 -10.746 -3.365  1.00 27.52 ? 107  PHE A O   1 
ATOM   833  C  CB  . PHE A 1 106 ? -10.855 -8.926  -5.592  1.00 21.32 ? 107  PHE A CB  1 
ATOM   834  C  CG  . PHE A 1 106 ? -9.499  -8.494  -6.164  1.00 21.55 ? 107  PHE A CG  1 
ATOM   835  C  CD1 . PHE A 1 106 ? -8.347  -8.567  -5.373  1.00 21.78 ? 107  PHE A CD1 1 
ATOM   836  C  CD2 . PHE A 1 106 ? -9.379  -8.052  -7.488  1.00 21.95 ? 107  PHE A CD2 1 
ATOM   837  C  CE1 . PHE A 1 106 ? -7.100  -8.196  -5.889  1.00 21.92 ? 107  PHE A CE1 1 
ATOM   838  C  CE2 . PHE A 1 106 ? -8.120  -7.668  -8.007  1.00 21.53 ? 107  PHE A CE2 1 
ATOM   839  C  CZ  . PHE A 1 106 ? -6.990  -7.762  -7.193  1.00 20.68 ? 107  PHE A CZ  1 
ATOM   840  N  N   . ARG A 1 107 ? -13.164 -11.540 -4.992  1.00 28.86 ? 108  ARG A N   1 
ATOM   841  C  CA  . ARG A 1 107 ? -14.112 -12.104 -4.021  1.00 28.76 ? 108  ARG A CA  1 
ATOM   842  C  C   . ARG A 1 107 ? -13.596 -13.429 -3.486  1.00 31.13 ? 108  ARG A C   1 
ATOM   843  O  O   . ARG A 1 107 ? -14.124 -13.939 -2.484  1.00 30.42 ? 108  ARG A O   1 
ATOM   844  C  CB  . ARG A 1 107 ? -15.513 -12.265 -4.649  1.00 27.96 ? 108  ARG A CB  1 
ATOM   845  N  N   . ASP A 1 108 ? -12.564 -13.978 -4.141  1.00 30.30 ? 109  ASP A N   1 
ATOM   846  C  CA  . ASP A 1 108 ? -11.949 -15.253 -3.780  1.00 30.67 ? 109  ASP A CA  1 
ATOM   847  C  C   . ASP A 1 108 ? -10.607 -15.052 -3.029  1.00 33.27 ? 109  ASP A C   1 
ATOM   848  O  O   . ASP A 1 108 ? -9.618  -14.638 -3.627  1.00 29.19 ? 109  ASP A O   1 
ATOM   849  C  CB  . ASP A 1 108 ? -11.720 -16.080 -5.052  1.00 33.45 ? 109  ASP A CB  1 
ATOM   850  C  CG  . ASP A 1 108 ? -11.299 -17.515 -4.764  1.00 36.71 ? 109  ASP A CG  1 
ATOM   851  O  OD1 . ASP A 1 108 ? -10.929 -17.820 -3.609  1.00 42.06 ? 109  ASP A OD1 1 
ATOM   852  O  OD2 . ASP A 1 108 ? -11.325 -18.337 -5.702  1.00 40.55 ? 109  ASP A OD2 1 
ATOM   853  N  N   . PRO A 1 109 ? -10.575 -15.322 -1.713  1.00 29.87 ? 110  PRO A N   1 
ATOM   854  C  CA  . PRO A 1 109 ? -9.298  -15.282 -0.949  1.00 30.05 ? 110  PRO A CA  1 
ATOM   855  C  C   . PRO A 1 109 ? -8.117  -16.150 -1.434  1.00 29.98 ? 110  PRO A C   1 
ATOM   856  O  O   . PRO A 1 109 ? -6.958  -15.707 -1.345  1.00 27.34 ? 110  PRO A O   1 
ATOM   857  C  CB  . PRO A 1 109 ? -9.742  -15.684 0.469   1.00 29.19 ? 110  PRO A CB  1 
ATOM   858  C  CG  . PRO A 1 109 ? -11.170 -15.215 0.541   1.00 30.25 ? 110  PRO A CG  1 
ATOM   859  C  CD  . PRO A 1 109 ? -11.718 -15.587 -0.818  1.00 30.96 ? 110  PRO A CD  1 
ATOM   860  N  N   . GLN A 1 110 ? -8.368  -17.344 -1.956  1.00 29.16 ? 111  GLN A N   1 
ATOM   861  C  CA  . GLN A 1 110 ? -7.286  -18.199 -2.459  1.00 29.16 ? 111  GLN A CA  1 
ATOM   862  C  C   . GLN A 1 110 ? -6.611  -17.589 -3.700  1.00 28.30 ? 111  GLN A C   1 
ATOM   863  O  O   . GLN A 1 110 ? -5.378  -17.634 -3.866  1.00 25.17 ? 111  GLN A O   1 
ATOM   864  C  CB  . GLN A 1 110 ? -7.805  -19.602 -2.799  1.00 32.31 ? 111  GLN A CB  1 
ATOM   865  N  N   . LYS A 1 111 ? -7.432  -17.025 -4.572  1.00 26.12 ? 112  LYS A N   1 
ATOM   866  C  CA  . LYS A 1 111 ? -6.917  -16.426 -5.774  1.00 24.79 ? 112  LYS A CA  1 
ATOM   867  C  C   . LYS A 1 111 ? -6.204  -15.096 -5.455  1.00 20.26 ? 112  LYS A C   1 
ATOM   868  O  O   . LYS A 1 111 ? -5.162  -14.794 -6.086  1.00 18.08 ? 112  LYS A O   1 
ATOM   869  C  CB  . LYS A 1 111 ? -8.037  -16.260 -6.815  1.00 27.05 ? 112  LYS A CB  1 
ATOM   870  C  CG  . LYS A 1 111 ? -8.630  -17.608 -7.253  1.00 29.52 ? 112  LYS A CG  1 
ATOM   871  C  CD  . LYS A 1 111 ? -7.586  -18.523 -7.831  1.00 28.69 ? 112  LYS A CD  1 
ATOM   872  N  N   . VAL A 1 112 ? -6.720  -14.349 -4.486  1.00 16.53 ? 113  VAL A N   1 
ATOM   873  C  CA  . VAL A 1 112 ? -6.084  -13.084 -4.088  1.00 15.87 ? 113  VAL A CA  1 
ATOM   874  C  C   . VAL A 1 112 ? -4.697  -13.404 -3.484  1.00 19.60 ? 113  VAL A C   1 
ATOM   875  O  O   . VAL A 1 112 ? -3.698  -12.782 -3.847  1.00 15.20 ? 113  VAL A O   1 
ATOM   876  C  CB  . VAL A 1 112 ? -6.952  -12.238 -3.149  1.00 18.14 ? 113  VAL A CB  1 
ATOM   877  C  CG1 . VAL A 1 112 ? -6.212  -11.023 -2.651  1.00 15.67 ? 113  VAL A CG1 1 
ATOM   878  C  CG2 . VAL A 1 112 ? -8.257  -11.787 -3.872  1.00 17.37 ? 113  VAL A CG2 1 
ATOM   879  N  N   . LYS A 1 113 ? -4.618  -14.417 -2.628  1.00 20.49 ? 114  LYS A N   1 
ATOM   880  C  CA  . LYS A 1 113 ? -3.310  -14.860 -2.108  1.00 20.46 ? 114  LYS A CA  1 
ATOM   881  C  C   . LYS A 1 113 ? -2.287  -15.138 -3.201  1.00 19.36 ? 114  LYS A C   1 
ATOM   882  O  O   . LYS A 1 113 ? -1.139  -14.637 -3.125  1.00 15.08 ? 114  LYS A O   1 
ATOM   883  C  CB  . LYS A 1 113 ? -3.443  -16.095 -1.201  1.00 22.20 ? 114  LYS A CB  1 
ATOM   884  C  CG  . LYS A 1 113 ? -2.077  -16.549 -0.621  1.00 22.09 ? 114  LYS A CG  1 
ATOM   885  C  CD  . LYS A 1 113 ? -2.236  -17.573 0.483   1.00 25.02 ? 114  LYS A CD  1 
ATOM   886  C  CE  . LYS A 1 113 ? -0.898  -17.813 1.165   1.00 27.12 ? 114  LYS A CE  1 
ATOM   887  N  NZ  . LYS A 1 113 ? -0.083  -18.754 0.397   1.00 34.57 ? 114  LYS A NZ  1 
ATOM   888  N  N   . GLU A 1 114 ? -2.660  -15.953 -4.188  1.00 17.27 ? 115  GLU A N   1 
ATOM   889  C  CA  . GLU A 1 114 ? -1.765  -16.365 -5.258  1.00 17.02 ? 115  GLU A CA  1 
ATOM   890  C  C   . GLU A 1 114 ? -1.301  -15.120 -6.025  1.00 13.35 ? 115  GLU A C   1 
ATOM   891  O  O   . GLU A 1 114 ? -0.136  -15.014 -6.390  1.00 14.17 ? 115  GLU A O   1 
ATOM   892  C  CB  . GLU A 1 114 ? -2.479  -17.337 -6.229  1.00 21.68 ? 115  GLU A CB  1 
ATOM   893  N  N   . PHE A 1 115 ? -2.226  -14.188 -6.240  1.00 14.14 ? 116  PHE A N   1 
ATOM   894  C  CA  . PHE A 1 115 ? -1.916  -12.920 -6.930  1.00 12.61 ? 116  PHE A CA  1 
ATOM   895  C  C   . PHE A 1 115 ? -0.920  -12.065 -6.147  1.00 10.74 ? 116  PHE A C   1 
ATOM   896  O  O   . PHE A 1 115 ? 0.072   -11.591 -6.693  1.00 10.87 ? 116  PHE A O   1 
ATOM   897  C  CB  . PHE A 1 115 ? -3.181  -12.145 -7.197  1.00 10.12 ? 116  PHE A CB  1 
ATOM   898  C  CG  . PHE A 1 115 ? -2.926  -10.727 -7.696  1.00 10.71 ? 116  PHE A CG  1 
ATOM   899  C  CD1 . PHE A 1 115 ? -2.438  -10.492 -8.976  1.00 12.14 ? 116  PHE A CD1 1 
ATOM   900  C  CD2 . PHE A 1 115 ? -3.185  -9.642  -6.898  1.00 11.67 ? 116  PHE A CD2 1 
ATOM   901  C  CE1 . PHE A 1 115 ? -2.225  -9.204  -9.420  1.00 11.24 ? 116  PHE A CE1 1 
ATOM   902  C  CE2 . PHE A 1 115 ? -2.942  -8.350  -7.344  1.00 13.40 ? 116  PHE A CE2 1 
ATOM   903  C  CZ  . PHE A 1 115 ? -2.464  -8.145  -8.621  1.00 11.83 ? 116  PHE A CZ  1 
ATOM   904  N  N   . LEU A 1 116 ? -1.147  -11.903 -4.854  1.00 10.65 ? 117  LEU A N   1 
ATOM   905  C  CA  . LEU A 1 116 ? -0.245  -11.144 -4.005  1.00 8.69  ? 117  LEU A CA  1 
ATOM   906  C  C   . LEU A 1 116 ? 1.139   -11.821 -3.924  1.00 8.67  ? 117  LEU A C   1 
ATOM   907  O  O   . LEU A 1 116 ? 2.167   -11.144 -3.898  1.00 8.92  ? 117  LEU A O   1 
ATOM   908  C  CB  . LEU A 1 116 ? -0.839  -10.941 -2.618  1.00 10.55 ? 117  LEU A CB  1 
ATOM   909  C  CG  . LEU A 1 116 ? -2.118  -10.158 -2.548  1.00 10.67 ? 117  LEU A CG  1 
ATOM   910  C  CD1 . LEU A 1 116 ? -2.658  -10.220 -1.089  1.00 12.55 ? 117  LEU A CD1 1 
ATOM   911  C  CD2 . LEU A 1 116 ? -1.958  -8.771  -2.976  1.00 11.77 ? 117  LEU A CD2 1 
ATOM   912  N  N   . GLN A 1 117 ? 1.182   -13.150 -3.911  1.00 10.14 ? 118  GLN A N   1 
ATOM   913  C  CA  . GLN A 1 117 ? 2.462   -13.865 -4.031  1.00 10.02 ? 118  GLN A CA  1 
ATOM   914  C  C   . GLN A 1 117 ? 3.190   -13.540 -5.327  1.00 7.65  ? 118  GLN A C   1 
ATOM   915  O  O   . GLN A 1 117 ? 4.396   -13.311 -5.323  1.00 9.09  ? 118  GLN A O   1 
ATOM   916  C  CB  . GLN A 1 117 ? 2.302   -15.365 -3.861  1.00 12.81 ? 118  GLN A CB  1 
ATOM   917  C  CG  . GLN A 1 117 ? 1.945   -15.751 -2.449  1.00 14.99 ? 118  GLN A CG  1 
ATOM   918  C  CD  . GLN A 1 117 ? 1.778   -17.238 -2.243  1.00 22.23 ? 118  GLN A CD  1 
ATOM   919  O  OE1 . GLN A 1 117 ? 1.794   -17.690 -1.098  1.00 25.88 ? 118  GLN A OE1 1 
ATOM   920  N  NE2 . GLN A 1 117 ? 1.608   -17.999 -3.316  1.00 25.96 ? 118  GLN A NE2 1 
ATOM   921  N  N   . GLU A 1 118 ? 2.443   -13.545 -6.436  1.00 10.05 ? 119  GLU A N   1 
ATOM   922  C  CA  . GLU A 1 118 ? 3.072   -13.206 -7.718  1.00 10.89 ? 119  GLU A CA  1 
ATOM   923  C  C   . GLU A 1 118 ? 3.560   -11.785 -7.719  1.00 8.91  ? 119  GLU A C   1 
ATOM   924  O  O   . GLU A 1 118 ? 4.626   -11.503 -8.246  1.00 8.70  ? 119  GLU A O   1 
ATOM   925  C  CB  . GLU A 1 118 ? 2.120   -13.495 -8.876  1.00 13.10 ? 119  GLU A CB  1 
ATOM   926  C  CG  . GLU A 1 118 ? 2.064   -14.989 -9.169  1.00 15.64 ? 119  GLU A CG  1 
ATOM   927  C  CD  . GLU A 1 118 ? 1.428   -15.326 -10.471 1.00 21.63 ? 119  GLU A CD  1 
ATOM   928  O  OE1 . GLU A 1 118 ? 0.747   -14.445 -11.057 1.00 24.30 ? 119  GLU A OE1 1 
ATOM   929  O  OE2 . GLU A 1 118 ? 1.577   -16.509 -10.854 1.00 28.96 ? 119  GLU A OE2 1 
ATOM   930  N  N   . LYS A 1 119 ? 2.826   -10.896 -7.066  1.00 8.87  ? 120  LYS A N   1 
ATOM   931  C  CA  . LYS A 1 119 ? 3.148   -9.463  -7.081  1.00 7.30  ? 120  LYS A CA  1 
ATOM   932  C  C   . LYS A 1 119 ? 4.405   -9.165  -6.254  1.00 7.38  ? 120  LYS A C   1 
ATOM   933  O  O   . LYS A 1 119 ? 5.318   -8.468  -6.700  1.00 8.42  ? 120  LYS A O   1 
ATOM   934  C  CB  . LYS A 1 119 ? 1.956   -8.631  -6.580  1.00 9.29  ? 120  LYS A CB  1 
ATOM   935  C  CG  . LYS A 1 119 ? 2.107   -7.156  -6.644  1.00 8.63  ? 120  LYS A CG  1 
ATOM   936  C  CD  . LYS A 1 119 ? 0.772   -6.462  -6.353  1.00 8.79  ? 120  LYS A CD  1 
ATOM   937  C  CE  . LYS A 1 119 ? 0.889   -4.961  -6.345  1.00 8.04  ? 120  LYS A CE  1 
ATOM   938  N  NZ  . LYS A 1 119 ? -0.444  -4.242  -6.107  1.00 9.21  ? 120  LYS A NZ  1 
ATOM   939  N  N   . TYR A 1 120 ? 4.406   -9.664  -5.018  1.00 7.47  ? 121  TYR A N   1 
ATOM   940  C  CA  . TYR A 1 120 ? 5.397   -9.257  -4.027  1.00 7.56  ? 121  TYR A CA  1 
ATOM   941  C  C   . TYR A 1 120 ? 6.525   -10.246 -3.824  1.00 7.79  ? 121  TYR A C   1 
ATOM   942  O  O   . TYR A 1 120 ? 7.632   -9.826  -3.540  1.00 9.18  ? 121  TYR A O   1 
ATOM   943  C  CB  . TYR A 1 120 ? 4.730   -8.950  -2.658  1.00 6.58  ? 121  TYR A CB  1 
ATOM   944  C  CG  . TYR A 1 120 ? 3.796   -7.765  -2.721  1.00 6.53  ? 121  TYR A CG  1 
ATOM   945  C  CD1 . TYR A 1 120 ? 4.271   -6.471  -2.885  1.00 7.29  ? 121  TYR A CD1 1 
ATOM   946  C  CD2 . TYR A 1 120 ? 2.437   -7.942  -2.657  1.00 8.10  ? 121  TYR A CD2 1 
ATOM   947  C  CE1 . TYR A 1 120 ? 3.396   -5.391  -2.978  1.00 8.16  ? 121  TYR A CE1 1 
ATOM   948  C  CE2 . TYR A 1 120 ? 1.568   -6.882  -2.738  1.00 7.23  ? 121  TYR A CE2 1 
ATOM   949  C  CZ  . TYR A 1 120 ? 2.057   -5.601  -2.907  1.00 8.43  ? 121  TYR A CZ  1 
ATOM   950  O  OH  . TYR A 1 120 ? 1.248   -4.489  -3.003  1.00 9.02  ? 121  TYR A OH  1 
ATOM   951  N  N   . GLU A 1 121 ? 6.233   -11.542 -3.936  1.00 7.74  ? 122  GLU A N   1 
ATOM   952  C  CA  . GLU A 1 121 ? 7.235   -12.586 -3.650  1.00 8.22  ? 122  GLU A CA  1 
ATOM   953  C  C   . GLU A 1 121 ? 7.955   -13.019 -4.921  1.00 8.91  ? 122  GLU A C   1 
ATOM   954  O  O   . GLU A 1 121 ? 9.197   -12.939 -5.020  1.00 10.95 ? 122  GLU A O   1 
ATOM   955  C  CB  . GLU A 1 121 ? 6.603   -13.778 -2.927  1.00 8.39  ? 122  GLU A CB  1 
ATOM   956  C  CG  . GLU A 1 121 ? 5.885   -13.416 -1.627  1.00 7.79  ? 122  GLU A CG  1 
ATOM   957  C  CD  . GLU A 1 121 ? 5.340   -14.590 -0.858  1.00 9.81  ? 122  GLU A CD  1 
ATOM   958  O  OE1 . GLU A 1 121 ? 5.429   -15.728 -1.343  1.00 10.65 ? 122  GLU A OE1 1 
ATOM   959  O  OE2 . GLU A 1 121 ? 4.833   -14.349 0.249   1.00 10.08 ? 122  GLU A OE2 1 
ATOM   960  N  N   . LYS A 1 122 ? 7.168   -13.433 -5.915  1.00 9.08  ? 123  LYS A N   1 
ATOM   961  C  CA  . LYS A 1 122 ? 7.740   -13.865 -7.187  1.00 11.20 ? 123  LYS A CA  1 
ATOM   962  C  C   . LYS A 1 122 ? 8.092   -12.684 -8.100  1.00 9.73  ? 123  LYS A C   1 
ATOM   963  O  O   . LYS A 1 122 ? 8.858   -12.866 -9.038  1.00 10.85 ? 123  LYS A O   1 
ATOM   964  C  CB  . LYS A 1 122 ? 6.800   -14.814 -7.880  1.00 11.15 ? 123  LYS A CB  1 
ATOM   965  C  CG  . LYS A 1 122 ? 6.501   -16.070 -7.037  1.00 14.79 ? 123  LYS A CG  1 
ATOM   966  C  CD  . LYS A 1 122 ? 5.513   -16.960 -7.680  1.00 18.52 ? 123  LYS A CD  1 
ATOM   967  C  CE  . LYS A 1 122 ? 5.186   -18.157 -6.810  1.00 22.14 ? 123  LYS A CE  1 
ATOM   968  N  NZ  . LYS A 1 122 ? 3.858   -18.725 -7.182  1.00 30.07 ? 123  LYS A NZ  1 
ATOM   969  N  N   . LYS A 1 123 ? 7.537   -11.497 -7.829  1.00 8.88  ? 124  LYS A N   1 
ATOM   970  C  CA  A LYS A 1 123 ? 7.915   -10.286 -8.543  0.50 9.19  ? 124  LYS A CA  1 
ATOM   971  C  CA  B LYS A 1 123 ? 7.906   -10.278 -8.529  0.50 9.71  ? 124  LYS A CA  1 
ATOM   972  C  C   . LYS A 1 123 ? 7.629   -10.388 -10.039 1.00 9.38  ? 124  LYS A C   1 
ATOM   973  O  O   . LYS A 1 123 ? 8.451   -9.988  -10.879 1.00 10.09 ? 124  LYS A O   1 
ATOM   974  C  CB  A LYS A 1 123 ? 9.377   -9.942  -8.233  0.50 9.88  ? 124  LYS A CB  1 
ATOM   975  C  CB  B LYS A 1 123 ? 9.357   -9.895  -8.173  0.50 10.78 ? 124  LYS A CB  1 
ATOM   976  C  CG  A LYS A 1 123 ? 9.490   -9.357  -6.875  0.50 8.59  ? 124  LYS A CG  1 
ATOM   977  C  CG  B LYS A 1 123 ? 9.458   -9.395  -6.745  0.50 10.41 ? 124  LYS A CG  1 
ATOM   978  C  CD  A LYS A 1 123 ? 10.901  -9.293  -6.385  0.50 8.42  ? 124  LYS A CD  1 
ATOM   979  C  CD  B LYS A 1 123 ? 10.884  -9.054  -6.336  0.50 10.26 ? 124  LYS A CD  1 
ATOM   980  C  CE  A LYS A 1 123 ? 10.924  -8.629  -5.025  0.50 8.92  ? 124  LYS A CE  1 
ATOM   981  C  CE  B LYS A 1 123 ? 10.948  -8.533  -4.902  0.50 10.78 ? 124  LYS A CE  1 
ATOM   982  N  NZ  A LYS A 1 123 ? 12.273  -8.682  -4.424  0.50 9.35  ? 124  LYS A NZ  1 
ATOM   983  N  NZ  B LYS A 1 123 ? 10.486  -9.533  -3.901  0.50 10.24 ? 124  LYS A NZ  1 
ATOM   984  N  N   . ARG A 1 124 ? 6.452   -10.852 -10.368 1.00 8.55  ? 125  ARG A N   1 
ATOM   985  C  CA  . ARG A 1 124 ? 6.094   -11.068 -11.763 1.00 8.38  ? 125  ARG A CA  1 
ATOM   986  C  C   . ARG A 1 124 ? 6.119   -9.761  -12.588 1.00 8.72  ? 125  ARG A C   1 
ATOM   987  O  O   . ARG A 1 124 ? 6.457   -9.816  -13.803 1.00 8.91  ? 125  ARG A O   1 
ATOM   988  C  CB  . ARG A 1 124 ? 4.713   -11.686 -11.842 1.00 8.66  ? 125  ARG A CB  1 
ATOM   989  C  CG  . ARG A 1 124 ? 4.199   -11.888 -13.271 1.00 9.12  ? 125  ARG A CG  1 
ATOM   990  C  CD  . ARG A 1 124 ? 3.019   -12.805 -13.254 1.00 11.20 ? 125  ARG A CD  1 
ATOM   991  N  NE  . ARG A 1 124 ? 2.474   -12.994 -14.596 1.00 12.36 ? 125  ARG A NE  1 
ATOM   992  C  CZ  . ARG A 1 124 ? 1.383   -13.694 -14.855 1.00 14.10 ? 125  ARG A CZ  1 
ATOM   993  N  NH1 . ARG A 1 124 ? 0.762   -14.324 -13.871 1.00 13.85 ? 125  ARG A NH1 1 
ATOM   994  N  NH2 . ARG A 1 124 ? 0.942   -13.799 -16.107 1.00 13.96 ? 125  ARG A NH2 1 
ATOM   995  N  N   . TRP A 1 125 ? 5.756   -8.627  -12.002 1.00 7.81  ? 126  TRP A N   1 
ATOM   996  C  CA  . TRP A 1 125 ? 5.597   -7.354  -12.755 1.00 8.17  ? 126  TRP A CA  1 
ATOM   997  C  C   . TRP A 1 125 ? 6.557   -6.295  -12.272 1.00 8.79  ? 126  TRP A C   1 
ATOM   998  O  O   . TRP A 1 125 ? 6.308   -5.100  -12.416 1.00 8.22  ? 126  TRP A O   1 
ATOM   999  C  CB  . TRP A 1 125 ? 4.144   -6.827  -12.621 1.00 8.35  ? 126  TRP A CB  1 
ATOM   1000 C  CG  . TRP A 1 125 ? 3.121   -7.791  -13.067 1.00 9.88  ? 126  TRP A CG  1 
ATOM   1001 C  CD1 . TRP A 1 125 ? 2.759   -8.069  -14.376 1.00 11.58 ? 126  TRP A CD1 1 
ATOM   1002 C  CD2 . TRP A 1 125 ? 2.294   -8.656  -12.252 1.00 10.33 ? 126  TRP A CD2 1 
ATOM   1003 N  NE1 . TRP A 1 125 ? 1.777   -9.021  -14.406 1.00 10.39 ? 126  TRP A NE1 1 
ATOM   1004 C  CE2 . TRP A 1 125 ? 1.478   -9.401  -13.112 1.00 10.14 ? 126  TRP A CE2 1 
ATOM   1005 C  CE3 . TRP A 1 125 ? 2.162   -8.847  -10.867 1.00 9.35  ? 126  TRP A CE3 1 
ATOM   1006 C  CZ2 . TRP A 1 125 ? 0.562   -10.335 -12.648 1.00 10.94 ? 126  TRP A CZ2 1 
ATOM   1007 C  CZ3 . TRP A 1 125 ? 1.252   -9.779  -10.418 1.00 11.84 ? 126  TRP A CZ3 1 
ATOM   1008 C  CH2 . TRP A 1 125 ? 0.460   -10.501 -11.299 1.00 10.54 ? 126  TRP A CH2 1 
ATOM   1009 N  N   . TYR A 1 126 ? 7.666   -6.728  -11.659 1.00 8.67  ? 127  TYR A N   1 
ATOM   1010 C  CA  . TYR A 1 126 ? 8.493   -5.872  -10.831 1.00 7.84  ? 127  TYR A CA  1 
ATOM   1011 C  C   . TYR A 1 126 ? 9.581   -5.144  -11.616 1.00 8.89  ? 127  TYR A C   1 
ATOM   1012 O  O   . TYR A 1 126 ? 10.269  -5.758  -12.451 1.00 11.34 ? 127  TYR A O   1 
ATOM   1013 C  CB  . TYR A 1 126 ? 9.141   -6.776  -9.777  1.00 10.73 ? 127  TYR A CB  1 
ATOM   1014 C  CG  . TYR A 1 126 ? 10.108  -6.162  -8.779  1.00 9.52  ? 127  TYR A CG  1 
ATOM   1015 C  CD1 . TYR A 1 126 ? 9.649   -5.600  -7.592  1.00 10.43 ? 127  TYR A CD1 1 
ATOM   1016 C  CD2 . TYR A 1 126 ? 11.482  -6.225  -8.969  1.00 10.87 ? 127  TYR A CD2 1 
ATOM   1017 C  CE1 . TYR A 1 126 ? 10.525  -5.073  -6.655  1.00 10.68 ? 127  TYR A CE1 1 
ATOM   1018 C  CE2 . TYR A 1 126 ? 12.340  -5.736  -8.052  1.00 10.37 ? 127  TYR A CE2 1 
ATOM   1019 C  CZ  . TYR A 1 126 ? 11.874  -5.156  -6.883  1.00 11.10 ? 127  TYR A CZ  1 
ATOM   1020 O  OH  . TYR A 1 126 ? 12.768  -4.688  -5.925  1.00 13.33 ? 127  TYR A OH  1 
ATOM   1021 N  N   . VAL A 1 127 ? 9.764   -3.861  -11.320 1.00 8.90  ? 128  VAL A N   1 
ATOM   1022 C  CA  . VAL A 1 127 ? 10.916  -3.072  -11.758 1.00 9.44  ? 128  VAL A CA  1 
ATOM   1023 C  C   . VAL A 1 127 ? 11.646  -2.588  -10.495 1.00 11.83 ? 128  VAL A C   1 
ATOM   1024 O  O   . VAL A 1 127 ? 11.016  -2.041  -9.595  1.00 11.33 ? 128  VAL A O   1 
ATOM   1025 C  CB  . VAL A 1 127 ? 10.471  -1.866  -12.603 1.00 10.06 ? 128  VAL A CB  1 
ATOM   1026 C  CG1 . VAL A 1 127 ? 11.693  -0.991  -12.986 1.00 14.22 ? 128  VAL A CG1 1 
ATOM   1027 C  CG2 . VAL A 1 127 ? 9.723   -2.329  -13.852 1.00 11.68 ? 128  VAL A CG2 1 
ATOM   1028 N  N   . PRO A 1 128 ? 12.958  -2.850  -10.401 1.00 13.15 ? 129  PRO A N   1 
ATOM   1029 C  CA  . PRO A 1 128 ? 13.668  -2.472  -9.169  1.00 13.69 ? 129  PRO A CA  1 
ATOM   1030 C  C   . PRO A 1 128 ? 13.551  -0.988  -8.865  1.00 14.64 ? 129  PRO A C   1 
ATOM   1031 O  O   . PRO A 1 128 ? 13.519  -0.160  -9.787  1.00 14.85 ? 129  PRO A O   1 
ATOM   1032 C  CB  . PRO A 1 128 ? 15.129  -2.843  -9.488  1.00 17.60 ? 129  PRO A CB  1 
ATOM   1033 C  CG  . PRO A 1 128 ? 15.066  -3.851  -10.506 1.00 18.37 ? 129  PRO A CG  1 
ATOM   1034 C  CD  . PRO A 1 128 ? 13.828  -3.581  -11.331 1.00 13.42 ? 129  PRO A CD  1 
ATOM   1035 N  N   . PRO A 1 129 ? 13.460  -0.631  -7.583  1.00 16.47 ? 130  PRO A N   1 
ATOM   1036 C  CA  . PRO A 1 129 ? 13.245  0.761   -7.234  1.00 17.37 ? 130  PRO A CA  1 
ATOM   1037 C  C   . PRO A 1 129 ? 14.195  1.790   -7.816  1.00 18.18 ? 130  PRO A C   1 
ATOM   1038 O  O   . PRO A 1 129 ? 13.758  2.884   -8.124  1.00 18.68 ? 130  PRO A O   1 
ATOM   1039 C  CB  . PRO A 1 129 ? 13.331  0.761   -5.696  1.00 18.30 ? 130  PRO A CB  1 
ATOM   1040 C  CG  . PRO A 1 129 ? 13.021  -0.601  -5.309  1.00 20.25 ? 130  PRO A CG  1 
ATOM   1041 C  CD  . PRO A 1 129 ? 13.404  -1.506  -6.402  1.00 17.37 ? 130  PRO A CD  1 
ATOM   1042 N  N   . GLU A 1 130 ? 15.464  1.434   -7.962  1.00 19.26 ? 131  GLU A N   1 
ATOM   1043 C  CA  . GLU A 1 130 ? 16.446  2.352   -8.547  1.00 23.65 ? 131  GLU A CA  1 
ATOM   1044 C  C   . GLU A 1 130 ? 16.094  2.712   -9.976  1.00 23.20 ? 131  GLU A C   1 
ATOM   1045 O  O   . GLU A 1 130 ? 16.192  3.877   -10.353 1.00 27.22 ? 131  GLU A O   1 
ATOM   1046 C  CB  . GLU A 1 130 ? 17.858  1.748   -8.490  1.00 21.97 ? 131  GLU A CB  1 
ATOM   1047 N  N   . GLN A 1 131 ? 15.683  1.714   -10.773 1.00 19.28 ? 132  GLN A N   1 
ATOM   1048 C  CA  . GLN A 1 131 ? 15.221  1.981   -12.139 1.00 18.83 ? 132  GLN A CA  1 
ATOM   1049 C  C   . GLN A 1 131 ? 13.866  2.677   -12.162 1.00 19.15 ? 132  GLN A C   1 
ATOM   1050 O  O   . GLN A 1 131 ? 13.641  3.602   -12.929 1.00 22.55 ? 132  GLN A O   1 
ATOM   1051 C  CB  . GLN A 1 131 ? 15.136  0.689   -12.963 1.00 18.52 ? 132  GLN A CB  1 
ATOM   1052 C  CG  . GLN A 1 131 ? 14.529  0.920   -14.344 1.00 21.57 ? 132  GLN A CG  1 
ATOM   1053 C  CD  . GLN A 1 131 ? 14.596  -0.288  -15.224 1.00 21.66 ? 132  GLN A CD  1 
ATOM   1054 O  OE1 . GLN A 1 131 ? 15.080  -1.346  -14.799 1.00 26.10 ? 132  GLN A OE1 1 
ATOM   1055 N  NE2 . GLN A 1 131 ? 14.112  -0.153  -16.458 1.00 16.72 ? 132  GLN A NE2 1 
ATOM   1056 N  N   . ALA A 1 132 ? 12.948  2.210   -11.326 1.00 17.38 ? 133  ALA A N   1 
ATOM   1057 C  CA  . ALA A 1 132 ? 11.593  2.715   -11.309 1.00 19.96 ? 133  ALA A CA  1 
ATOM   1058 C  C   . ALA A 1 132 ? 11.578  4.218   -11.085 1.00 25.54 ? 133  ALA A C   1 
ATOM   1059 O  O   . ALA A 1 132 ? 10.807  4.926   -11.724 1.00 25.39 ? 133  ALA A O   1 
ATOM   1060 C  CB  . ALA A 1 132 ? 10.797  2.003   -10.219 1.00 19.25 ? 133  ALA A CB  1 
ATOM   1061 N  N   . LYS A 1 133 ? 12.449  4.679   -10.187 1.00 28.25 ? 134  LYS A N   1 
ATOM   1062 C  CA  . LYS A 1 133 ? 12.551  6.095   -9.816  1.00 32.73 ? 134  LYS A CA  1 
ATOM   1063 C  C   . LYS A 1 133 ? 13.059  6.984   -10.957 1.00 37.04 ? 134  LYS A C   1 
ATOM   1064 O  O   . LYS A 1 133 ? 12.628  8.127   -11.084 1.00 38.74 ? 134  LYS A O   1 
ATOM   1065 C  CB  . LYS A 1 133 ? 13.486  6.254   -8.607  1.00 34.44 ? 134  LYS A CB  1 
ATOM   1066 N  N   . VAL A 1 134 ? 13.968  6.458   -11.778 1.00 40.29 ? 135  VAL A N   1 
ATOM   1067 C  CA  . VAL A 1 134 ? 14.658  7.271   -12.799 1.00 42.33 ? 135  VAL A CA  1 
ATOM   1068 C  C   . VAL A 1 134 ? 13.928  7.342   -14.150 1.00 42.58 ? 135  VAL A C   1 
ATOM   1069 O  O   . VAL A 1 134 ? 12.974  6.604   -14.412 1.00 45.03 ? 135  VAL A O   1 
ATOM   1070 C  CB  . VAL A 1 134 ? 16.093  6.759   -13.018 1.00 41.75 ? 135  VAL A CB  1 
ATOM   1071 C  CG1 . VAL A 1 134 ? 16.755  7.499   -14.184 1.00 43.16 ? 135  VAL A CG1 1 
ATOM   1072 C  CG2 . VAL A 1 134 ? 16.917  6.915   -11.726 1.00 43.59 ? 135  VAL A CG2 1 
HETATM 1073 ZN ZN  . ZN  B 2 .   ? -8.143  -3.921  -1.888  1.00 11.19 ? 201  ZN  A ZN  1 
HETATM 1074 S  S   . SO4 C 3 .   ? -0.860  -1.872  15.166  1.00 11.98 ? 2001 SO4 A S   1 
HETATM 1075 O  O1  . SO4 C 3 .   ? 0.546   -1.741  15.558  1.00 13.19 ? 2001 SO4 A O1  1 
HETATM 1076 O  O2  . SO4 C 3 .   ? -1.297  -0.689  14.492  1.00 13.86 ? 2001 SO4 A O2  1 
HETATM 1077 O  O3  . SO4 C 3 .   ? -1.619  -2.083  16.419  1.00 13.13 ? 2001 SO4 A O3  1 
HETATM 1078 O  O4  . SO4 C 3 .   ? -1.051  -3.062  14.281  1.00 11.42 ? 2001 SO4 A O4  1 
HETATM 1079 S  S   . SO4 D 3 .   ? -6.728  15.008  -9.014  1.00 45.78 ? 2002 SO4 A S   1 
HETATM 1080 O  O1  . SO4 D 3 .   ? -5.660  14.467  -9.856  1.00 48.57 ? 2002 SO4 A O1  1 
HETATM 1081 O  O2  . SO4 D 3 .   ? -7.194  16.306  -9.474  1.00 48.52 ? 2002 SO4 A O2  1 
HETATM 1082 O  O3  . SO4 D 3 .   ? -6.181  15.194  -7.673  1.00 49.45 ? 2002 SO4 A O3  1 
HETATM 1083 O  O4  . SO4 D 3 .   ? -7.856  14.102  -9.048  1.00 44.27 ? 2002 SO4 A O4  1 
HETATM 1084 C  C4  . UNL E 4 .   ? 8.442   -7.412  6.924   0.50 17.11 ? 202  UNL A C4  1 
HETATM 1085 C  C5  . UNL E 4 .   ? 8.499   -8.205  5.633   0.50 9.29  ? 202  UNL A C5  1 
HETATM 1086 C  C6  . UNL E 4 .   ? 7.355   -8.732  5.034   0.50 8.93  ? 202  UNL A C6  1 
HETATM 1087 C  C7  . UNL E 4 .   ? 7.410   -9.458  3.838   0.50 8.15  ? 202  UNL A C7  1 
HETATM 1088 C  C8  . UNL E 4 .   ? 8.646   -9.723  3.254   0.50 7.62  ? 202  UNL A C8  1 
HETATM 1089 C  C9  . UNL E 4 .   ? 9.807   -9.236  3.847   0.50 7.95  ? 202  UNL A C9  1 
HETATM 1090 C  C10 . UNL E 4 .   ? 9.719   -8.473  5.016   0.50 9.35  ? 202  UNL A C10 1 
HETATM 1091 X  UNK . UNX F 5 .   ? -1.762  -16.516 -15.658 0.01 2.00  ? 1001 UNX A UNK 1 
HETATM 1092 X  UNK . UNX G 5 .   ? 7.154   10.400  16.138  0.01 2.29  ? 1002 UNX A UNK 1 
HETATM 1093 X  UNK . UNX H 5 .   ? 15.137  -5.561  -6.077  0.01 4.83  ? 1003 UNX A UNK 1 
HETATM 1094 X  UNK . UNX I 5 .   ? -3.078  -9.352  -23.966 0.01 2.51  ? 1004 UNX A UNK 1 
HETATM 1095 X  UNK . UNX J 5 .   ? 7.667   -0.334  -2.024  0.01 2.00  ? 1005 UNX A UNK 1 
HETATM 1096 X  UNK . UNX K 5 .   ? 5.457   -7.636  -9.273  0.01 2.00  ? 1006 UNX A UNK 1 
HETATM 1097 X  UNK . UNX L 5 .   ? 1.889   0.528   15.666  0.01 2.99  ? 1007 UNX A UNK 1 
HETATM 1098 X  UNK . UNX M 5 .   ? -5.869  15.986  1.065   0.01 2.00  ? 1008 UNX A UNK 1 
HETATM 1099 X  UNK . UNX N 5 .   ? -7.989  12.489  10.203  0.01 8.42  ? 1009 UNX A UNK 1 
HETATM 1100 C  C1  . GOL O 6 .   ? -1.612  0.464   -19.196 1.00 20.67 ? 203  GOL A C1  1 
HETATM 1101 O  O1  . GOL O 6 .   ? -0.889  -0.091  -18.132 1.00 15.96 ? 203  GOL A O1  1 
HETATM 1102 C  C2  . GOL O 6 .   ? -0.763  1.375   -20.035 1.00 20.68 ? 203  GOL A C2  1 
HETATM 1103 O  O2  . GOL O 6 .   ? 0.110   2.198   -19.296 1.00 26.45 ? 203  GOL A O2  1 
HETATM 1104 C  C3  . GOL O 6 .   ? -1.696  2.241   -20.880 1.00 18.44 ? 203  GOL A C3  1 
HETATM 1105 O  O3  . GOL O 6 .   ? -0.985  2.770   -21.933 1.00 21.48 ? 203  GOL A O3  1 
HETATM 1106 O  O   . HOH P 7 .   ? 3.191   7.697   -4.491  1.00 13.45 ? 2003 HOH A O   1 
HETATM 1107 O  O   . HOH P 7 .   ? 6.027   -12.424 1.714   1.00 9.38  ? 2004 HOH A O   1 
HETATM 1108 O  O   . HOH P 7 .   ? -2.541  -4.932  -7.864  1.00 11.73 ? 2005 HOH A O   1 
HETATM 1109 O  O   . HOH P 7 .   ? 3.137   -5.766  -19.885 1.00 9.84  ? 2006 HOH A O   1 
HETATM 1110 O  O   . HOH P 7 .   ? 0.149   -3.440  -0.682  1.00 7.79  ? 2007 HOH A O   1 
HETATM 1111 O  O   . HOH P 7 .   ? -3.110  -0.589  -8.218  1.00 18.19 ? 2008 HOH A O   1 
HETATM 1112 O  O   . HOH P 7 .   ? 0.026   -0.292  -25.686 1.00 9.49  ? 2009 HOH A O   1 
HETATM 1113 O  O   . HOH P 7 .   ? 9.051   -10.690 -0.795  1.00 11.04 ? 2010 HOH A O   1 
HETATM 1114 O  O   . HOH P 7 .   ? 11.749  -12.906 -5.995  1.00 14.23 ? 2011 HOH A O   1 
HETATM 1115 O  O   . HOH P 7 .   ? -12.193 -1.756  3.064   1.00 18.64 ? 2012 HOH A O   1 
HETATM 1116 O  O   . HOH P 7 .   ? -5.100  1.131   -7.241  1.00 18.14 ? 2013 HOH A O   1 
HETATM 1117 O  O   . HOH P 7 .   ? 10.689  -8.382  -12.777 1.00 15.62 ? 2014 HOH A O   1 
HETATM 1118 O  O   . HOH P 7 .   ? 2.050   8.873   -0.364  1.00 14.95 ? 2015 HOH A O   1 
HETATM 1119 O  O   . HOH P 7 .   ? -1.254  10.960  15.163  1.00 19.48 ? 2016 HOH A O   1 
HETATM 1120 O  O   . HOH P 7 .   ? -9.051  3.451   8.853   1.00 21.78 ? 2017 HOH A O   1 
HETATM 1121 O  O   . HOH P 7 .   ? -4.795  -15.542 -8.633  1.00 27.63 ? 2018 HOH A O   1 
HETATM 1122 O  O   . HOH P 7 .   ? 1.457   10.515  15.719  1.00 20.61 ? 2019 HOH A O   1 
HETATM 1123 O  O   . HOH P 7 .   ? -3.334  16.090  -1.127  1.00 31.35 ? 2020 HOH A O   1 
HETATM 1124 O  O   . HOH P 7 .   ? -12.863 0.528   1.806   1.00 22.16 ? 2021 HOH A O   1 
HETATM 1125 O  O   . HOH P 7 .   ? 3.171   -16.262 1.156   1.00 16.46 ? 2022 HOH A O   1 
HETATM 1126 O  O   . HOH P 7 .   ? 1.341   -17.552 -6.378  1.00 31.52 ? 2023 HOH A O   1 
HETATM 1127 O  O   . HOH P 7 .   ? 6.409   -10.127 0.182   1.00 8.99  ? 2024 HOH A O   1 
HETATM 1128 O  O   . HOH P 7 .   ? -3.186  -3.432  12.295  1.00 15.23 ? 2025 HOH A O   1 
HETATM 1129 O  O   . HOH P 7 .   ? 8.692   1.673   -13.467 1.00 17.51 ? 2026 HOH A O   1 
HETATM 1130 O  O   . HOH P 7 .   ? 2.879   3.346   14.766  1.00 21.19 ? 2027 HOH A O   1 
HETATM 1131 O  O   . HOH P 7 .   ? -9.180  6.962   5.263   1.00 28.46 ? 2028 HOH A O   1 
HETATM 1132 O  O   . HOH P 7 .   ? -7.220  7.554   0.399   1.00 24.23 ? 2029 HOH A O   1 
HETATM 1133 O  O   . HOH P 7 .   ? 11.072  -11.614 -10.946 1.00 25.65 ? 2030 HOH A O   1 
HETATM 1134 O  O   . HOH P 7 .   ? -1.163  8.930   13.145  1.00 16.89 ? 2031 HOH A O   1 
HETATM 1135 O  O   . HOH P 7 .   ? 6.181   9.577   -2.805  1.00 20.49 ? 2032 HOH A O   1 
HETATM 1136 O  O   . HOH P 7 .   ? -2.414  -11.080 11.341  1.00 14.42 ? 2033 HOH A O   1 
HETATM 1137 O  O   . HOH P 7 .   ? -0.121  20.108  14.990  1.00 19.53 ? 2034 HOH A O   1 
HETATM 1138 O  O   . HOH P 7 .   ? 2.066   14.420  3.533   1.00 17.67 ? 2035 HOH A O   1 
HETATM 1139 O  O   . HOH P 7 .   ? 11.308  7.374   7.535   1.00 16.43 ? 2036 HOH A O   1 
HETATM 1140 O  O   . HOH P 7 .   ? 1.367   -0.313  -14.085 1.00 29.08 ? 2037 HOH A O   1 
HETATM 1141 O  O   . HOH P 7 .   ? -10.138 5.288   7.015   1.00 37.90 ? 2038 HOH A O   1 
HETATM 1142 O  O   . HOH P 7 .   ? 4.143   -8.006  9.212   1.00 12.33 ? 2039 HOH A O   1 
HETATM 1143 O  O   . HOH P 7 .   ? 11.380  4.072   -6.755  1.00 25.17 ? 2040 HOH A O   1 
HETATM 1144 O  O   . HOH P 7 .   ? 8.970   4.065   -7.893  1.00 20.24 ? 2041 HOH A O   1 
HETATM 1145 O  O   . HOH P 7 .   ? -8.581  -7.427  -19.776 1.00 18.46 ? 2042 HOH A O   1 
HETATM 1146 O  O   . HOH P 7 .   ? -9.380  -7.985  -1.814  1.00 17.71 ? 2043 HOH A O   1 
HETATM 1147 O  O   . HOH P 7 .   ? 6.436   0.574   10.876  1.00 24.95 ? 2044 HOH A O   1 
HETATM 1148 O  O   . HOH P 7 .   ? -1.312  3.153   -8.190  1.00 25.97 ? 2045 HOH A O   1 
HETATM 1149 O  O   . HOH P 7 .   ? 11.733  4.423   16.405  1.00 29.10 ? 2046 HOH A O   1 
HETATM 1150 O  O   . HOH P 7 .   ? -6.907  -11.931 -15.310 1.00 29.99 ? 2047 HOH A O   1 
HETATM 1151 O  O   . HOH P 7 .   ? -12.578 -4.385  2.081   1.00 21.00 ? 2048 HOH A O   1 
HETATM 1152 O  O   . HOH P 7 .   ? -8.971  -10.370 -0.202  1.00 17.32 ? 2049 HOH A O   1 
HETATM 1153 O  O   . HOH P 7 .   ? 3.493   11.063  -1.307  1.00 26.91 ? 2050 HOH A O   1 
HETATM 1154 O  O   . HOH P 7 .   ? -3.882  7.683   12.431  1.00 24.72 ? 2051 HOH A O   1 
HETATM 1155 O  O   . HOH P 7 .   ? 9.630   8.480   14.593  1.00 22.49 ? 2052 HOH A O   1 
HETATM 1156 O  O   . HOH P 7 .   ? -3.412  3.253   -6.826  1.00 25.84 ? 2053 HOH A O   1 
HETATM 1157 O  O   . HOH P 7 .   ? -9.005  1.068   9.528   1.00 26.48 ? 2054 HOH A O   1 
HETATM 1158 O  O   . HOH P 7 .   ? -11.370 -0.136  9.502   1.00 32.72 ? 2055 HOH A O   1 
HETATM 1159 O  O   . HOH P 7 .   ? 6.527   1.563   -15.365 1.00 28.09 ? 2056 HOH A O   1 
HETATM 1160 O  O   . HOH P 7 .   ? 1.283   -15.589 7.489   1.00 25.91 ? 2057 HOH A O   1 
HETATM 1161 O  O   . HOH P 7 .   ? 10.496  -15.138 -9.246  1.00 19.55 ? 2058 HOH A O   1 
HETATM 1162 O  O   . HOH P 7 .   ? -3.778  -3.063  -9.633  1.00 27.11 ? 2059 HOH A O   1 
HETATM 1163 O  O   . HOH P 7 .   ? 3.938   -11.389 -16.776 1.00 13.57 ? 2060 HOH A O   1 
HETATM 1164 O  O   . HOH P 7 .   ? 14.499  7.164   10.650  1.00 26.29 ? 2061 HOH A O   1 
HETATM 1165 O  O   . HOH P 7 .   ? -0.774  -0.327  -12.681 1.00 24.89 ? 2062 HOH A O   1 
HETATM 1166 O  O   . HOH P 7 .   ? 11.665  3.983   -4.097  1.00 24.31 ? 2063 HOH A O   1 
HETATM 1167 O  O   . HOH P 7 .   ? -10.969 -12.091 -1.166  1.00 28.79 ? 2064 HOH A O   1 
HETATM 1168 O  O   . HOH P 7 .   ? -6.433  -14.273 0.666   1.00 27.97 ? 2065 HOH A O   1 
HETATM 1169 O  O   . HOH P 7 .   ? -9.552  -15.596 -10.065 1.00 32.17 ? 2066 HOH A O   1 
HETATM 1170 O  O   . HOH P 7 .   ? -7.378  9.874   11.413  1.00 27.19 ? 2067 HOH A O   1 
HETATM 1171 O  O   . HOH P 7 .   ? -1.697  0.932   -9.959  1.00 27.34 ? 2068 HOH A O   1 
HETATM 1172 O  O   . HOH P 7 .   ? 2.672   -15.913 9.592   1.00 32.02 ? 2069 HOH A O   1 
HETATM 1173 O  O   . HOH P 7 .   ? 9.484   -17.725 -8.707  0.50 23.79 ? 2070 HOH A O   1 
HETATM 1174 O  O   . HOH P 7 .   ? -0.737  10.003  -6.415  1.00 24.01 ? 2071 HOH A O   1 
HETATM 1175 O  O   . HOH P 7 .   ? 0.284   8.155   -4.600  1.00 23.12 ? 2072 HOH A O   1 
HETATM 1176 O  O   . HOH P 7 .   ? 3.240   5.634   17.939  1.00 32.64 ? 2073 HOH A O   1 
HETATM 1177 O  O   . HOH P 7 .   ? 7.000   1.868   14.770  1.00 32.95 ? 2074 HOH A O   1 
HETATM 1178 O  O   . HOH P 7 .   ? 12.604  -12.038 -8.449  1.00 25.12 ? 2075 HOH A O   1 
HETATM 1179 O  O   . HOH P 7 .   ? -3.825  -14.566 1.747   1.00 26.50 ? 2076 HOH A O   1 
HETATM 1180 O  O   . HOH P 7 .   ? 0.152   1.405   -16.231 1.00 27.31 ? 2077 HOH A O   1 
# 
loop_
_pdbx_poly_seq_scheme.asym_id 
_pdbx_poly_seq_scheme.entity_id 
_pdbx_poly_seq_scheme.seq_id 
_pdbx_poly_seq_scheme.mon_id 
_pdbx_poly_seq_scheme.ndb_seq_num 
_pdbx_poly_seq_scheme.pdb_seq_num 
_pdbx_poly_seq_scheme.auth_seq_num 
_pdbx_poly_seq_scheme.pdb_mon_id 
_pdbx_poly_seq_scheme.auth_mon_id 
_pdbx_poly_seq_scheme.pdb_strand_id 
_pdbx_poly_seq_scheme.pdb_ins_code 
_pdbx_poly_seq_scheme.hetero 
A 1 1   GLY 1   2   ?   ?   ?   A . n 
A 1 2   SER 2   3   3   SER SER A . n 
A 1 3   SER 3   4   4   SER SER A . n 
A 1 4   ALA 4   5   5   ALA ALA A . n 
A 1 5   LYS 5   6   6   LYS LYS A . n 
A 1 6   ARG 6   7   7   ARG ARG A . n 
A 1 7   LYS 7   8   8   LYS LYS A . n 
A 1 8   GLN 8   9   9   GLN GLN A . n 
A 1 9   GLU 9   10  10  GLU GLU A . n 
A 1 10  GLU 10  11  11  GLU GLU A . n 
A 1 11  LYS 11  12  12  LYS LYS A . n 
A 1 12  HIS 12  13  13  HIS HIS A . n 
A 1 13  LEU 13  14  14  LEU LEU A . n 
A 1 14  LYS 14  15  15  LYS LYS A . n 
A 1 15  MET 15  16  16  MET MET A . n 
A 1 16  LEU 16  17  17  LEU LEU A . n 
A 1 17  ARG 17  18  18  ARG ARG A . n 
A 1 18  ASP 18  19  19  ASP ASP A . n 
A 1 19  MET 19  20  20  MET MET A . n 
A 1 20  THR 20  21  21  THR THR A . n 
A 1 21  GLY 21  22  22  GLY GLY A . n 
A 1 22  LEU 22  23  23  LEU LEU A . n 
A 1 23  PRO 23  24  24  PRO PRO A . n 
A 1 24  HIS 24  25  25  HIS HIS A . n 
A 1 25  ASN 25  26  26  ASN ASN A . n 
A 1 26  ARG 26  27  27  ARG ARG A . n 
A 1 27  LYS 27  28  28  LYS LYS A . n 
A 1 28  CYS 28  29  29  CYS CYS A . n 
A 1 29  PHE 29  30  30  PHE PHE A . n 
A 1 30  ASP 30  31  31  ASP ASP A . n 
A 1 31  CYS 31  32  32  CYS CYS A . n 
A 1 32  ASP 32  33  33  ASP ASP A . n 
A 1 33  GLN 33  34  34  GLN GLN A . n 
A 1 34  ARG 34  35  35  ARG ARG A . n 
A 1 35  GLY 35  36  36  GLY GLY A . n 
A 1 36  PRO 36  37  37  PRO PRO A . n 
A 1 37  THR 37  38  38  THR THR A . n 
A 1 38  TYR 38  39  39  TYR TYR A . n 
A 1 39  VAL 39  40  40  VAL VAL A . n 
A 1 40  ASN 40  41  41  ASN ASN A . n 
A 1 41  MET 41  42  42  MET MET A . n 
A 1 42  THR 42  43  43  THR THR A . n 
A 1 43  VAL 43  44  44  VAL VAL A . n 
A 1 44  GLY 44  45  45  GLY GLY A . n 
A 1 45  SER 45  46  46  SER SER A . n 
A 1 46  PHE 46  47  47  PHE PHE A . n 
A 1 47  VAL 47  48  48  VAL VAL A . n 
A 1 48  CYS 48  49  49  CYS CYS A . n 
A 1 49  THR 49  50  50  THR THR A . n 
A 1 50  SER 50  51  51  SER SER A . n 
A 1 51  CYS 51  52  52  CYS CYS A . n 
A 1 52  SER 52  53  53  SER SER A . n 
A 1 53  GLY 53  54  54  GLY GLY A . n 
A 1 54  SER 54  55  55  SER SER A . n 
A 1 55  LEU 55  56  56  LEU LEU A . n 
A 1 56  ARG 56  57  57  ARG ARG A . n 
A 1 57  GLY 57  58  58  GLY GLY A . n 
A 1 58  LEU 58  59  59  LEU LEU A . n 
A 1 59  ASN 59  60  60  ASN ASN A . n 
A 1 60  PRO 60  61  61  PRO PRO A . n 
A 1 61  PRO 61  62  62  PRO PRO A . n 
A 1 62  HIS 62  63  63  HIS HIS A . n 
A 1 63  ARG 63  64  64  ARG ARG A . n 
A 1 64  VAL 64  65  65  VAL VAL A . n 
A 1 65  LYS 65  66  66  LYS LYS A . n 
A 1 66  SER 66  67  67  SER SER A . n 
A 1 67  ILE 67  68  68  ILE ILE A . n 
A 1 68  SER 68  69  69  SER SER A . n 
A 1 69  MET 69  70  70  MET MET A . n 
A 1 70  THR 70  71  71  THR THR A . n 
A 1 71  THR 71  72  72  THR THR A . n 
A 1 72  PHE 72  73  73  PHE PHE A . n 
A 1 73  THR 73  74  74  THR THR A . n 
A 1 74  GLN 74  75  75  GLN GLN A . n 
A 1 75  GLN 75  76  76  GLN GLN A . n 
A 1 76  GLU 76  77  77  GLU GLU A . n 
A 1 77  ILE 77  78  78  ILE ILE A . n 
A 1 78  GLU 78  79  79  GLU GLU A . n 
A 1 79  PHE 79  80  80  PHE PHE A . n 
A 1 80  LEU 80  81  81  LEU LEU A . n 
A 1 81  GLN 81  82  82  GLN GLN A . n 
A 1 82  LYS 82  83  83  LYS LYS A . n 
A 1 83  HIS 83  84  84  HIS HIS A . n 
A 1 84  GLY 84  85  85  GLY GLY A . n 
A 1 85  ASN 85  86  86  ASN ASN A . n 
A 1 86  GLU 86  87  87  GLU GLU A . n 
A 1 87  VAL 87  88  88  VAL VAL A . n 
A 1 88  CYS 88  89  89  CYS CYS A . n 
A 1 89  LYS 89  90  90  LYS LYS A . n 
A 1 90  GLN 90  91  91  GLN GLN A . n 
A 1 91  ILE 91  92  92  ILE ILE A . n 
A 1 92  TRP 92  93  93  TRP TRP A . n 
A 1 93  LEU 93  94  94  LEU LEU A . n 
A 1 94  GLY 94  95  95  GLY GLY A . n 
A 1 95  LEU 95  96  96  LEU LEU A . n 
A 1 96  PHE 96  97  97  PHE PHE A . n 
A 1 97  ASP 97  98  98  ASP ASP A . n 
A 1 98  ASP 98  99  99  ASP ASP A . n 
A 1 99  ARG 99  100 100 ARG ARG A . n 
A 1 100 SER 100 101 101 SER SER A . n 
A 1 101 SER 101 102 102 SER SER A . n 
A 1 102 ALA 102 103 103 ALA ALA A . n 
A 1 103 ILE 103 104 104 ILE ILE A . n 
A 1 104 PRO 104 105 105 PRO PRO A . n 
A 1 105 ASP 105 106 106 ASP ASP A . n 
A 1 106 PHE 106 107 107 PHE PHE A . n 
A 1 107 ARG 107 108 108 ARG ARG A . n 
A 1 108 ASP 108 109 109 ASP ASP A . n 
A 1 109 PRO 109 110 110 PRO PRO A . n 
A 1 110 GLN 110 111 111 GLN GLN A . n 
A 1 111 LYS 111 112 112 LYS LYS A . n 
A 1 112 VAL 112 113 113 VAL VAL A . n 
A 1 113 LYS 113 114 114 LYS LYS A . n 
A 1 114 GLU 114 115 115 GLU GLU A . n 
A 1 115 PHE 115 116 116 PHE PHE A . n 
A 1 116 LEU 116 117 117 LEU LEU A . n 
A 1 117 GLN 117 118 118 GLN GLN A . n 
A 1 118 GLU 118 119 119 GLU GLU A . n 
A 1 119 LYS 119 120 120 LYS LYS A . n 
A 1 120 TYR 120 121 121 TYR TYR A . n 
A 1 121 GLU 121 122 122 GLU GLU A . n 
A 1 122 LYS 122 123 123 LYS LYS A . n 
A 1 123 LYS 123 124 124 LYS LYS A . n 
A 1 124 ARG 124 125 125 ARG ARG A . n 
A 1 125 TRP 125 126 126 TRP TRP A . n 
A 1 126 TYR 126 127 127 TYR TYR A . n 
A 1 127 VAL 127 128 128 VAL VAL A . n 
A 1 128 PRO 128 129 129 PRO PRO A . n 
A 1 129 PRO 129 130 130 PRO PRO A . n 
A 1 130 GLU 130 131 131 GLU GLU A . n 
A 1 131 GLN 131 132 132 GLN GLN A . n 
A 1 132 ALA 132 133 133 ALA ALA A . n 
A 1 133 LYS 133 134 134 LYS LYS A . n 
A 1 134 VAL 134 135 135 VAL VAL A . n 
A 1 135 VAL 135 136 ?   ?   ?   A . n 
A 1 136 ALA 136 137 ?   ?   ?   A . n 
A 1 137 SER 137 138 ?   ?   ?   A . n 
A 1 138 VAL 138 139 ?   ?   ?   A . n 
A 1 139 HIS 139 140 ?   ?   ?   A . n 
A 1 140 ALA 140 141 ?   ?   ?   A . n 
# 
_pdbx_SG_project.id                    1 
_pdbx_SG_project.project_name          ? 
_pdbx_SG_project.full_name_of_center   'Structural Genomics Consortium' 
_pdbx_SG_project.initial_of_center     SGC 
# 
loop_
_pdbx_nonpoly_scheme.asym_id 
_pdbx_nonpoly_scheme.entity_id 
_pdbx_nonpoly_scheme.mon_id 
_pdbx_nonpoly_scheme.ndb_seq_num 
_pdbx_nonpoly_scheme.pdb_seq_num 
_pdbx_nonpoly_scheme.auth_seq_num 
_pdbx_nonpoly_scheme.pdb_mon_id 
_pdbx_nonpoly_scheme.auth_mon_id 
_pdbx_nonpoly_scheme.pdb_strand_id 
_pdbx_nonpoly_scheme.pdb_ins_code 
B 2 ZN  1  201  201  ZN  ZN  A . 
C 3 SO4 1  2001 2001 SO4 SO4 A . 
D 3 SO4 1  2002 2002 SO4 SO4 A . 
E 4 UNL 1  202  202  UNL UNL A . 
F 5 UNX 1  1001 1001 UNX UNX A . 
G 5 UNX 1  1002 1002 UNX UNX A . 
H 5 UNX 1  1003 1003 UNX UNX A . 
I 5 UNX 1  1004 1004 UNX UNX A . 
J 5 UNX 1  1005 1005 UNX UNX A . 
K 5 UNX 1  1006 1006 UNX UNX A . 
L 5 UNX 1  1007 1007 UNX UNX A . 
M 5 UNX 1  1008 1008 UNX UNX A . 
N 5 UNX 1  1009 1009 UNX UNX A . 
O 6 GOL 1  203  203  GOL GOL A . 
P 7 HOH 1  2003 1    HOH HOH A . 
P 7 HOH 2  2004 2    HOH HOH A . 
P 7 HOH 3  2005 3    HOH HOH A . 
P 7 HOH 4  2006 4    HOH HOH A . 
P 7 HOH 5  2007 5    HOH HOH A . 
P 7 HOH 6  2008 6    HOH HOH A . 
P 7 HOH 7  2009 7    HOH HOH A . 
P 7 HOH 8  2010 8    HOH HOH A . 
P 7 HOH 9  2011 9    HOH HOH A . 
P 7 HOH 10 2012 10   HOH HOH A . 
P 7 HOH 11 2013 11   HOH HOH A . 
P 7 HOH 12 2014 12   HOH HOH A . 
P 7 HOH 13 2015 13   HOH HOH A . 
P 7 HOH 14 2016 14   HOH HOH A . 
P 7 HOH 15 2017 15   HOH HOH A . 
P 7 HOH 16 2018 16   HOH HOH A . 
P 7 HOH 17 2019 17   HOH HOH A . 
P 7 HOH 18 2020 18   HOH HOH A . 
P 7 HOH 19 2021 20   HOH HOH A . 
P 7 HOH 20 2022 21   HOH HOH A . 
P 7 HOH 21 2023 22   HOH HOH A . 
P 7 HOH 22 2024 23   HOH HOH A . 
P 7 HOH 23 2025 24   HOH HOH A . 
P 7 HOH 24 2026 25   HOH HOH A . 
P 7 HOH 25 2027 26   HOH HOH A . 
P 7 HOH 26 2028 27   HOH HOH A . 
P 7 HOH 27 2029 28   HOH HOH A . 
P 7 HOH 28 2030 29   HOH HOH A . 
P 7 HOH 29 2031 30   HOH HOH A . 
P 7 HOH 30 2032 31   HOH HOH A . 
P 7 HOH 31 2033 32   HOH HOH A . 
P 7 HOH 32 2034 33   HOH HOH A . 
P 7 HOH 33 2035 34   HOH HOH A . 
P 7 HOH 34 2036 35   HOH HOH A . 
P 7 HOH 35 2037 36   HOH HOH A . 
P 7 HOH 36 2038 37   HOH HOH A . 
P 7 HOH 37 2039 38   HOH HOH A . 
P 7 HOH 38 2040 39   HOH HOH A . 
P 7 HOH 39 2041 40   HOH HOH A . 
P 7 HOH 40 2042 41   HOH HOH A . 
P 7 HOH 41 2043 42   HOH HOH A . 
P 7 HOH 42 2044 43   HOH HOH A . 
P 7 HOH 43 2045 44   HOH HOH A . 
P 7 HOH 44 2046 45   HOH HOH A . 
P 7 HOH 45 2047 46   HOH HOH A . 
P 7 HOH 46 2048 47   HOH HOH A . 
P 7 HOH 47 2049 48   HOH HOH A . 
P 7 HOH 48 2050 49   HOH HOH A . 
P 7 HOH 49 2051 50   HOH HOH A . 
P 7 HOH 50 2052 51   HOH HOH A . 
P 7 HOH 51 2053 52   HOH HOH A . 
P 7 HOH 52 2054 53   HOH HOH A . 
P 7 HOH 53 2055 54   HOH HOH A . 
P 7 HOH 54 2056 55   HOH HOH A . 
P 7 HOH 55 2057 56   HOH HOH A . 
P 7 HOH 56 2058 57   HOH HOH A . 
P 7 HOH 57 2059 58   HOH HOH A . 
P 7 HOH 58 2060 59   HOH HOH A . 
P 7 HOH 59 2061 61   HOH HOH A . 
P 7 HOH 60 2062 62   HOH HOH A . 
P 7 HOH 61 2063 63   HOH HOH A . 
P 7 HOH 62 2064 64   HOH HOH A . 
P 7 HOH 63 2065 65   HOH HOH A . 
P 7 HOH 64 2066 66   HOH HOH A . 
P 7 HOH 65 2067 67   HOH HOH A . 
P 7 HOH 66 2068 68   HOH HOH A . 
P 7 HOH 67 2069 69   HOH HOH A . 
P 7 HOH 68 2070 70   HOH HOH A . 
P 7 HOH 69 2071 71   HOH HOH A . 
P 7 HOH 70 2072 72   HOH HOH A . 
P 7 HOH 71 2073 73   HOH HOH A . 
P 7 HOH 72 2074 74   HOH HOH A . 
P 7 HOH 73 2075 75   HOH HOH A . 
P 7 HOH 74 2076 76   HOH HOH A . 
P 7 HOH 75 2077 77   HOH HOH A . 
# 
_pdbx_struct_assembly.id                   1 
_pdbx_struct_assembly.details              author_defined_assembly 
_pdbx_struct_assembly.method_details       ? 
_pdbx_struct_assembly.oligomeric_details   dimeric 
_pdbx_struct_assembly.oligomeric_count     2 
# 
_pdbx_struct_assembly_gen.assembly_id       1 
_pdbx_struct_assembly_gen.oper_expression   1,2 
_pdbx_struct_assembly_gen.asym_id_list      A,B,C,D,E,F,G,H,I,J,K,L,M,N,O,P 
# 
loop_
_pdbx_struct_oper_list.id 
_pdbx_struct_oper_list.type 
_pdbx_struct_oper_list.name 
_pdbx_struct_oper_list.symmetry_operation 
_pdbx_struct_oper_list.matrix[1][1] 
_pdbx_struct_oper_list.matrix[1][2] 
_pdbx_struct_oper_list.matrix[1][3] 
_pdbx_struct_oper_list.vector[1] 
_pdbx_struct_oper_list.matrix[2][1] 
_pdbx_struct_oper_list.matrix[2][2] 
_pdbx_struct_oper_list.matrix[2][3] 
_pdbx_struct_oper_list.vector[2] 
_pdbx_struct_oper_list.matrix[3][1] 
_pdbx_struct_oper_list.matrix[3][2] 
_pdbx_struct_oper_list.matrix[3][3] 
_pdbx_struct_oper_list.vector[3] 
1 'identity operation'         1_555 x,y,z        1.0000000000  0.0000000000 0.0000000000  0.0000000000   0.0000000000 1.0000000000 0.0000000000  0.0000000000  0.0000000000  0.0000000000  1.0000000000  0.0000000000  
2 'crystal symmetry operation' 8_555 -y,-x,-z+1/2 -0.4151980932 0.7752464580 -0.4760288571 -16.0176124291 0.7752464580 0.0277105181 -0.6310507560 24.7120104126 -0.4760288571 -0.6310507560 -0.6125124248 20.5675939692 
# 
loop_
_pdbx_struct_special_symmetry.id 
_pdbx_struct_special_symmetry.PDB_model_num 
_pdbx_struct_special_symmetry.auth_asym_id 
_pdbx_struct_special_symmetry.auth_comp_id 
_pdbx_struct_special_symmetry.auth_seq_id 
_pdbx_struct_special_symmetry.PDB_ins_code 
_pdbx_struct_special_symmetry.label_asym_id 
_pdbx_struct_special_symmetry.label_comp_id 
_pdbx_struct_special_symmetry.label_seq_id 
1 1 A UNL 202  ? E UNL . 
2 1 A UNL 202  ? E UNL . 
3 1 A UNL 202  ? E UNL . 
4 1 A UNX 1009 ? N UNX . 
5 1 A HOH 2070 ? P HOH . 
# 
loop_
_pdbx_struct_conn_angle.id 
_pdbx_struct_conn_angle.ptnr1_label_atom_id 
_pdbx_struct_conn_angle.ptnr1_label_alt_id 
_pdbx_struct_conn_angle.ptnr1_label_asym_id 
_pdbx_struct_conn_angle.ptnr1_label_comp_id 
_pdbx_struct_conn_angle.ptnr1_label_seq_id 
_pdbx_struct_conn_angle.ptnr1_auth_atom_id 
_pdbx_struct_conn_angle.ptnr1_auth_asym_id 
_pdbx_struct_conn_angle.ptnr1_auth_comp_id 
_pdbx_struct_conn_angle.ptnr1_auth_seq_id 
_pdbx_struct_conn_angle.ptnr1_PDB_ins_code 
_pdbx_struct_conn_angle.ptnr1_symmetry 
_pdbx_struct_conn_angle.ptnr2_label_atom_id 
_pdbx_struct_conn_angle.ptnr2_label_alt_id 
_pdbx_struct_conn_angle.ptnr2_label_asym_id 
_pdbx_struct_conn_angle.ptnr2_label_comp_id 
_pdbx_struct_conn_angle.ptnr2_label_seq_id 
_pdbx_struct_conn_angle.ptnr2_auth_atom_id 
_pdbx_struct_conn_angle.ptnr2_auth_asym_id 
_pdbx_struct_conn_angle.ptnr2_auth_comp_id 
_pdbx_struct_conn_angle.ptnr2_auth_seq_id 
_pdbx_struct_conn_angle.ptnr2_PDB_ins_code 
_pdbx_struct_conn_angle.ptnr2_symmetry 
_pdbx_struct_conn_angle.ptnr3_label_atom_id 
_pdbx_struct_conn_angle.ptnr3_label_alt_id 
_pdbx_struct_conn_angle.ptnr3_label_asym_id 
_pdbx_struct_conn_angle.ptnr3_label_comp_id 
_pdbx_struct_conn_angle.ptnr3_label_seq_id 
_pdbx_struct_conn_angle.ptnr3_auth_atom_id 
_pdbx_struct_conn_angle.ptnr3_auth_asym_id 
_pdbx_struct_conn_angle.ptnr3_auth_comp_id 
_pdbx_struct_conn_angle.ptnr3_auth_seq_id 
_pdbx_struct_conn_angle.ptnr3_PDB_ins_code 
_pdbx_struct_conn_angle.ptnr3_symmetry 
_pdbx_struct_conn_angle.value 
_pdbx_struct_conn_angle.value_esd 
1 SG ? A CYS 28 ? A CYS 29 ? 1_555 ZN ? B ZN . ? A ZN 201 ? 1_555 SG ? A CYS 31 ? A CYS 32 ? 1_555 108.5 ? 
2 SG ? A CYS 28 ? A CYS 29 ? 1_555 ZN ? B ZN . ? A ZN 201 ? 1_555 SG ? A CYS 48 ? A CYS 49 ? 1_555 112.9 ? 
3 SG ? A CYS 31 ? A CYS 32 ? 1_555 ZN ? B ZN . ? A ZN 201 ? 1_555 SG ? A CYS 48 ? A CYS 49 ? 1_555 112.8 ? 
4 SG ? A CYS 28 ? A CYS 29 ? 1_555 ZN ? B ZN . ? A ZN 201 ? 1_555 SG ? A CYS 51 ? A CYS 52 ? 1_555 103.6 ? 
5 SG ? A CYS 31 ? A CYS 32 ? 1_555 ZN ? B ZN . ? A ZN 201 ? 1_555 SG ? A CYS 51 ? A CYS 52 ? 1_555 110.5 ? 
6 SG ? A CYS 48 ? A CYS 49 ? 1_555 ZN ? B ZN . ? A ZN 201 ? 1_555 SG ? A CYS 51 ? A CYS 52 ? 1_555 108.2 ? 
# 
loop_
_pdbx_audit_revision_history.ordinal 
_pdbx_audit_revision_history.data_content_type 
_pdbx_audit_revision_history.major_revision 
_pdbx_audit_revision_history.minor_revision 
_pdbx_audit_revision_history.revision_date 
1 'Structure model' 1 0 2007-01-30 
2 'Structure model' 1 1 2008-05-01 
3 'Structure model' 1 2 2011-07-13 
4 'Structure model' 1 3 2017-10-18 
5 'Structure model' 1 4 2023-08-30 
# 
_pdbx_audit_revision_details.ordinal             1 
_pdbx_audit_revision_details.revision_ordinal    1 
_pdbx_audit_revision_details.data_content_type   'Structure model' 
_pdbx_audit_revision_details.provider            repository 
_pdbx_audit_revision_details.type                'Initial release' 
_pdbx_audit_revision_details.description         ? 
_pdbx_audit_revision_details.details             ? 
# 
loop_
_pdbx_audit_revision_group.ordinal 
_pdbx_audit_revision_group.revision_ordinal 
_pdbx_audit_revision_group.data_content_type 
_pdbx_audit_revision_group.group 
1 2 'Structure model' 'Version format compliance' 
2 3 'Structure model' 'Non-polymer description'   
3 3 'Structure model' 'Version format compliance' 
4 4 'Structure model' 'Refinement description'    
5 5 'Structure model' 'Data collection'           
6 5 'Structure model' 'Database references'       
7 5 'Structure model' 'Derived calculations'      
8 5 'Structure model' 'Refinement description'    
# 
loop_
_pdbx_audit_revision_category.ordinal 
_pdbx_audit_revision_category.revision_ordinal 
_pdbx_audit_revision_category.data_content_type 
_pdbx_audit_revision_category.category 
1 4 'Structure model' software                      
2 5 'Structure model' chem_comp_atom                
3 5 'Structure model' chem_comp_bond                
4 5 'Structure model' database_2                    
5 5 'Structure model' pdbx_initial_refinement_model 
6 5 'Structure model' pdbx_struct_conn_angle        
7 5 'Structure model' struct_conn                   
8 5 'Structure model' struct_ref_seq_dif            
9 5 'Structure model' struct_site                   
# 
loop_
_pdbx_audit_revision_item.ordinal 
_pdbx_audit_revision_item.revision_ordinal 
_pdbx_audit_revision_item.data_content_type 
_pdbx_audit_revision_item.item 
1  5 'Structure model' '_database_2.pdbx_DOI'                       
2  5 'Structure model' '_database_2.pdbx_database_accession'        
3  5 'Structure model' '_pdbx_struct_conn_angle.ptnr1_auth_seq_id'  
4  5 'Structure model' '_pdbx_struct_conn_angle.ptnr1_label_seq_id' 
5  5 'Structure model' '_pdbx_struct_conn_angle.ptnr3_auth_seq_id'  
6  5 'Structure model' '_pdbx_struct_conn_angle.ptnr3_label_seq_id' 
7  5 'Structure model' '_pdbx_struct_conn_angle.value'              
8  5 'Structure model' '_struct_conn.pdbx_dist_value'               
9  5 'Structure model' '_struct_conn.ptnr1_auth_comp_id'            
10 5 'Structure model' '_struct_conn.ptnr1_auth_seq_id'             
11 5 'Structure model' '_struct_conn.ptnr1_label_asym_id'           
12 5 'Structure model' '_struct_conn.ptnr1_label_atom_id'           
13 5 'Structure model' '_struct_conn.ptnr1_label_comp_id'           
14 5 'Structure model' '_struct_conn.ptnr1_label_seq_id'            
15 5 'Structure model' '_struct_conn.ptnr2_auth_comp_id'            
16 5 'Structure model' '_struct_conn.ptnr2_auth_seq_id'             
17 5 'Structure model' '_struct_conn.ptnr2_label_asym_id'           
18 5 'Structure model' '_struct_conn.ptnr2_label_atom_id'           
19 5 'Structure model' '_struct_conn.ptnr2_label_comp_id'           
20 5 'Structure model' '_struct_conn.ptnr2_label_seq_id'            
21 5 'Structure model' '_struct_ref_seq_dif.details'                
22 5 'Structure model' '_struct_site.pdbx_auth_asym_id'             
23 5 'Structure model' '_struct_site.pdbx_auth_comp_id'             
24 5 'Structure model' '_struct_site.pdbx_auth_seq_id'              
# 
_pdbx_phasing_MR.entry_id                     2OLM 
_pdbx_phasing_MR.method_rotation              ? 
_pdbx_phasing_MR.method_translation           ? 
_pdbx_phasing_MR.model_details                ? 
_pdbx_phasing_MR.R_factor                     ? 
_pdbx_phasing_MR.R_rigid_body                 ? 
_pdbx_phasing_MR.correlation_coeff_Fo_to_Fc   ? 
_pdbx_phasing_MR.correlation_coeff_Io_to_Ic   ? 
_pdbx_phasing_MR.d_res_high_rotation          2.500 
_pdbx_phasing_MR.d_res_low_rotation           29.260 
_pdbx_phasing_MR.d_res_high_translation       2.500 
_pdbx_phasing_MR.d_res_low_translation        29.260 
_pdbx_phasing_MR.packing                      ? 
_pdbx_phasing_MR.reflns_percent_rotation      ? 
_pdbx_phasing_MR.reflns_percent_translation   ? 
_pdbx_phasing_MR.sigma_F_rotation             ? 
_pdbx_phasing_MR.sigma_F_translation          ? 
_pdbx_phasing_MR.sigma_I_rotation             ? 
_pdbx_phasing_MR.sigma_I_translation          ? 
# 
_phasing.method   mr 
# 
loop_
_software.name 
_software.version 
_software.date 
_software.type 
_software.contact_author 
_software.contact_author_email 
_software.classification 
_software.location 
_software.language 
_software.citation_id 
_software.pdbx_ordinal 
DENZO       .               ?              package 'Zbyszek Otwinowski' zbyszek@mix.swmed.edu       'data reduction'  
http://www.lnls.br/infra/linhasluz/denzo-hkl.htm ?       ? 1 
SCALEPACK   .               ?              package 'Zbyszek Otwinowski' zbyszek@mix.swmed.edu       'data scaling'    
http://www.lnls.br/infra/linhasluz/denzo-hkl.htm ?       ? 2 
PHASER      .               ?              program 'R. J. Read'         cimr-phaser@lists.cam.ac.uk phasing           
http://www-structmed.cimr.cam.ac.uk/phaser/      ?       ? 3 
REFMAC      refmac_5.2.0019 24/04/2001     program 'Murshudov, G.N.'    ccp4@dl.ac.uk               refinement        
http://www.ccp4.ac.uk/main.html                  Fortran ? 4 
PDB_EXTRACT 1.701           'Nov. 1, 2005' package PDB                  sw-help@rcsb.rutgers.edu    'data extraction' 
http://pdb.rutgers.edu/software/                 C++     ? 5 
ADSC        QUANTUM         ?              ?       ?                    ?                           'data collection' ? ?       ? 
6 
# 
_pdbx_database_remark.id     300 
_pdbx_database_remark.text   
;
BIOMOLECULE: 1
THIS ENTRY CONTAINS THE CRYSTALLOGRAPHIC ASYMMETRIC UNIT
WHICH CONSISTS OF 1 CHAIN. AUTHORS STATE THAT THE
BIOLOGICAL UNIT OF THIS PROTEIN IS UNKNOWN.
;
# 
_pdbx_validate_rmsd_angle.id                         1 
_pdbx_validate_rmsd_angle.PDB_model_num              1 
_pdbx_validate_rmsd_angle.auth_atom_id_1             CG 
_pdbx_validate_rmsd_angle.auth_asym_id_1             A 
_pdbx_validate_rmsd_angle.auth_comp_id_1             MET 
_pdbx_validate_rmsd_angle.auth_seq_id_1              70 
_pdbx_validate_rmsd_angle.PDB_ins_code_1             ? 
_pdbx_validate_rmsd_angle.label_alt_id_1             ? 
_pdbx_validate_rmsd_angle.auth_atom_id_2             SD 
_pdbx_validate_rmsd_angle.auth_asym_id_2             A 
_pdbx_validate_rmsd_angle.auth_comp_id_2             MET 
_pdbx_validate_rmsd_angle.auth_seq_id_2              70 
_pdbx_validate_rmsd_angle.PDB_ins_code_2             ? 
_pdbx_validate_rmsd_angle.label_alt_id_2             ? 
_pdbx_validate_rmsd_angle.auth_atom_id_3             CE 
_pdbx_validate_rmsd_angle.auth_asym_id_3             A 
_pdbx_validate_rmsd_angle.auth_comp_id_3             MET 
_pdbx_validate_rmsd_angle.auth_seq_id_3              70 
_pdbx_validate_rmsd_angle.PDB_ins_code_3             ? 
_pdbx_validate_rmsd_angle.label_alt_id_3             ? 
_pdbx_validate_rmsd_angle.angle_value                84.91 
_pdbx_validate_rmsd_angle.angle_target_value         100.20 
_pdbx_validate_rmsd_angle.angle_deviation            -15.29 
_pdbx_validate_rmsd_angle.angle_standard_deviation   1.60 
_pdbx_validate_rmsd_angle.linker_flag                N 
# 
loop_
_pdbx_validate_torsion.id 
_pdbx_validate_torsion.PDB_model_num 
_pdbx_validate_torsion.auth_comp_id 
_pdbx_validate_torsion.auth_asym_id 
_pdbx_validate_torsion.auth_seq_id 
_pdbx_validate_torsion.PDB_ins_code 
_pdbx_validate_torsion.label_alt_id 
_pdbx_validate_torsion.phi 
_pdbx_validate_torsion.psi 
1 1 HIS A 84  ? ? -120.19 -117.95 
2 1 ILE A 92  ? ? -91.60  -70.49  
3 1 SER A 101 ? ? -150.78 3.39    
# 
loop_
_pdbx_unobs_or_zero_occ_atoms.id 
_pdbx_unobs_or_zero_occ_atoms.PDB_model_num 
_pdbx_unobs_or_zero_occ_atoms.polymer_flag 
_pdbx_unobs_or_zero_occ_atoms.occupancy_flag 
_pdbx_unobs_or_zero_occ_atoms.auth_asym_id 
_pdbx_unobs_or_zero_occ_atoms.auth_comp_id 
_pdbx_unobs_or_zero_occ_atoms.auth_seq_id 
_pdbx_unobs_or_zero_occ_atoms.PDB_ins_code 
_pdbx_unobs_or_zero_occ_atoms.auth_atom_id 
_pdbx_unobs_or_zero_occ_atoms.label_alt_id 
_pdbx_unobs_or_zero_occ_atoms.label_asym_id 
_pdbx_unobs_or_zero_occ_atoms.label_comp_id 
_pdbx_unobs_or_zero_occ_atoms.label_seq_id 
_pdbx_unobs_or_zero_occ_atoms.label_atom_id 
1  1 Y 1 A LYS 12  ? CE  ? A LYS 11  CE  
2  1 Y 1 A LYS 12  ? NZ  ? A LYS 11  NZ  
3  1 Y 1 A LYS 28  ? CE  ? A LYS 27  CE  
4  1 Y 1 A LYS 28  ? NZ  ? A LYS 27  NZ  
5  1 Y 1 A LYS 90  ? CE  ? A LYS 89  CE  
6  1 Y 1 A LYS 90  ? NZ  ? A LYS 89  NZ  
7  1 Y 1 A ARG 108 ? CG  ? A ARG 107 CG  
8  1 Y 1 A ARG 108 ? CD  ? A ARG 107 CD  
9  1 Y 1 A ARG 108 ? NE  ? A ARG 107 NE  
10 1 Y 1 A ARG 108 ? CZ  ? A ARG 107 CZ  
11 1 Y 1 A ARG 108 ? NH1 ? A ARG 107 NH1 
12 1 Y 1 A ARG 108 ? NH2 ? A ARG 107 NH2 
13 1 Y 1 A GLN 111 ? CG  ? A GLN 110 CG  
14 1 Y 1 A GLN 111 ? CD  ? A GLN 110 CD  
15 1 Y 1 A GLN 111 ? OE1 ? A GLN 110 OE1 
16 1 Y 1 A GLN 111 ? NE2 ? A GLN 110 NE2 
17 1 Y 1 A LYS 112 ? CE  ? A LYS 111 CE  
18 1 Y 1 A LYS 112 ? NZ  ? A LYS 111 NZ  
19 1 Y 1 A GLU 115 ? CG  ? A GLU 114 CG  
20 1 Y 1 A GLU 115 ? CD  ? A GLU 114 CD  
21 1 Y 1 A GLU 115 ? OE1 ? A GLU 114 OE1 
22 1 Y 1 A GLU 115 ? OE2 ? A GLU 114 OE2 
23 1 Y 1 A GLU 131 ? CG  ? A GLU 130 CG  
24 1 Y 1 A GLU 131 ? CD  ? A GLU 130 CD  
25 1 Y 1 A GLU 131 ? OE1 ? A GLU 130 OE1 
26 1 Y 1 A GLU 131 ? OE2 ? A GLU 130 OE2 
27 1 Y 1 A LYS 134 ? CG  ? A LYS 133 CG  
28 1 Y 1 A LYS 134 ? CD  ? A LYS 133 CD  
29 1 Y 1 A LYS 134 ? CE  ? A LYS 133 CE  
30 1 Y 1 A LYS 134 ? NZ  ? A LYS 133 NZ  
# 
loop_
_pdbx_unobs_or_zero_occ_residues.id 
_pdbx_unobs_or_zero_occ_residues.PDB_model_num 
_pdbx_unobs_or_zero_occ_residues.polymer_flag 
_pdbx_unobs_or_zero_occ_residues.occupancy_flag 
_pdbx_unobs_or_zero_occ_residues.auth_asym_id 
_pdbx_unobs_or_zero_occ_residues.auth_comp_id 
_pdbx_unobs_or_zero_occ_residues.auth_seq_id 
_pdbx_unobs_or_zero_occ_residues.PDB_ins_code 
_pdbx_unobs_or_zero_occ_residues.label_asym_id 
_pdbx_unobs_or_zero_occ_residues.label_comp_id 
_pdbx_unobs_or_zero_occ_residues.label_seq_id 
1 1 Y 1 A GLY 2   ? A GLY 1   
2 1 Y 1 A VAL 136 ? A VAL 135 
3 1 Y 1 A ALA 137 ? A ALA 136 
4 1 Y 1 A SER 138 ? A SER 137 
5 1 Y 1 A VAL 139 ? A VAL 138 
6 1 Y 1 A HIS 140 ? A HIS 139 
7 1 Y 1 A ALA 141 ? A ALA 140 
# 
loop_
_chem_comp_atom.comp_id 
_chem_comp_atom.atom_id 
_chem_comp_atom.type_symbol 
_chem_comp_atom.pdbx_aromatic_flag 
_chem_comp_atom.pdbx_stereo_config 
_chem_comp_atom.pdbx_ordinal 
ALA N    N  N N 1   
ALA CA   C  N S 2   
ALA C    C  N N 3   
ALA O    O  N N 4   
ALA CB   C  N N 5   
ALA OXT  O  N N 6   
ALA H    H  N N 7   
ALA H2   H  N N 8   
ALA HA   H  N N 9   
ALA HB1  H  N N 10  
ALA HB2  H  N N 11  
ALA HB3  H  N N 12  
ALA HXT  H  N N 13  
ARG N    N  N N 14  
ARG CA   C  N S 15  
ARG C    C  N N 16  
ARG O    O  N N 17  
ARG CB   C  N N 18  
ARG CG   C  N N 19  
ARG CD   C  N N 20  
ARG NE   N  N N 21  
ARG CZ   C  N N 22  
ARG NH1  N  N N 23  
ARG NH2  N  N N 24  
ARG OXT  O  N N 25  
ARG H    H  N N 26  
ARG H2   H  N N 27  
ARG HA   H  N N 28  
ARG HB2  H  N N 29  
ARG HB3  H  N N 30  
ARG HG2  H  N N 31  
ARG HG3  H  N N 32  
ARG HD2  H  N N 33  
ARG HD3  H  N N 34  
ARG HE   H  N N 35  
ARG HH11 H  N N 36  
ARG HH12 H  N N 37  
ARG HH21 H  N N 38  
ARG HH22 H  N N 39  
ARG HXT  H  N N 40  
ASN N    N  N N 41  
ASN CA   C  N S 42  
ASN C    C  N N 43  
ASN O    O  N N 44  
ASN CB   C  N N 45  
ASN CG   C  N N 46  
ASN OD1  O  N N 47  
ASN ND2  N  N N 48  
ASN OXT  O  N N 49  
ASN H    H  N N 50  
ASN H2   H  N N 51  
ASN HA   H  N N 52  
ASN HB2  H  N N 53  
ASN HB3  H  N N 54  
ASN HD21 H  N N 55  
ASN HD22 H  N N 56  
ASN HXT  H  N N 57  
ASP N    N  N N 58  
ASP CA   C  N S 59  
ASP C    C  N N 60  
ASP O    O  N N 61  
ASP CB   C  N N 62  
ASP CG   C  N N 63  
ASP OD1  O  N N 64  
ASP OD2  O  N N 65  
ASP OXT  O  N N 66  
ASP H    H  N N 67  
ASP H2   H  N N 68  
ASP HA   H  N N 69  
ASP HB2  H  N N 70  
ASP HB3  H  N N 71  
ASP HD2  H  N N 72  
ASP HXT  H  N N 73  
CYS N    N  N N 74  
CYS CA   C  N R 75  
CYS C    C  N N 76  
CYS O    O  N N 77  
CYS CB   C  N N 78  
CYS SG   S  N N 79  
CYS OXT  O  N N 80  
CYS H    H  N N 81  
CYS H2   H  N N 82  
CYS HA   H  N N 83  
CYS HB2  H  N N 84  
CYS HB3  H  N N 85  
CYS HG   H  N N 86  
CYS HXT  H  N N 87  
GLN N    N  N N 88  
GLN CA   C  N S 89  
GLN C    C  N N 90  
GLN O    O  N N 91  
GLN CB   C  N N 92  
GLN CG   C  N N 93  
GLN CD   C  N N 94  
GLN OE1  O  N N 95  
GLN NE2  N  N N 96  
GLN OXT  O  N N 97  
GLN H    H  N N 98  
GLN H2   H  N N 99  
GLN HA   H  N N 100 
GLN HB2  H  N N 101 
GLN HB3  H  N N 102 
GLN HG2  H  N N 103 
GLN HG3  H  N N 104 
GLN HE21 H  N N 105 
GLN HE22 H  N N 106 
GLN HXT  H  N N 107 
GLU N    N  N N 108 
GLU CA   C  N S 109 
GLU C    C  N N 110 
GLU O    O  N N 111 
GLU CB   C  N N 112 
GLU CG   C  N N 113 
GLU CD   C  N N 114 
GLU OE1  O  N N 115 
GLU OE2  O  N N 116 
GLU OXT  O  N N 117 
GLU H    H  N N 118 
GLU H2   H  N N 119 
GLU HA   H  N N 120 
GLU HB2  H  N N 121 
GLU HB3  H  N N 122 
GLU HG2  H  N N 123 
GLU HG3  H  N N 124 
GLU HE2  H  N N 125 
GLU HXT  H  N N 126 
GLY N    N  N N 127 
GLY CA   C  N N 128 
GLY C    C  N N 129 
GLY O    O  N N 130 
GLY OXT  O  N N 131 
GLY H    H  N N 132 
GLY H2   H  N N 133 
GLY HA2  H  N N 134 
GLY HA3  H  N N 135 
GLY HXT  H  N N 136 
GOL C1   C  N N 137 
GOL O1   O  N N 138 
GOL C2   C  N N 139 
GOL O2   O  N N 140 
GOL C3   C  N N 141 
GOL O3   O  N N 142 
GOL H11  H  N N 143 
GOL H12  H  N N 144 
GOL HO1  H  N N 145 
GOL H2   H  N N 146 
GOL HO2  H  N N 147 
GOL H31  H  N N 148 
GOL H32  H  N N 149 
GOL HO3  H  N N 150 
HIS N    N  N N 151 
HIS CA   C  N S 152 
HIS C    C  N N 153 
HIS O    O  N N 154 
HIS CB   C  N N 155 
HIS CG   C  Y N 156 
HIS ND1  N  Y N 157 
HIS CD2  C  Y N 158 
HIS CE1  C  Y N 159 
HIS NE2  N  Y N 160 
HIS OXT  O  N N 161 
HIS H    H  N N 162 
HIS H2   H  N N 163 
HIS HA   H  N N 164 
HIS HB2  H  N N 165 
HIS HB3  H  N N 166 
HIS HD1  H  N N 167 
HIS HD2  H  N N 168 
HIS HE1  H  N N 169 
HIS HE2  H  N N 170 
HIS HXT  H  N N 171 
HOH O    O  N N 172 
HOH H1   H  N N 173 
HOH H2   H  N N 174 
ILE N    N  N N 175 
ILE CA   C  N S 176 
ILE C    C  N N 177 
ILE O    O  N N 178 
ILE CB   C  N S 179 
ILE CG1  C  N N 180 
ILE CG2  C  N N 181 
ILE CD1  C  N N 182 
ILE OXT  O  N N 183 
ILE H    H  N N 184 
ILE H2   H  N N 185 
ILE HA   H  N N 186 
ILE HB   H  N N 187 
ILE HG12 H  N N 188 
ILE HG13 H  N N 189 
ILE HG21 H  N N 190 
ILE HG22 H  N N 191 
ILE HG23 H  N N 192 
ILE HD11 H  N N 193 
ILE HD12 H  N N 194 
ILE HD13 H  N N 195 
ILE HXT  H  N N 196 
LEU N    N  N N 197 
LEU CA   C  N S 198 
LEU C    C  N N 199 
LEU O    O  N N 200 
LEU CB   C  N N 201 
LEU CG   C  N N 202 
LEU CD1  C  N N 203 
LEU CD2  C  N N 204 
LEU OXT  O  N N 205 
LEU H    H  N N 206 
LEU H2   H  N N 207 
LEU HA   H  N N 208 
LEU HB2  H  N N 209 
LEU HB3  H  N N 210 
LEU HG   H  N N 211 
LEU HD11 H  N N 212 
LEU HD12 H  N N 213 
LEU HD13 H  N N 214 
LEU HD21 H  N N 215 
LEU HD22 H  N N 216 
LEU HD23 H  N N 217 
LEU HXT  H  N N 218 
LYS N    N  N N 219 
LYS CA   C  N S 220 
LYS C    C  N N 221 
LYS O    O  N N 222 
LYS CB   C  N N 223 
LYS CG   C  N N 224 
LYS CD   C  N N 225 
LYS CE   C  N N 226 
LYS NZ   N  N N 227 
LYS OXT  O  N N 228 
LYS H    H  N N 229 
LYS H2   H  N N 230 
LYS HA   H  N N 231 
LYS HB2  H  N N 232 
LYS HB3  H  N N 233 
LYS HG2  H  N N 234 
LYS HG3  H  N N 235 
LYS HD2  H  N N 236 
LYS HD3  H  N N 237 
LYS HE2  H  N N 238 
LYS HE3  H  N N 239 
LYS HZ1  H  N N 240 
LYS HZ2  H  N N 241 
LYS HZ3  H  N N 242 
LYS HXT  H  N N 243 
MET N    N  N N 244 
MET CA   C  N S 245 
MET C    C  N N 246 
MET O    O  N N 247 
MET CB   C  N N 248 
MET CG   C  N N 249 
MET SD   S  N N 250 
MET CE   C  N N 251 
MET OXT  O  N N 252 
MET H    H  N N 253 
MET H2   H  N N 254 
MET HA   H  N N 255 
MET HB2  H  N N 256 
MET HB3  H  N N 257 
MET HG2  H  N N 258 
MET HG3  H  N N 259 
MET HE1  H  N N 260 
MET HE2  H  N N 261 
MET HE3  H  N N 262 
MET HXT  H  N N 263 
PHE N    N  N N 264 
PHE CA   C  N S 265 
PHE C    C  N N 266 
PHE O    O  N N 267 
PHE CB   C  N N 268 
PHE CG   C  Y N 269 
PHE CD1  C  Y N 270 
PHE CD2  C  Y N 271 
PHE CE1  C  Y N 272 
PHE CE2  C  Y N 273 
PHE CZ   C  Y N 274 
PHE OXT  O  N N 275 
PHE H    H  N N 276 
PHE H2   H  N N 277 
PHE HA   H  N N 278 
PHE HB2  H  N N 279 
PHE HB3  H  N N 280 
PHE HD1  H  N N 281 
PHE HD2  H  N N 282 
PHE HE1  H  N N 283 
PHE HE2  H  N N 284 
PHE HZ   H  N N 285 
PHE HXT  H  N N 286 
PRO N    N  N N 287 
PRO CA   C  N S 288 
PRO C    C  N N 289 
PRO O    O  N N 290 
PRO CB   C  N N 291 
PRO CG   C  N N 292 
PRO CD   C  N N 293 
PRO OXT  O  N N 294 
PRO H    H  N N 295 
PRO HA   H  N N 296 
PRO HB2  H  N N 297 
PRO HB3  H  N N 298 
PRO HG2  H  N N 299 
PRO HG3  H  N N 300 
PRO HD2  H  N N 301 
PRO HD3  H  N N 302 
PRO HXT  H  N N 303 
SER N    N  N N 304 
SER CA   C  N S 305 
SER C    C  N N 306 
SER O    O  N N 307 
SER CB   C  N N 308 
SER OG   O  N N 309 
SER OXT  O  N N 310 
SER H    H  N N 311 
SER H2   H  N N 312 
SER HA   H  N N 313 
SER HB2  H  N N 314 
SER HB3  H  N N 315 
SER HG   H  N N 316 
SER HXT  H  N N 317 
SO4 S    S  N N 318 
SO4 O1   O  N N 319 
SO4 O2   O  N N 320 
SO4 O3   O  N N 321 
SO4 O4   O  N N 322 
THR N    N  N N 323 
THR CA   C  N S 324 
THR C    C  N N 325 
THR O    O  N N 326 
THR CB   C  N R 327 
THR OG1  O  N N 328 
THR CG2  C  N N 329 
THR OXT  O  N N 330 
THR H    H  N N 331 
THR H2   H  N N 332 
THR HA   H  N N 333 
THR HB   H  N N 334 
THR HG1  H  N N 335 
THR HG21 H  N N 336 
THR HG22 H  N N 337 
THR HG23 H  N N 338 
THR HXT  H  N N 339 
TRP N    N  N N 340 
TRP CA   C  N S 341 
TRP C    C  N N 342 
TRP O    O  N N 343 
TRP CB   C  N N 344 
TRP CG   C  Y N 345 
TRP CD1  C  Y N 346 
TRP CD2  C  Y N 347 
TRP NE1  N  Y N 348 
TRP CE2  C  Y N 349 
TRP CE3  C  Y N 350 
TRP CZ2  C  Y N 351 
TRP CZ3  C  Y N 352 
TRP CH2  C  Y N 353 
TRP OXT  O  N N 354 
TRP H    H  N N 355 
TRP H2   H  N N 356 
TRP HA   H  N N 357 
TRP HB2  H  N N 358 
TRP HB3  H  N N 359 
TRP HD1  H  N N 360 
TRP HE1  H  N N 361 
TRP HE3  H  N N 362 
TRP HZ2  H  N N 363 
TRP HZ3  H  N N 364 
TRP HH2  H  N N 365 
TRP HXT  H  N N 366 
TYR N    N  N N 367 
TYR CA   C  N S 368 
TYR C    C  N N 369 
TYR O    O  N N 370 
TYR CB   C  N N 371 
TYR CG   C  Y N 372 
TYR CD1  C  Y N 373 
TYR CD2  C  Y N 374 
TYR CE1  C  Y N 375 
TYR CE2  C  Y N 376 
TYR CZ   C  Y N 377 
TYR OH   O  N N 378 
TYR OXT  O  N N 379 
TYR H    H  N N 380 
TYR H2   H  N N 381 
TYR HA   H  N N 382 
TYR HB2  H  N N 383 
TYR HB3  H  N N 384 
TYR HD1  H  N N 385 
TYR HD2  H  N N 386 
TYR HE1  H  N N 387 
TYR HE2  H  N N 388 
TYR HH   H  N N 389 
TYR HXT  H  N N 390 
VAL N    N  N N 391 
VAL CA   C  N S 392 
VAL C    C  N N 393 
VAL O    O  N N 394 
VAL CB   C  N N 395 
VAL CG1  C  N N 396 
VAL CG2  C  N N 397 
VAL OXT  O  N N 398 
VAL H    H  N N 399 
VAL H2   H  N N 400 
VAL HA   H  N N 401 
VAL HB   H  N N 402 
VAL HG11 H  N N 403 
VAL HG12 H  N N 404 
VAL HG13 H  N N 405 
VAL HG21 H  N N 406 
VAL HG22 H  N N 407 
VAL HG23 H  N N 408 
VAL HXT  H  N N 409 
ZN  ZN   ZN N N 410 
# 
loop_
_chem_comp_bond.comp_id 
_chem_comp_bond.atom_id_1 
_chem_comp_bond.atom_id_2 
_chem_comp_bond.value_order 
_chem_comp_bond.pdbx_aromatic_flag 
_chem_comp_bond.pdbx_stereo_config 
_chem_comp_bond.pdbx_ordinal 
ALA N   CA   sing N N 1   
ALA N   H    sing N N 2   
ALA N   H2   sing N N 3   
ALA CA  C    sing N N 4   
ALA CA  CB   sing N N 5   
ALA CA  HA   sing N N 6   
ALA C   O    doub N N 7   
ALA C   OXT  sing N N 8   
ALA CB  HB1  sing N N 9   
ALA CB  HB2  sing N N 10  
ALA CB  HB3  sing N N 11  
ALA OXT HXT  sing N N 12  
ARG N   CA   sing N N 13  
ARG N   H    sing N N 14  
ARG N   H2   sing N N 15  
ARG CA  C    sing N N 16  
ARG CA  CB   sing N N 17  
ARG CA  HA   sing N N 18  
ARG C   O    doub N N 19  
ARG C   OXT  sing N N 20  
ARG CB  CG   sing N N 21  
ARG CB  HB2  sing N N 22  
ARG CB  HB3  sing N N 23  
ARG CG  CD   sing N N 24  
ARG CG  HG2  sing N N 25  
ARG CG  HG3  sing N N 26  
ARG CD  NE   sing N N 27  
ARG CD  HD2  sing N N 28  
ARG CD  HD3  sing N N 29  
ARG NE  CZ   sing N N 30  
ARG NE  HE   sing N N 31  
ARG CZ  NH1  sing N N 32  
ARG CZ  NH2  doub N N 33  
ARG NH1 HH11 sing N N 34  
ARG NH1 HH12 sing N N 35  
ARG NH2 HH21 sing N N 36  
ARG NH2 HH22 sing N N 37  
ARG OXT HXT  sing N N 38  
ASN N   CA   sing N N 39  
ASN N   H    sing N N 40  
ASN N   H2   sing N N 41  
ASN CA  C    sing N N 42  
ASN CA  CB   sing N N 43  
ASN CA  HA   sing N N 44  
ASN C   O    doub N N 45  
ASN C   OXT  sing N N 46  
ASN CB  CG   sing N N 47  
ASN CB  HB2  sing N N 48  
ASN CB  HB3  sing N N 49  
ASN CG  OD1  doub N N 50  
ASN CG  ND2  sing N N 51  
ASN ND2 HD21 sing N N 52  
ASN ND2 HD22 sing N N 53  
ASN OXT HXT  sing N N 54  
ASP N   CA   sing N N 55  
ASP N   H    sing N N 56  
ASP N   H2   sing N N 57  
ASP CA  C    sing N N 58  
ASP CA  CB   sing N N 59  
ASP CA  HA   sing N N 60  
ASP C   O    doub N N 61  
ASP C   OXT  sing N N 62  
ASP CB  CG   sing N N 63  
ASP CB  HB2  sing N N 64  
ASP CB  HB3  sing N N 65  
ASP CG  OD1  doub N N 66  
ASP CG  OD2  sing N N 67  
ASP OD2 HD2  sing N N 68  
ASP OXT HXT  sing N N 69  
CYS N   CA   sing N N 70  
CYS N   H    sing N N 71  
CYS N   H2   sing N N 72  
CYS CA  C    sing N N 73  
CYS CA  CB   sing N N 74  
CYS CA  HA   sing N N 75  
CYS C   O    doub N N 76  
CYS C   OXT  sing N N 77  
CYS CB  SG   sing N N 78  
CYS CB  HB2  sing N N 79  
CYS CB  HB3  sing N N 80  
CYS SG  HG   sing N N 81  
CYS OXT HXT  sing N N 82  
GLN N   CA   sing N N 83  
GLN N   H    sing N N 84  
GLN N   H2   sing N N 85  
GLN CA  C    sing N N 86  
GLN CA  CB   sing N N 87  
GLN CA  HA   sing N N 88  
GLN C   O    doub N N 89  
GLN C   OXT  sing N N 90  
GLN CB  CG   sing N N 91  
GLN CB  HB2  sing N N 92  
GLN CB  HB3  sing N N 93  
GLN CG  CD   sing N N 94  
GLN CG  HG2  sing N N 95  
GLN CG  HG3  sing N N 96  
GLN CD  OE1  doub N N 97  
GLN CD  NE2  sing N N 98  
GLN NE2 HE21 sing N N 99  
GLN NE2 HE22 sing N N 100 
GLN OXT HXT  sing N N 101 
GLU N   CA   sing N N 102 
GLU N   H    sing N N 103 
GLU N   H2   sing N N 104 
GLU CA  C    sing N N 105 
GLU CA  CB   sing N N 106 
GLU CA  HA   sing N N 107 
GLU C   O    doub N N 108 
GLU C   OXT  sing N N 109 
GLU CB  CG   sing N N 110 
GLU CB  HB2  sing N N 111 
GLU CB  HB3  sing N N 112 
GLU CG  CD   sing N N 113 
GLU CG  HG2  sing N N 114 
GLU CG  HG3  sing N N 115 
GLU CD  OE1  doub N N 116 
GLU CD  OE2  sing N N 117 
GLU OE2 HE2  sing N N 118 
GLU OXT HXT  sing N N 119 
GLY N   CA   sing N N 120 
GLY N   H    sing N N 121 
GLY N   H2   sing N N 122 
GLY CA  C    sing N N 123 
GLY CA  HA2  sing N N 124 
GLY CA  HA3  sing N N 125 
GLY C   O    doub N N 126 
GLY C   OXT  sing N N 127 
GLY OXT HXT  sing N N 128 
GOL C1  O1   sing N N 129 
GOL C1  C2   sing N N 130 
GOL C1  H11  sing N N 131 
GOL C1  H12  sing N N 132 
GOL O1  HO1  sing N N 133 
GOL C2  O2   sing N N 134 
GOL C2  C3   sing N N 135 
GOL C2  H2   sing N N 136 
GOL O2  HO2  sing N N 137 
GOL C3  O3   sing N N 138 
GOL C3  H31  sing N N 139 
GOL C3  H32  sing N N 140 
GOL O3  HO3  sing N N 141 
HIS N   CA   sing N N 142 
HIS N   H    sing N N 143 
HIS N   H2   sing N N 144 
HIS CA  C    sing N N 145 
HIS CA  CB   sing N N 146 
HIS CA  HA   sing N N 147 
HIS C   O    doub N N 148 
HIS C   OXT  sing N N 149 
HIS CB  CG   sing N N 150 
HIS CB  HB2  sing N N 151 
HIS CB  HB3  sing N N 152 
HIS CG  ND1  sing Y N 153 
HIS CG  CD2  doub Y N 154 
HIS ND1 CE1  doub Y N 155 
HIS ND1 HD1  sing N N 156 
HIS CD2 NE2  sing Y N 157 
HIS CD2 HD2  sing N N 158 
HIS CE1 NE2  sing Y N 159 
HIS CE1 HE1  sing N N 160 
HIS NE2 HE2  sing N N 161 
HIS OXT HXT  sing N N 162 
HOH O   H1   sing N N 163 
HOH O   H2   sing N N 164 
ILE N   CA   sing N N 165 
ILE N   H    sing N N 166 
ILE N   H2   sing N N 167 
ILE CA  C    sing N N 168 
ILE CA  CB   sing N N 169 
ILE CA  HA   sing N N 170 
ILE C   O    doub N N 171 
ILE C   OXT  sing N N 172 
ILE CB  CG1  sing N N 173 
ILE CB  CG2  sing N N 174 
ILE CB  HB   sing N N 175 
ILE CG1 CD1  sing N N 176 
ILE CG1 HG12 sing N N 177 
ILE CG1 HG13 sing N N 178 
ILE CG2 HG21 sing N N 179 
ILE CG2 HG22 sing N N 180 
ILE CG2 HG23 sing N N 181 
ILE CD1 HD11 sing N N 182 
ILE CD1 HD12 sing N N 183 
ILE CD1 HD13 sing N N 184 
ILE OXT HXT  sing N N 185 
LEU N   CA   sing N N 186 
LEU N   H    sing N N 187 
LEU N   H2   sing N N 188 
LEU CA  C    sing N N 189 
LEU CA  CB   sing N N 190 
LEU CA  HA   sing N N 191 
LEU C   O    doub N N 192 
LEU C   OXT  sing N N 193 
LEU CB  CG   sing N N 194 
LEU CB  HB2  sing N N 195 
LEU CB  HB3  sing N N 196 
LEU CG  CD1  sing N N 197 
LEU CG  CD2  sing N N 198 
LEU CG  HG   sing N N 199 
LEU CD1 HD11 sing N N 200 
LEU CD1 HD12 sing N N 201 
LEU CD1 HD13 sing N N 202 
LEU CD2 HD21 sing N N 203 
LEU CD2 HD22 sing N N 204 
LEU CD2 HD23 sing N N 205 
LEU OXT HXT  sing N N 206 
LYS N   CA   sing N N 207 
LYS N   H    sing N N 208 
LYS N   H2   sing N N 209 
LYS CA  C    sing N N 210 
LYS CA  CB   sing N N 211 
LYS CA  HA   sing N N 212 
LYS C   O    doub N N 213 
LYS C   OXT  sing N N 214 
LYS CB  CG   sing N N 215 
LYS CB  HB2  sing N N 216 
LYS CB  HB3  sing N N 217 
LYS CG  CD   sing N N 218 
LYS CG  HG2  sing N N 219 
LYS CG  HG3  sing N N 220 
LYS CD  CE   sing N N 221 
LYS CD  HD2  sing N N 222 
LYS CD  HD3  sing N N 223 
LYS CE  NZ   sing N N 224 
LYS CE  HE2  sing N N 225 
LYS CE  HE3  sing N N 226 
LYS NZ  HZ1  sing N N 227 
LYS NZ  HZ2  sing N N 228 
LYS NZ  HZ3  sing N N 229 
LYS OXT HXT  sing N N 230 
MET N   CA   sing N N 231 
MET N   H    sing N N 232 
MET N   H2   sing N N 233 
MET CA  C    sing N N 234 
MET CA  CB   sing N N 235 
MET CA  HA   sing N N 236 
MET C   O    doub N N 237 
MET C   OXT  sing N N 238 
MET CB  CG   sing N N 239 
MET CB  HB2  sing N N 240 
MET CB  HB3  sing N N 241 
MET CG  SD   sing N N 242 
MET CG  HG2  sing N N 243 
MET CG  HG3  sing N N 244 
MET SD  CE   sing N N 245 
MET CE  HE1  sing N N 246 
MET CE  HE2  sing N N 247 
MET CE  HE3  sing N N 248 
MET OXT HXT  sing N N 249 
PHE N   CA   sing N N 250 
PHE N   H    sing N N 251 
PHE N   H2   sing N N 252 
PHE CA  C    sing N N 253 
PHE CA  CB   sing N N 254 
PHE CA  HA   sing N N 255 
PHE C   O    doub N N 256 
PHE C   OXT  sing N N 257 
PHE CB  CG   sing N N 258 
PHE CB  HB2  sing N N 259 
PHE CB  HB3  sing N N 260 
PHE CG  CD1  doub Y N 261 
PHE CG  CD2  sing Y N 262 
PHE CD1 CE1  sing Y N 263 
PHE CD1 HD1  sing N N 264 
PHE CD2 CE2  doub Y N 265 
PHE CD2 HD2  sing N N 266 
PHE CE1 CZ   doub Y N 267 
PHE CE1 HE1  sing N N 268 
PHE CE2 CZ   sing Y N 269 
PHE CE2 HE2  sing N N 270 
PHE CZ  HZ   sing N N 271 
PHE OXT HXT  sing N N 272 
PRO N   CA   sing N N 273 
PRO N   CD   sing N N 274 
PRO N   H    sing N N 275 
PRO CA  C    sing N N 276 
PRO CA  CB   sing N N 277 
PRO CA  HA   sing N N 278 
PRO C   O    doub N N 279 
PRO C   OXT  sing N N 280 
PRO CB  CG   sing N N 281 
PRO CB  HB2  sing N N 282 
PRO CB  HB3  sing N N 283 
PRO CG  CD   sing N N 284 
PRO CG  HG2  sing N N 285 
PRO CG  HG3  sing N N 286 
PRO CD  HD2  sing N N 287 
PRO CD  HD3  sing N N 288 
PRO OXT HXT  sing N N 289 
SER N   CA   sing N N 290 
SER N   H    sing N N 291 
SER N   H2   sing N N 292 
SER CA  C    sing N N 293 
SER CA  CB   sing N N 294 
SER CA  HA   sing N N 295 
SER C   O    doub N N 296 
SER C   OXT  sing N N 297 
SER CB  OG   sing N N 298 
SER CB  HB2  sing N N 299 
SER CB  HB3  sing N N 300 
SER OG  HG   sing N N 301 
SER OXT HXT  sing N N 302 
SO4 S   O1   doub N N 303 
SO4 S   O2   doub N N 304 
SO4 S   O3   sing N N 305 
SO4 S   O4   sing N N 306 
THR N   CA   sing N N 307 
THR N   H    sing N N 308 
THR N   H2   sing N N 309 
THR CA  C    sing N N 310 
THR CA  CB   sing N N 311 
THR CA  HA   sing N N 312 
THR C   O    doub N N 313 
THR C   OXT  sing N N 314 
THR CB  OG1  sing N N 315 
THR CB  CG2  sing N N 316 
THR CB  HB   sing N N 317 
THR OG1 HG1  sing N N 318 
THR CG2 HG21 sing N N 319 
THR CG2 HG22 sing N N 320 
THR CG2 HG23 sing N N 321 
THR OXT HXT  sing N N 322 
TRP N   CA   sing N N 323 
TRP N   H    sing N N 324 
TRP N   H2   sing N N 325 
TRP CA  C    sing N N 326 
TRP CA  CB   sing N N 327 
TRP CA  HA   sing N N 328 
TRP C   O    doub N N 329 
TRP C   OXT  sing N N 330 
TRP CB  CG   sing N N 331 
TRP CB  HB2  sing N N 332 
TRP CB  HB3  sing N N 333 
TRP CG  CD1  doub Y N 334 
TRP CG  CD2  sing Y N 335 
TRP CD1 NE1  sing Y N 336 
TRP CD1 HD1  sing N N 337 
TRP CD2 CE2  doub Y N 338 
TRP CD2 CE3  sing Y N 339 
TRP NE1 CE2  sing Y N 340 
TRP NE1 HE1  sing N N 341 
TRP CE2 CZ2  sing Y N 342 
TRP CE3 CZ3  doub Y N 343 
TRP CE3 HE3  sing N N 344 
TRP CZ2 CH2  doub Y N 345 
TRP CZ2 HZ2  sing N N 346 
TRP CZ3 CH2  sing Y N 347 
TRP CZ3 HZ3  sing N N 348 
TRP CH2 HH2  sing N N 349 
TRP OXT HXT  sing N N 350 
TYR N   CA   sing N N 351 
TYR N   H    sing N N 352 
TYR N   H2   sing N N 353 
TYR CA  C    sing N N 354 
TYR CA  CB   sing N N 355 
TYR CA  HA   sing N N 356 
TYR C   O    doub N N 357 
TYR C   OXT  sing N N 358 
TYR CB  CG   sing N N 359 
TYR CB  HB2  sing N N 360 
TYR CB  HB3  sing N N 361 
TYR CG  CD1  doub Y N 362 
TYR CG  CD2  sing Y N 363 
TYR CD1 CE1  sing Y N 364 
TYR CD1 HD1  sing N N 365 
TYR CD2 CE2  doub Y N 366 
TYR CD2 HD2  sing N N 367 
TYR CE1 CZ   doub Y N 368 
TYR CE1 HE1  sing N N 369 
TYR CE2 CZ   sing Y N 370 
TYR CE2 HE2  sing N N 371 
TYR CZ  OH   sing N N 372 
TYR OH  HH   sing N N 373 
TYR OXT HXT  sing N N 374 
VAL N   CA   sing N N 375 
VAL N   H    sing N N 376 
VAL N   H2   sing N N 377 
VAL CA  C    sing N N 378 
VAL CA  CB   sing N N 379 
VAL CA  HA   sing N N 380 
VAL C   O    doub N N 381 
VAL C   OXT  sing N N 382 
VAL CB  CG1  sing N N 383 
VAL CB  CG2  sing N N 384 
VAL CB  HB   sing N N 385 
VAL CG1 HG11 sing N N 386 
VAL CG1 HG12 sing N N 387 
VAL CG1 HG13 sing N N 388 
VAL CG2 HG21 sing N N 389 
VAL CG2 HG22 sing N N 390 
VAL CG2 HG23 sing N N 391 
VAL OXT HXT  sing N N 392 
# 
loop_
_pdbx_entity_nonpoly.entity_id 
_pdbx_entity_nonpoly.name 
_pdbx_entity_nonpoly.comp_id 
2 'ZINC ION'            ZN  
3 'SULFATE ION'         SO4 
4 'UNKNOWN LIGAND'      UNL 
5 'UNKNOWN ATOM OR ION' UNX 
6 GLYCEROL              GOL 
7 water                 HOH 
# 
_pdbx_initial_refinement_model.id               1 
_pdbx_initial_refinement_model.entity_id_list   ? 
_pdbx_initial_refinement_model.type             'experimental model' 
_pdbx_initial_refinement_model.source_name      PDB 
_pdbx_initial_refinement_model.accession_code   2IQJ 
_pdbx_initial_refinement_model.details          'PDB entry 2IQJ' 
# 
